data_8R7R
#
_entry.id   8R7R
#
_cell.length_a   1.00
_cell.length_b   1.00
_cell.length_c   1.00
_cell.angle_alpha   90.00
_cell.angle_beta   90.00
_cell.angle_gamma   90.00
#
_symmetry.space_group_name_H-M   'P 1'
#
loop_
_entity.id
_entity.type
_entity.pdbx_description
1 polymer 'Gap junction delta-2 protein'
2 non-polymer Quinidine
#
_entity_poly.entity_id   1
_entity_poly.type   'polypeptide(L)'
_entity_poly.pdbx_seq_one_letter_code
;MGEWTILERLLEAAVQQHSTMIGRILLTVVVIFRILIVAIVGETVYDDEQTMFVCNTLQPGCNQACYDRAFPISHIRYWV
FQIIMVCTPSLCFITYSVHQSAKQRERRYSTVFLALDRDPPESIGGPGGTGGGGSGGGKREDKKLQNAIVNGVLQNTENT
SKETEPDCLEVKELTPHPSGLRTASKSKLRRQEGISRFYIIQVVFRNALEIGFLVGQYFLYGFSVPGLYECNRYPCIKEV
ECYVSRPTEKTVFLVFMFAVSGICVVLNLAELNHLGWRKIKLAVRGAQAKRKSIYEIRNKDLPRVSVPNFGRTQSSDSAY
VAAALEVLFQ
;
_entity_poly.pdbx_strand_id   A,B,C,D,E,F,G,H,I,J,K,L
#
loop_
_chem_comp.id
_chem_comp.type
_chem_comp.name
_chem_comp.formula
QDN non-polymer Quinidine 'C20 H24 N2 O2'
#
# COMPACT_ATOMS: atom_id res chain seq x y z
N SER A 19 68.25 13.83 -4.85
CA SER A 19 67.02 14.63 -4.86
C SER A 19 66.06 14.14 -3.78
N THR A 20 66.34 14.53 -2.53
CA THR A 20 65.50 14.15 -1.41
C THR A 20 64.52 15.23 -0.99
N MET A 21 64.81 16.49 -1.31
CA MET A 21 63.89 17.57 -0.99
C MET A 21 62.54 17.35 -1.65
N ILE A 22 62.55 17.14 -2.97
CA ILE A 22 61.30 17.01 -3.69
C ILE A 22 60.55 15.76 -3.27
N GLY A 23 61.27 14.70 -2.91
CA GLY A 23 60.58 13.49 -2.45
C GLY A 23 59.73 13.76 -1.24
N ARG A 24 60.30 14.40 -0.22
CA ARG A 24 59.54 14.71 0.99
C ARG A 24 58.43 15.71 0.70
N ILE A 25 58.72 16.72 -0.12
CA ILE A 25 57.68 17.71 -0.45
C ILE A 25 56.49 17.04 -1.10
N LEU A 26 56.73 16.22 -2.12
CA LEU A 26 55.66 15.54 -2.81
C LEU A 26 54.93 14.57 -1.88
N LEU A 27 55.67 13.88 -1.01
CA LEU A 27 55.01 12.95 -0.10
C LEU A 27 54.04 13.67 0.81
N THR A 28 54.47 14.80 1.38
CA THR A 28 53.58 15.56 2.25
C THR A 28 52.36 16.06 1.49
N VAL A 29 52.57 16.58 0.28
CA VAL A 29 51.46 17.11 -0.50
C VAL A 29 50.47 16.00 -0.80
N VAL A 30 50.96 14.82 -1.19
CA VAL A 30 50.08 13.72 -1.55
C VAL A 30 49.29 13.25 -0.34
N VAL A 31 49.94 13.17 0.82
CA VAL A 31 49.24 12.73 2.03
C VAL A 31 48.10 13.70 2.35
N ILE A 32 48.39 15.00 2.30
CA ILE A 32 47.36 15.99 2.60
C ILE A 32 46.22 15.89 1.58
N PHE A 33 46.57 15.70 0.31
CA PHE A 33 45.55 15.60 -0.74
C PHE A 33 44.62 14.43 -0.47
N ARG A 34 45.18 13.27 -0.16
CA ARG A 34 44.36 12.09 0.11
C ARG A 34 43.46 12.32 1.30
N ILE A 35 44.00 12.87 2.38
CA ILE A 35 43.19 13.10 3.57
C ILE A 35 42.03 14.04 3.25
N LEU A 36 42.31 15.13 2.53
CA LEU A 36 41.25 16.08 2.20
C LEU A 36 40.16 15.44 1.36
N ILE A 37 40.56 14.71 0.31
CA ILE A 37 39.57 14.11 -0.57
C ILE A 37 38.67 13.16 0.21
N VAL A 38 39.27 12.28 1.00
CA VAL A 38 38.46 11.33 1.78
C VAL A 38 37.53 12.11 2.70
N ALA A 39 38.09 12.97 3.54
CA ALA A 39 37.29 13.64 4.55
C ALA A 39 36.14 14.44 3.94
N ILE A 40 36.30 14.92 2.71
CA ILE A 40 35.27 15.78 2.15
C ILE A 40 34.20 14.99 1.40
N VAL A 41 34.55 13.97 0.63
CA VAL A 41 33.57 13.33 -0.24
C VAL A 41 33.20 11.90 0.17
N GLY A 42 34.05 11.20 0.93
CA GLY A 42 33.80 9.78 1.15
C GLY A 42 32.47 9.52 1.83
N GLU A 43 32.18 10.26 2.89
CA GLU A 43 30.93 10.02 3.62
C GLU A 43 29.72 10.25 2.73
N THR A 44 29.75 11.31 1.93
CA THR A 44 28.60 11.61 1.08
C THR A 44 28.40 10.54 0.01
N VAL A 45 29.50 10.03 -0.55
CA VAL A 45 29.34 9.03 -1.62
C VAL A 45 28.64 7.79 -1.11
N TYR A 46 29.04 7.31 0.07
CA TYR A 46 28.55 6.04 0.61
C TYR A 46 27.43 6.22 1.63
N ASP A 47 26.62 7.28 1.48
CA ASP A 47 25.60 7.56 2.48
C ASP A 47 24.44 6.56 2.39
N ASP A 48 23.94 6.31 1.18
CA ASP A 48 22.76 5.50 0.97
C ASP A 48 23.09 4.14 0.37
N GLU A 49 24.20 3.55 0.81
CA GLU A 49 24.62 2.27 0.25
C GLU A 49 23.58 1.18 0.53
N GLN A 50 23.02 1.17 1.73
CA GLN A 50 22.11 0.10 2.11
C GLN A 50 20.65 0.43 1.84
N THR A 51 20.26 1.70 1.90
CA THR A 51 18.87 2.06 1.66
C THR A 51 18.50 1.88 0.19
N MET A 52 19.45 2.07 -0.72
CA MET A 52 19.21 1.94 -2.14
C MET A 52 19.61 0.57 -2.68
N PHE A 53 20.05 -0.34 -1.83
CA PHE A 53 20.37 -1.71 -2.23
C PHE A 53 19.08 -2.52 -2.19
N VAL A 54 18.67 -3.06 -3.34
CA VAL A 54 17.39 -3.73 -3.48
C VAL A 54 17.60 -5.09 -4.15
N CYS A 55 16.89 -6.09 -3.65
CA CYS A 55 16.92 -7.44 -4.21
C CYS A 55 15.54 -7.79 -4.74
N ASN A 56 15.52 -8.64 -5.76
CA ASN A 56 14.28 -9.04 -6.42
C ASN A 56 13.71 -10.26 -5.70
N THR A 57 12.95 -10.01 -4.63
CA THR A 57 12.38 -11.08 -3.84
C THR A 57 11.32 -10.51 -2.92
N LEU A 58 10.54 -11.39 -2.31
CA LEU A 58 9.55 -11.02 -1.31
C LEU A 58 9.90 -11.54 0.08
N GLN A 59 11.01 -12.24 0.23
CA GLN A 59 11.37 -12.84 1.50
C GLN A 59 11.87 -11.76 2.45
N PRO A 60 11.27 -11.59 3.63
CA PRO A 60 11.84 -10.67 4.62
C PRO A 60 13.24 -11.10 5.03
N GLY A 61 14.13 -10.12 5.18
CA GLY A 61 15.48 -10.37 5.65
C GLY A 61 16.46 -10.74 4.57
N CYS A 62 16.02 -10.93 3.32
CA CYS A 62 16.95 -11.25 2.26
C CYS A 62 17.84 -10.06 1.92
N ASN A 63 17.28 -8.86 1.97
CA ASN A 63 18.07 -7.66 1.66
C ASN A 63 19.24 -7.52 2.61
N GLN A 64 19.00 -7.67 3.91
CA GLN A 64 20.06 -7.50 4.91
C GLN A 64 21.18 -8.51 4.68
N ALA A 65 20.82 -9.79 4.55
CA ALA A 65 21.83 -10.83 4.39
C ALA A 65 22.63 -10.63 3.10
N CYS A 66 21.93 -10.34 2.01
CA CYS A 66 22.63 -10.20 0.73
C CYS A 66 23.54 -8.99 0.73
N TYR A 67 23.09 -7.87 1.31
CA TYR A 67 23.96 -6.71 1.39
C TYR A 67 25.18 -6.99 2.26
N ASP A 68 24.97 -7.67 3.39
CA ASP A 68 26.11 -7.98 4.26
C ASP A 68 27.11 -8.87 3.54
N ARG A 69 26.63 -9.83 2.75
CA ARG A 69 27.55 -10.69 2.03
C ARG A 69 28.27 -9.94 0.91
N ALA A 70 27.57 -9.02 0.25
CA ALA A 70 28.17 -8.31 -0.88
C ALA A 70 29.28 -7.37 -0.42
N PHE A 71 29.04 -6.63 0.67
CA PHE A 71 29.97 -5.62 1.16
C PHE A 71 30.26 -5.86 2.63
N PRO A 72 31.14 -6.81 2.95
CA PRO A 72 31.44 -7.07 4.37
C PRO A 72 31.95 -5.83 5.09
N ILE A 73 32.77 -5.02 4.45
CA ILE A 73 33.29 -3.79 5.03
C ILE A 73 33.22 -2.70 3.96
N SER A 74 32.66 -1.56 4.33
CA SER A 74 32.56 -0.45 3.39
C SER A 74 33.94 0.09 3.06
N HIS A 75 34.09 0.61 1.83
CA HIS A 75 35.37 1.13 1.40
C HIS A 75 35.82 2.28 2.29
N ILE A 76 34.89 3.16 2.65
CA ILE A 76 35.26 4.40 3.34
C ILE A 76 35.90 4.08 4.69
N ARG A 77 35.34 3.12 5.42
CA ARG A 77 35.89 2.78 6.72
C ARG A 77 37.29 2.16 6.59
N TYR A 78 37.48 1.31 5.59
CA TYR A 78 38.81 0.76 5.35
C TYR A 78 39.81 1.88 5.07
N TRP A 79 39.42 2.86 4.26
CA TRP A 79 40.34 3.94 3.93
C TRP A 79 40.64 4.81 5.15
N VAL A 80 39.64 5.06 6.00
CA VAL A 80 39.88 5.84 7.21
C VAL A 80 40.87 5.11 8.12
N PHE A 81 40.65 3.81 8.31
CA PHE A 81 41.58 3.03 9.11
C PHE A 81 42.98 3.07 8.53
N GLN A 82 43.09 2.94 7.20
CA GLN A 82 44.40 3.00 6.57
C GLN A 82 45.08 4.33 6.83
N ILE A 83 44.33 5.43 6.70
CA ILE A 83 44.93 6.75 6.87
C ILE A 83 45.47 6.90 8.30
N ILE A 84 44.65 6.56 9.29
CA ILE A 84 45.10 6.73 10.68
C ILE A 84 46.30 5.83 10.96
N MET A 85 46.25 4.58 10.51
CA MET A 85 47.35 3.66 10.79
C MET A 85 48.63 4.14 10.13
N VAL A 86 48.55 4.64 8.90
CA VAL A 86 49.73 5.13 8.22
C VAL A 86 50.29 6.36 8.90
N CYS A 87 49.42 7.21 9.45
CA CYS A 87 49.91 8.41 10.15
C CYS A 87 50.48 8.10 11.53
N THR A 88 50.16 6.94 12.10
CA THR A 88 50.61 6.63 13.46
C THR A 88 52.11 6.81 13.68
N PRO A 89 53.00 6.26 12.84
CA PRO A 89 54.44 6.36 13.16
C PRO A 89 54.94 7.79 13.31
N SER A 90 54.43 8.72 12.50
CA SER A 90 54.82 10.12 12.66
C SER A 90 54.39 10.63 14.03
N LEU A 91 53.20 10.25 14.48
CA LEU A 91 52.76 10.63 15.82
C LEU A 91 53.70 10.07 16.88
N CYS A 92 54.11 8.81 16.73
CA CYS A 92 55.03 8.23 17.69
C CYS A 92 56.34 8.99 17.73
N PHE A 93 56.88 9.32 16.56
CA PHE A 93 58.14 10.08 16.51
C PHE A 93 57.98 11.45 17.15
N ILE A 94 56.88 12.14 16.87
CA ILE A 94 56.68 13.48 17.40
C ILE A 94 56.58 13.44 18.92
N THR A 95 55.81 12.50 19.45
CA THR A 95 55.67 12.41 20.90
C THR A 95 56.98 11.98 21.56
N TYR A 96 57.76 11.12 20.91
CA TYR A 96 59.08 10.78 21.46
C TYR A 96 59.98 12.00 21.49
N SER A 97 59.96 12.81 20.44
CA SER A 97 60.76 14.03 20.43
C SER A 97 60.32 14.98 21.54
N VAL A 98 59.00 15.14 21.74
CA VAL A 98 58.52 16.00 22.80
C VAL A 98 58.98 15.48 24.16
N HIS A 99 58.89 14.17 24.37
CA HIS A 99 59.33 13.60 25.65
C HIS A 99 60.82 13.82 25.86
N GLN A 100 61.62 13.67 24.81
CA GLN A 100 63.07 13.79 24.96
C GLN A 100 63.46 15.18 25.47
N SER A 101 62.62 16.18 25.27
CA SER A 101 62.87 17.53 25.74
C SER A 101 61.90 17.84 26.88
N ALA A 102 62.43 18.22 28.03
CA ALA A 102 61.62 18.52 29.20
C ALA A 102 60.79 17.31 29.61
N GLY A 194 70.70 9.62 18.95
CA GLY A 194 69.42 9.69 19.63
C GLY A 194 68.25 9.67 18.67
N ILE A 195 67.83 10.86 18.22
CA ILE A 195 66.73 10.97 17.28
C ILE A 195 67.14 10.61 15.85
N SER A 196 68.44 10.46 15.59
CA SER A 196 68.90 10.10 14.25
C SER A 196 68.75 8.62 13.96
N ARG A 197 68.38 7.81 14.95
CA ARG A 197 68.12 6.38 14.74
C ARG A 197 66.64 6.06 14.63
N PHE A 198 65.82 6.65 15.51
CA PHE A 198 64.39 6.41 15.45
C PHE A 198 63.81 6.72 14.07
N TYR A 199 64.41 7.68 13.37
CA TYR A 199 63.90 8.08 12.07
C TYR A 199 63.93 6.92 11.08
N ILE A 200 65.00 6.13 11.09
CA ILE A 200 65.13 5.02 10.15
C ILE A 200 64.06 3.98 10.41
N ILE A 201 63.84 3.62 11.68
CA ILE A 201 62.81 2.64 12.00
C ILE A 201 61.43 3.18 11.64
N GLN A 202 61.20 4.47 11.86
CA GLN A 202 59.93 5.08 11.46
C GLN A 202 59.72 4.91 9.96
N VAL A 203 60.76 5.19 9.18
CA VAL A 203 60.63 5.08 7.73
C VAL A 203 60.32 3.64 7.32
N VAL A 204 61.02 2.68 7.94
CA VAL A 204 60.82 1.28 7.58
C VAL A 204 59.39 0.86 7.89
N PHE A 205 58.90 1.24 9.07
CA PHE A 205 57.54 0.86 9.45
C PHE A 205 56.51 1.51 8.54
N ARG A 206 56.74 2.77 8.17
CA ARG A 206 55.81 3.43 7.24
C ARG A 206 55.76 2.70 5.91
N ASN A 207 56.93 2.33 5.38
CA ASN A 207 56.97 1.57 4.12
C ASN A 207 56.17 0.28 4.24
N ALA A 208 56.43 -0.47 5.31
CA ALA A 208 55.75 -1.76 5.48
C ALA A 208 54.24 -1.58 5.56
N LEU A 209 53.79 -0.60 6.35
CA LEU A 209 52.35 -0.39 6.50
C LEU A 209 51.72 0.00 5.18
N GLU A 210 52.35 0.90 4.43
CA GLU A 210 51.76 1.33 3.16
C GLU A 210 51.64 0.16 2.19
N ILE A 211 52.71 -0.64 2.06
CA ILE A 211 52.66 -1.77 1.14
C ILE A 211 51.58 -2.76 1.57
N GLY A 212 51.52 -3.06 2.87
CA GLY A 212 50.52 -4.00 3.35
C GLY A 212 49.10 -3.53 3.06
N PHE A 213 48.83 -2.25 3.31
CA PHE A 213 47.49 -1.74 3.08
C PHE A 213 47.12 -1.76 1.60
N LEU A 214 48.07 -1.43 0.73
CA LEU A 214 47.79 -1.50 -0.71
C LEU A 214 47.44 -2.92 -1.13
N VAL A 215 48.25 -3.89 -0.69
CA VAL A 215 47.98 -5.28 -1.07
C VAL A 215 46.65 -5.74 -0.51
N GLY A 216 46.35 -5.36 0.73
CA GLY A 216 45.08 -5.74 1.32
C GLY A 216 43.90 -5.18 0.56
N GLN A 217 43.99 -3.91 0.14
CA GLN A 217 42.91 -3.33 -0.65
C GLN A 217 42.70 -4.10 -1.93
N TYR A 218 43.80 -4.42 -2.62
CA TYR A 218 43.66 -5.18 -3.87
C TYR A 218 42.97 -6.51 -3.62
N PHE A 219 43.39 -7.23 -2.58
CA PHE A 219 42.84 -8.56 -2.34
C PHE A 219 41.42 -8.50 -1.80
N LEU A 220 40.99 -7.37 -1.23
CA LEU A 220 39.66 -7.26 -0.67
C LEU A 220 38.62 -6.81 -1.70
N TYR A 221 38.95 -5.78 -2.50
CA TYR A 221 37.95 -5.14 -3.34
C TYR A 221 38.17 -5.28 -4.83
N GLY A 222 39.36 -5.70 -5.27
CA GLY A 222 39.59 -5.75 -6.70
C GLY A 222 39.73 -4.36 -7.30
N PHE A 223 39.25 -4.22 -8.54
CA PHE A 223 39.38 -2.96 -9.26
C PHE A 223 38.06 -2.40 -9.75
N SER A 224 36.93 -3.05 -9.47
CA SER A 224 35.65 -2.56 -9.95
C SER A 224 34.53 -3.01 -9.02
N VAL A 225 33.41 -2.31 -9.10
CA VAL A 225 32.21 -2.62 -8.33
C VAL A 225 31.12 -3.03 -9.32
N PRO A 226 30.79 -4.31 -9.45
CA PRO A 226 29.77 -4.70 -10.43
C PRO A 226 28.40 -4.18 -10.07
N GLY A 227 27.57 -3.97 -11.09
CA GLY A 227 26.24 -3.44 -10.89
C GLY A 227 25.22 -4.47 -10.47
N LEU A 228 25.53 -5.75 -10.61
CA LEU A 228 24.64 -6.84 -10.22
C LEU A 228 25.36 -7.76 -9.25
N TYR A 229 24.60 -8.38 -8.36
CA TYR A 229 25.14 -9.35 -7.41
C TYR A 229 24.22 -10.56 -7.36
N GLU A 230 24.82 -11.75 -7.27
CA GLU A 230 24.08 -12.99 -7.16
C GLU A 230 24.25 -13.53 -5.74
N CYS A 231 23.14 -13.66 -5.02
CA CYS A 231 23.16 -13.94 -3.60
C CYS A 231 22.40 -15.24 -3.34
N ASN A 232 23.00 -16.14 -2.58
CA ASN A 232 22.39 -17.42 -2.21
C ASN A 232 22.57 -17.68 -0.72
N ARG A 233 22.27 -16.69 0.08
CA ARG A 233 22.43 -16.75 1.53
C ARG A 233 21.06 -16.88 2.20
N TYR A 234 20.99 -17.69 3.24
CA TYR A 234 19.75 -17.81 4.00
C TYR A 234 19.36 -16.44 4.54
N PRO A 235 18.07 -16.09 4.56
CA PRO A 235 16.88 -16.87 4.22
C PRO A 235 16.47 -16.84 2.76
N CYS A 236 17.26 -16.23 1.88
CA CYS A 236 16.88 -16.15 0.49
C CYS A 236 16.74 -17.55 -0.11
N ILE A 237 15.69 -17.75 -0.88
CA ILE A 237 15.39 -19.07 -1.46
C ILE A 237 16.24 -19.26 -2.69
N LYS A 238 17.03 -20.34 -2.71
CA LYS A 238 17.89 -20.63 -3.83
C LYS A 238 18.82 -19.46 -4.13
N GLU A 239 18.75 -18.89 -5.33
CA GLU A 239 19.62 -17.81 -5.76
C GLU A 239 18.79 -16.64 -6.22
N VAL A 240 19.18 -15.43 -5.79
CA VAL A 240 18.46 -14.21 -6.12
C VAL A 240 19.44 -13.19 -6.67
N GLU A 241 18.89 -12.16 -7.30
CA GLU A 241 19.67 -11.11 -7.94
C GLU A 241 19.42 -9.78 -7.22
N CYS A 242 20.50 -9.07 -6.92
CA CYS A 242 20.42 -7.80 -6.21
C CYS A 242 21.18 -6.74 -7.00
N TYR A 243 20.79 -5.48 -6.79
CA TYR A 243 21.25 -4.36 -7.59
C TYR A 243 21.93 -3.33 -6.71
N VAL A 244 23.08 -2.84 -7.15
CA VAL A 244 23.92 -1.96 -6.34
C VAL A 244 23.64 -0.51 -6.70
N SER A 245 24.05 0.39 -5.80
CA SER A 245 23.82 1.82 -5.96
C SER A 245 25.13 2.53 -6.31
N ARG A 246 25.09 3.37 -7.32
CA ARG A 246 26.24 4.14 -7.78
C ARG A 246 27.48 3.27 -7.98
N PRO A 247 27.40 2.21 -8.79
CA PRO A 247 28.60 1.41 -9.04
C PRO A 247 29.74 2.17 -9.70
N THR A 248 29.43 3.09 -10.62
CA THR A 248 30.47 3.75 -11.39
C THR A 248 31.27 4.72 -10.53
N GLU A 249 30.59 5.51 -9.71
CA GLU A 249 31.28 6.43 -8.83
C GLU A 249 32.19 5.69 -7.87
N LYS A 250 31.70 4.57 -7.34
CA LYS A 250 32.52 3.76 -6.43
C LYS A 250 33.73 3.17 -7.15
N THR A 251 33.56 2.73 -8.39
CA THR A 251 34.71 2.24 -9.16
C THR A 251 35.75 3.34 -9.35
N VAL A 252 35.30 4.54 -9.71
CA VAL A 252 36.23 5.65 -9.89
C VAL A 252 36.97 5.95 -8.60
N PHE A 253 36.25 5.99 -7.48
CA PHE A 253 36.87 6.25 -6.20
C PHE A 253 37.91 5.19 -5.85
N LEU A 254 37.56 3.92 -6.10
CA LEU A 254 38.50 2.82 -5.82
C LEU A 254 39.77 2.99 -6.61
N VAL A 255 39.66 3.24 -7.91
CA VAL A 255 40.85 3.36 -8.75
C VAL A 255 41.69 4.56 -8.33
N PHE A 256 41.04 5.68 -8.02
CA PHE A 256 41.78 6.87 -7.63
C PHE A 256 42.55 6.64 -6.34
N MET A 257 41.91 6.00 -5.35
CA MET A 257 42.61 5.73 -4.10
C MET A 257 43.77 4.77 -4.31
N PHE A 258 43.58 3.76 -5.17
CA PHE A 258 44.69 2.85 -5.46
C PHE A 258 45.87 3.61 -6.08
N ALA A 259 45.59 4.51 -7.02
CA ALA A 259 46.67 5.26 -7.65
C ALA A 259 47.41 6.14 -6.64
N VAL A 260 46.67 6.83 -5.77
CA VAL A 260 47.32 7.68 -4.79
C VAL A 260 48.19 6.86 -3.85
N SER A 261 47.68 5.71 -3.39
CA SER A 261 48.46 4.85 -2.51
C SER A 261 49.71 4.35 -3.21
N GLY A 262 49.61 4.02 -4.49
CA GLY A 262 50.79 3.60 -5.24
C GLY A 262 51.84 4.69 -5.32
N ILE A 263 51.41 5.92 -5.55
CA ILE A 263 52.36 7.04 -5.58
C ILE A 263 53.05 7.17 -4.23
N CYS A 264 52.27 7.07 -3.14
CA CYS A 264 52.88 7.15 -1.81
C CYS A 264 53.90 6.04 -1.61
N VAL A 265 53.58 4.83 -2.05
CA VAL A 265 54.50 3.71 -1.89
C VAL A 265 55.79 3.98 -2.65
N VAL A 266 55.69 4.49 -3.88
CA VAL A 266 56.88 4.74 -4.67
C VAL A 266 57.75 5.79 -3.99
N LEU A 267 57.14 6.88 -3.50
CA LEU A 267 57.93 7.91 -2.84
C LEU A 267 58.61 7.38 -1.57
N ASN A 268 57.89 6.56 -0.79
CA ASN A 268 58.49 6.00 0.42
C ASN A 268 59.65 5.09 0.07
N LEU A 269 59.51 4.28 -0.97
CA LEU A 269 60.61 3.41 -1.39
C LEU A 269 61.81 4.24 -1.83
N ALA A 270 61.57 5.33 -2.56
CA ALA A 270 62.68 6.19 -2.96
C ALA A 270 63.39 6.76 -1.76
N GLU A 271 62.64 7.21 -0.75
CA GLU A 271 63.26 7.74 0.46
C GLU A 271 64.12 6.67 1.14
N LEU A 272 63.55 5.47 1.31
CA LEU A 272 64.29 4.41 1.98
C LEU A 272 65.56 4.06 1.21
N ASN A 273 65.47 3.99 -0.11
CA ASN A 273 66.67 3.73 -0.91
C ASN A 273 67.69 4.83 -0.74
N HIS A 274 67.25 6.09 -0.68
CA HIS A 274 68.19 7.18 -0.46
C HIS A 274 68.93 7.02 0.85
N LEU A 275 68.23 6.61 1.91
CA LEU A 275 68.91 6.41 3.18
C LEU A 275 70.02 5.38 3.06
N GLY A 276 69.83 4.37 2.23
CA GLY A 276 70.86 3.39 1.98
C GLY A 276 70.70 2.15 2.84
N TRP A 277 71.17 1.01 2.33
CA TRP A 277 71.03 -0.25 3.04
C TRP A 277 72.00 -0.33 4.22
N ARG A 278 73.18 0.26 4.11
CA ARG A 278 74.16 0.18 5.18
C ARG A 278 73.63 0.84 6.46
N LYS A 279 72.98 1.99 6.33
CA LYS A 279 72.41 2.65 7.49
C LYS A 279 71.25 1.86 8.06
N ILE A 280 70.40 1.32 7.19
CA ILE A 280 69.23 0.57 7.66
C ILE A 280 69.67 -0.66 8.43
N LYS A 281 70.70 -1.35 7.95
CA LYS A 281 71.19 -2.53 8.66
C LYS A 281 71.63 -2.16 10.07
N LEU A 282 72.33 -1.04 10.22
CA LEU A 282 72.75 -0.57 11.52
C LEU A 282 71.64 0.23 12.20
N SER B 19 62.00 1.29 30.45
CA SER B 19 61.05 1.17 29.36
C SER B 19 59.69 1.75 29.74
N THR B 20 59.61 2.37 30.93
CA THR B 20 58.37 3.01 31.33
C THR B 20 58.04 4.19 30.41
N MET B 21 59.07 4.95 30.01
CA MET B 21 58.84 6.12 29.17
C MET B 21 58.41 5.71 27.76
N ILE B 22 59.05 4.70 27.18
CA ILE B 22 58.64 4.22 25.87
C ILE B 22 57.26 3.56 25.97
N GLY B 23 57.01 2.85 27.07
CA GLY B 23 55.66 2.37 27.33
C GLY B 23 54.66 3.50 27.40
N ARG B 24 55.03 4.62 28.00
CA ARG B 24 54.15 5.78 28.02
C ARG B 24 53.89 6.31 26.62
N ILE B 25 54.93 6.33 25.79
CA ILE B 25 54.76 6.78 24.41
C ILE B 25 53.75 5.90 23.68
N LEU B 26 53.93 4.59 23.77
CA LEU B 26 53.02 3.67 23.09
C LEU B 26 51.61 3.80 23.64
N LEU B 27 51.49 3.96 24.96
CA LEU B 27 50.17 4.07 25.58
C LEU B 27 49.44 5.31 25.08
N THR B 28 50.15 6.44 25.02
CA THR B 28 49.52 7.66 24.50
C THR B 28 49.10 7.47 23.05
N VAL B 29 49.96 6.86 22.24
CA VAL B 29 49.63 6.68 20.83
C VAL B 29 48.38 5.82 20.68
N VAL B 30 48.30 4.71 21.42
CA VAL B 30 47.16 3.82 21.26
C VAL B 30 45.89 4.47 21.77
N VAL B 31 45.99 5.25 22.86
CA VAL B 31 44.81 5.94 23.37
C VAL B 31 44.27 6.90 22.32
N ILE B 32 45.16 7.69 21.72
CA ILE B 32 44.71 8.64 20.70
C ILE B 32 44.12 7.89 19.50
N PHE B 33 44.74 6.78 19.11
CA PHE B 33 44.25 6.00 17.99
C PHE B 33 42.83 5.52 18.25
N ARG B 34 42.58 4.96 19.44
CA ARG B 34 41.26 4.46 19.76
C ARG B 34 40.23 5.59 19.75
N ILE B 35 40.58 6.73 20.35
CA ILE B 35 39.64 7.85 20.41
C ILE B 35 39.29 8.30 18.99
N LEU B 36 40.30 8.43 18.13
CA LEU B 36 40.04 8.89 16.77
C LEU B 36 39.15 7.91 16.02
N ILE B 37 39.47 6.62 16.09
CA ILE B 37 38.69 5.64 15.35
C ILE B 37 37.23 5.69 15.78
N VAL B 38 36.99 5.66 17.10
CA VAL B 38 35.62 5.72 17.58
C VAL B 38 34.94 6.98 17.08
N ALA B 39 35.52 8.14 17.41
CA ALA B 39 34.86 9.41 17.09
C ALA B 39 34.58 9.56 15.61
N ILE B 40 35.36 8.91 14.75
CA ILE B 40 35.17 9.13 13.32
C ILE B 40 34.19 8.12 12.71
N VAL B 41 34.22 6.85 13.08
CA VAL B 41 33.41 5.85 12.37
C VAL B 41 32.28 5.26 13.20
N GLY B 42 32.34 5.31 14.53
CA GLY B 42 31.37 4.59 15.33
C GLY B 42 29.93 5.03 15.05
N GLU B 43 29.71 6.35 15.04
CA GLU B 43 28.35 6.84 14.84
C GLU B 43 27.80 6.42 13.48
N THR B 44 28.63 6.48 12.44
CA THR B 44 28.16 6.12 11.11
C THR B 44 27.83 4.64 11.02
N VAL B 45 28.64 3.79 11.66
CA VAL B 45 28.40 2.35 11.55
C VAL B 45 27.04 1.98 12.14
N TYR B 46 26.71 2.54 13.31
CA TYR B 46 25.51 2.17 14.05
C TYR B 46 24.36 3.14 13.82
N ASP B 47 24.29 3.78 12.65
CA ASP B 47 23.27 4.80 12.43
C ASP B 47 21.89 4.18 12.26
N ASP B 48 21.78 3.14 11.43
CA ASP B 48 20.50 2.55 11.06
C ASP B 48 20.30 1.19 11.71
N GLU B 49 20.76 1.04 12.96
CA GLU B 49 20.64 -0.25 13.63
C GLU B 49 19.18 -0.67 13.79
N GLN B 50 18.31 0.28 14.12
CA GLN B 50 16.92 -0.05 14.40
C GLN B 50 16.02 0.05 13.17
N THR B 51 16.31 0.99 12.26
CA THR B 51 15.46 1.13 11.08
C THR B 51 15.59 -0.07 10.15
N MET B 52 16.77 -0.71 10.11
CA MET B 52 17.00 -1.85 9.25
C MET B 52 16.83 -3.18 9.97
N PHE B 53 16.42 -3.17 11.23
CA PHE B 53 16.14 -4.39 11.97
C PHE B 53 14.69 -4.79 11.71
N VAL B 54 14.51 -5.98 11.13
CA VAL B 54 13.20 -6.42 10.66
C VAL B 54 12.92 -7.81 11.20
N CYS B 55 11.68 -8.04 11.64
CA CYS B 55 11.23 -9.34 12.12
C CYS B 55 10.14 -9.87 11.19
N ASN B 56 10.05 -11.19 11.10
CA ASN B 56 9.10 -11.85 10.22
C ASN B 56 7.79 -12.05 10.99
N THR B 57 6.93 -11.04 10.95
CA THR B 57 5.66 -11.09 11.68
C THR B 57 4.79 -9.93 11.21
N LEU B 58 3.52 -9.98 11.61
CA LEU B 58 2.57 -8.91 11.35
C LEU B 58 2.11 -8.23 12.63
N GLN B 59 2.60 -8.64 13.78
CA GLN B 59 2.14 -8.10 15.05
C GLN B 59 2.75 -6.71 15.27
N PRO B 60 1.95 -5.66 15.47
CA PRO B 60 2.54 -4.36 15.81
C PRO B 60 3.28 -4.44 17.13
N GLY B 61 4.42 -3.75 17.19
CA GLY B 61 5.21 -3.67 18.40
C GLY B 61 6.19 -4.81 18.61
N CYS B 62 6.17 -5.83 17.76
CA CYS B 62 7.12 -6.92 17.91
C CYS B 62 8.53 -6.48 17.57
N ASN B 63 8.67 -5.61 16.56
CA ASN B 63 10.00 -5.14 16.18
C ASN B 63 10.68 -4.41 17.33
N GLN B 64 9.96 -3.51 17.99
CA GLN B 64 10.55 -2.74 19.08
C GLN B 64 11.01 -3.64 20.20
N ALA B 65 10.13 -4.55 20.66
CA ALA B 65 10.47 -5.42 21.77
C ALA B 65 11.64 -6.32 21.42
N CYS B 66 11.62 -6.92 20.23
CA CYS B 66 12.68 -7.85 19.87
C CYS B 66 14.01 -7.13 19.71
N TYR B 67 14.02 -5.93 19.11
CA TYR B 67 15.25 -5.18 19.01
C TYR B 67 15.78 -4.80 20.39
N ASP B 68 14.89 -4.37 21.28
CA ASP B 68 15.34 -3.99 22.62
C ASP B 68 15.95 -5.19 23.34
N ARG B 69 15.35 -6.37 23.18
CA ARG B 69 15.93 -7.56 23.81
C ARG B 69 17.27 -7.92 23.19
N ALA B 70 17.38 -7.83 21.87
CA ALA B 70 18.61 -8.26 21.20
C ALA B 70 19.79 -7.38 21.59
N PHE B 71 19.59 -6.07 21.64
CA PHE B 71 20.67 -5.11 21.89
C PHE B 71 20.26 -4.18 23.01
N PRO B 72 20.38 -4.62 24.27
CA PRO B 72 20.00 -3.73 25.37
C PRO B 72 20.75 -2.42 25.38
N ILE B 73 22.03 -2.45 25.05
CA ILE B 73 22.85 -1.25 24.97
C ILE B 73 23.71 -1.34 23.72
N SER B 74 23.72 -0.29 22.92
CA SER B 74 24.52 -0.27 21.70
C SER B 74 26.00 -0.28 22.03
N HIS B 75 26.80 -0.88 21.15
CA HIS B 75 28.24 -0.97 21.39
C HIS B 75 28.86 0.41 21.48
N ILE B 76 28.44 1.33 20.61
CA ILE B 76 29.10 2.63 20.51
C ILE B 76 28.97 3.39 21.81
N ARG B 77 27.80 3.34 22.44
CA ARG B 77 27.61 4.06 23.70
C ARG B 77 28.46 3.47 24.80
N TYR B 78 28.54 2.14 24.86
CA TYR B 78 29.42 1.50 25.84
C TYR B 78 30.86 1.95 25.65
N TRP B 79 31.32 2.01 24.40
CA TRP B 79 32.71 2.40 24.16
C TRP B 79 32.95 3.86 24.51
N VAL B 80 31.98 4.74 24.23
CA VAL B 80 32.13 6.14 24.60
C VAL B 80 32.25 6.28 26.12
N PHE B 81 31.37 5.58 26.84
CA PHE B 81 31.43 5.62 28.29
C PHE B 81 32.77 5.10 28.79
N GLN B 82 33.25 4.01 28.20
CA GLN B 82 34.55 3.46 28.61
C GLN B 82 35.67 4.47 28.38
N ILE B 83 35.67 5.15 27.24
CA ILE B 83 36.73 6.09 26.94
C ILE B 83 36.75 7.22 27.96
N ILE B 84 35.57 7.81 28.22
CA ILE B 84 35.54 8.93 29.16
C ILE B 84 35.96 8.47 30.55
N MET B 85 35.44 7.32 31.00
CA MET B 85 35.77 6.85 32.34
C MET B 85 37.25 6.56 32.47
N VAL B 86 37.87 5.96 31.44
CA VAL B 86 39.29 5.67 31.51
C VAL B 86 40.10 6.96 31.51
N CYS B 87 39.65 8.00 30.81
CA CYS B 87 40.39 9.25 30.79
C CYS B 87 40.21 10.06 32.07
N THR B 88 39.19 9.77 32.87
CA THR B 88 38.93 10.56 34.07
C THR B 88 40.12 10.72 35.00
N PRO B 89 40.86 9.67 35.38
CA PRO B 89 41.94 9.87 36.36
C PRO B 89 43.00 10.87 35.93
N SER B 90 43.34 10.91 34.64
CA SER B 90 44.28 11.91 34.16
C SER B 90 43.73 13.31 34.36
N LEU B 91 42.44 13.50 34.11
CA LEU B 91 41.82 14.80 34.37
C LEU B 91 41.90 15.17 35.84
N CYS B 92 41.64 14.19 36.71
CA CYS B 92 41.73 14.47 38.15
C CYS B 92 43.14 14.90 38.53
N PHE B 93 44.15 14.19 38.02
CA PHE B 93 45.53 14.55 38.32
C PHE B 93 45.87 15.94 37.80
N ILE B 94 45.43 16.26 36.58
CA ILE B 94 45.75 17.55 35.99
C ILE B 94 45.12 18.68 36.80
N THR B 95 43.86 18.52 37.17
CA THR B 95 43.21 19.58 37.95
C THR B 95 43.80 19.69 39.35
N TYR B 96 44.22 18.56 39.95
CA TYR B 96 44.92 18.65 41.23
C TYR B 96 46.23 19.42 41.10
N SER B 97 46.97 19.16 40.02
CA SER B 97 48.20 19.91 39.79
C SER B 97 47.92 21.39 39.63
N VAL B 98 46.86 21.74 38.87
CA VAL B 98 46.52 23.15 38.70
C VAL B 98 46.17 23.78 40.04
N HIS B 99 45.40 23.07 40.86
CA HIS B 99 45.03 23.60 42.17
C HIS B 99 46.26 23.81 43.04
N GLN B 100 47.21 22.87 42.98
CA GLN B 100 48.39 22.95 43.84
C GLN B 100 49.19 24.22 43.58
N SER B 101 49.08 24.79 42.39
CA SER B 101 49.79 26.02 42.02
C SER B 101 48.77 27.14 41.89
N ALA B 102 48.99 28.22 42.64
CA ALA B 102 48.09 29.37 42.62
C ALA B 102 46.67 28.96 42.98
N GLY B 194 54.47 14.99 47.62
CA GLY B 194 53.23 15.65 47.27
C GLY B 194 52.61 15.10 45.99
N ILE B 195 53.09 15.59 44.84
CA ILE B 195 52.60 15.13 43.56
C ILE B 195 53.21 13.80 43.13
N SER B 196 54.17 13.28 43.90
CA SER B 196 54.79 12.00 43.59
C SER B 196 54.05 10.82 44.19
N ARG B 197 53.00 11.06 44.97
CA ARG B 197 52.16 10.00 45.51
C ARG B 197 50.85 9.85 44.76
N PHE B 198 50.22 10.96 44.38
CA PHE B 198 48.99 10.89 43.60
C PHE B 198 49.18 10.09 42.32
N TYR B 199 50.39 10.13 41.76
CA TYR B 199 50.64 9.46 40.49
C TYR B 199 50.45 7.96 40.61
N ILE B 200 50.93 7.36 41.71
CA ILE B 200 50.81 5.91 41.88
C ILE B 200 49.34 5.51 41.99
N ILE B 201 48.56 6.24 42.78
CA ILE B 201 47.15 5.93 42.92
C ILE B 201 46.43 6.10 41.60
N GLN B 202 46.78 7.13 40.85
CA GLN B 202 46.19 7.33 39.52
C GLN B 202 46.48 6.13 38.63
N VAL B 203 47.72 5.64 38.64
CA VAL B 203 48.07 4.49 37.81
C VAL B 203 47.27 3.27 38.23
N VAL B 204 47.14 3.04 39.53
CA VAL B 204 46.41 1.87 40.01
C VAL B 204 44.95 1.94 39.57
N PHE B 205 44.34 3.11 39.72
CA PHE B 205 42.94 3.26 39.33
C PHE B 205 42.75 3.07 37.84
N ARG B 206 43.69 3.59 37.04
CA ARG B 206 43.59 3.40 35.60
C ARG B 206 43.67 1.92 35.24
N ASN B 207 44.59 1.19 35.86
CA ASN B 207 44.68 -0.25 35.62
C ASN B 207 43.36 -0.94 35.95
N ALA B 208 42.82 -0.65 37.13
CA ALA B 208 41.60 -1.31 37.55
C ALA B 208 40.45 -1.02 36.59
N LEU B 209 40.30 0.25 36.20
CA LEU B 209 39.22 0.61 35.29
C LEU B 209 39.35 -0.09 33.95
N GLU B 210 40.57 -0.12 33.40
CA GLU B 210 40.76 -0.76 32.10
C GLU B 210 40.41 -2.24 32.16
N ILE B 211 40.90 -2.93 33.19
CA ILE B 211 40.62 -4.36 33.30
C ILE B 211 39.12 -4.61 33.46
N GLY B 212 38.47 -3.81 34.31
CA GLY B 212 37.05 -3.98 34.51
C GLY B 212 36.25 -3.78 33.24
N PHE B 213 36.59 -2.75 32.48
CA PHE B 213 35.84 -2.49 31.25
C PHE B 213 36.05 -3.60 30.23
N LEU B 214 37.29 -4.11 30.12
CA LEU B 214 37.52 -5.22 29.20
C LEU B 214 36.69 -6.43 29.57
N VAL B 215 36.69 -6.79 30.85
CA VAL B 215 35.92 -7.96 31.28
C VAL B 215 34.44 -7.73 31.04
N GLY B 216 33.95 -6.53 31.34
CA GLY B 216 32.55 -6.23 31.12
C GLY B 216 32.16 -6.36 29.66
N GLN B 217 33.00 -5.85 28.76
CA GLN B 217 32.72 -5.98 27.34
C GLN B 217 32.62 -7.45 26.95
N TYR B 218 33.57 -8.27 27.41
CA TYR B 218 33.50 -9.68 27.06
C TYR B 218 32.21 -10.32 27.55
N PHE B 219 31.83 -10.03 28.80
CA PHE B 219 30.64 -10.68 29.36
C PHE B 219 29.35 -10.14 28.78
N LEU B 220 29.37 -8.94 28.21
CA LEU B 220 28.15 -8.34 27.66
C LEU B 220 27.93 -8.72 26.20
N TYR B 221 28.97 -8.68 25.37
CA TYR B 221 28.79 -8.83 23.93
C TYR B 221 29.41 -10.07 23.32
N GLY B 222 30.32 -10.75 24.01
CA GLY B 222 30.96 -11.89 23.39
C GLY B 222 31.97 -11.45 22.35
N PHE B 223 32.10 -12.27 21.29
CA PHE B 223 33.08 -12.01 20.24
C PHE B 223 32.47 -11.92 18.85
N SER B 224 31.15 -12.01 18.70
CA SER B 224 30.53 -11.95 17.38
C SER B 224 29.10 -11.45 17.51
N VAL B 225 28.58 -10.98 16.38
CA VAL B 225 27.20 -10.50 16.27
C VAL B 225 26.48 -11.44 15.29
N PRO B 226 25.62 -12.33 15.75
CA PRO B 226 24.96 -13.25 14.83
C PRO B 226 24.01 -12.53 13.89
N GLY B 227 23.83 -13.12 12.70
CA GLY B 227 22.95 -12.53 11.70
C GLY B 227 21.48 -12.79 11.92
N LEU B 228 21.13 -13.77 12.75
CA LEU B 228 19.76 -14.10 13.06
C LEU B 228 19.54 -14.01 14.57
N TYR B 229 18.31 -13.67 14.95
CA TYR B 229 17.93 -13.62 16.35
C TYR B 229 16.58 -14.30 16.53
N GLU B 230 16.42 -15.04 17.61
CA GLU B 230 15.17 -15.71 17.93
C GLU B 230 14.56 -15.02 19.15
N CYS B 231 13.36 -14.47 18.97
CA CYS B 231 12.74 -13.59 19.94
C CYS B 231 11.40 -14.16 20.37
N ASN B 232 11.16 -14.20 21.68
CA ASN B 232 9.90 -14.70 22.23
C ASN B 232 9.39 -13.77 23.30
N ARG B 233 9.37 -12.47 23.01
CA ARG B 233 8.93 -11.44 23.95
C ARG B 233 7.55 -10.93 23.56
N TYR B 234 6.74 -10.65 24.57
CA TYR B 234 5.43 -10.05 24.32
C TYR B 234 5.62 -8.72 23.59
N PRO B 235 4.77 -8.39 22.61
CA PRO B 235 3.55 -9.07 22.16
C PRO B 235 3.75 -10.12 21.09
N CYS B 236 5.00 -10.45 20.74
CA CYS B 236 5.22 -11.44 19.70
C CYS B 236 4.63 -12.78 20.11
N ILE B 237 3.98 -13.45 19.17
CA ILE B 237 3.29 -14.71 19.42
C ILE B 237 4.33 -15.83 19.36
N LYS B 238 4.46 -16.57 20.46
CA LYS B 238 5.41 -17.67 20.53
C LYS B 238 6.81 -17.19 20.18
N GLU B 239 7.42 -17.79 19.15
CA GLU B 239 8.79 -17.50 18.77
C GLU B 239 8.84 -16.96 17.35
N VAL B 240 9.61 -15.89 17.15
CA VAL B 240 9.75 -15.24 15.86
C VAL B 240 11.23 -15.09 15.55
N GLU B 241 11.52 -14.88 14.27
CA GLU B 241 12.88 -14.75 13.77
C GLU B 241 13.09 -13.33 13.25
N CYS B 242 14.20 -12.71 13.67
CA CYS B 242 14.53 -11.35 13.29
C CYS B 242 15.93 -11.31 12.71
N TYR B 243 16.18 -10.30 11.86
CA TYR B 243 17.39 -10.23 11.06
C TYR B 243 18.14 -8.94 11.37
N VAL B 244 19.44 -9.05 11.57
CA VAL B 244 20.27 -7.94 12.01
C VAL B 244 20.88 -7.23 10.80
N SER B 245 21.32 -6.00 11.01
CA SER B 245 21.90 -5.17 9.97
C SER B 245 23.42 -5.09 10.15
N ARG B 246 24.15 -5.32 9.07
CA ARG B 246 25.62 -5.25 9.06
C ARG B 246 26.24 -6.05 10.21
N PRO B 247 25.94 -7.35 10.31
CA PRO B 247 26.59 -8.15 11.37
C PRO B 247 28.10 -8.24 11.24
N THR B 248 28.62 -8.32 10.01
CA THR B 248 30.05 -8.55 9.83
C THR B 248 30.87 -7.33 10.22
N GLU B 249 30.43 -6.14 9.82
CA GLU B 249 31.15 -4.93 10.20
C GLU B 249 31.16 -4.76 11.71
N LYS B 250 30.04 -5.04 12.36
CA LYS B 250 29.98 -4.94 13.81
C LYS B 250 30.89 -5.97 14.48
N THR B 251 30.97 -7.18 13.93
CA THR B 251 31.89 -8.17 14.48
C THR B 251 33.34 -7.68 14.37
N VAL B 252 33.71 -7.13 13.21
CA VAL B 252 35.07 -6.63 13.03
C VAL B 252 35.35 -5.51 14.02
N PHE B 253 34.41 -4.59 14.19
CA PHE B 253 34.59 -3.49 15.13
C PHE B 253 34.77 -4.01 16.55
N LEU B 254 33.95 -4.99 16.94
CA LEU B 254 34.04 -5.56 18.28
C LEU B 254 35.43 -6.16 18.52
N VAL B 255 35.91 -6.96 17.57
CA VAL B 255 37.21 -7.61 17.76
C VAL B 255 38.32 -6.57 17.82
N PHE B 256 38.26 -5.57 16.94
CA PHE B 256 39.30 -4.54 16.92
C PHE B 256 39.35 -3.78 18.24
N MET B 257 38.19 -3.41 18.78
CA MET B 257 38.16 -2.69 20.04
C MET B 257 38.69 -3.57 21.17
N PHE B 258 38.34 -4.86 21.17
CA PHE B 258 38.88 -5.75 22.19
C PHE B 258 40.40 -5.82 22.12
N ALA B 259 40.95 -5.92 20.91
CA ALA B 259 42.40 -6.00 20.78
C ALA B 259 43.07 -4.72 21.29
N VAL B 260 42.53 -3.56 20.92
CA VAL B 260 43.13 -2.31 21.37
C VAL B 260 43.08 -2.20 22.89
N SER B 261 41.95 -2.57 23.48
CA SER B 261 41.84 -2.52 24.94
C SER B 261 42.83 -3.46 25.60
N GLY B 262 43.03 -4.65 25.01
CA GLY B 262 44.01 -5.58 25.56
C GLY B 262 45.42 -5.01 25.52
N ILE B 263 45.77 -4.36 24.41
CA ILE B 263 47.10 -3.74 24.33
C ILE B 263 47.25 -2.68 25.42
N CYS B 264 46.22 -1.85 25.61
CA CYS B 264 46.28 -0.83 26.65
C CYS B 264 46.45 -1.47 28.03
N VAL B 265 45.74 -2.56 28.28
CA VAL B 265 45.85 -3.25 29.56
C VAL B 265 47.28 -3.74 29.78
N VAL B 266 47.88 -4.34 28.74
CA VAL B 266 49.23 -4.86 28.88
C VAL B 266 50.20 -3.72 29.18
N LEU B 267 50.09 -2.60 28.47
CA LEU B 267 51.00 -1.49 28.72
C LEU B 267 50.84 -0.94 30.13
N ASN B 268 49.59 -0.81 30.60
CA ASN B 268 49.36 -0.31 31.95
C ASN B 268 49.95 -1.26 32.99
N LEU B 269 49.79 -2.57 32.78
CA LEU B 269 50.37 -3.53 33.71
C LEU B 269 51.89 -3.41 33.72
N ALA B 270 52.50 -3.23 32.55
CA ALA B 270 53.94 -3.07 32.49
C ALA B 270 54.39 -1.85 33.28
N GLU B 271 53.68 -0.73 33.13
CA GLU B 271 54.03 0.47 33.87
C GLU B 271 53.91 0.24 35.37
N LEU B 272 52.81 -0.37 35.80
CA LEU B 272 52.60 -0.61 37.22
C LEU B 272 53.69 -1.51 37.78
N ASN B 273 54.06 -2.56 37.04
CA ASN B 273 55.15 -3.43 37.49
C ASN B 273 56.46 -2.66 37.58
N HIS B 274 56.72 -1.77 36.62
CA HIS B 274 57.95 -0.98 36.68
C HIS B 274 57.98 -0.14 37.95
N LEU B 275 56.87 0.47 38.32
CA LEU B 275 56.85 1.27 39.55
C LEU B 275 57.25 0.43 40.76
N GLY B 276 56.89 -0.85 40.77
CA GLY B 276 57.29 -1.76 41.82
C GLY B 276 56.24 -1.88 42.91
N TRP B 277 56.26 -3.03 43.59
CA TRP B 277 55.28 -3.29 44.63
C TRP B 277 55.58 -2.51 45.91
N ARG B 278 56.86 -2.30 46.22
CA ARG B 278 57.21 -1.60 47.45
C ARG B 278 56.68 -0.18 47.44
N LYS B 279 56.79 0.52 46.31
CA LYS B 279 56.25 1.86 46.21
C LYS B 279 54.73 1.86 46.30
N ILE B 280 54.09 0.91 45.61
CA ILE B 280 52.63 0.86 45.60
C ILE B 280 52.10 0.62 47.01
N LYS B 281 52.78 -0.22 47.78
CA LYS B 281 52.30 -0.53 49.12
C LYS B 281 52.21 0.74 49.97
N LEU B 282 53.21 1.60 49.88
CA LEU B 282 53.21 2.86 50.62
C LEU B 282 52.64 3.98 49.76
N SER C 19 39.76 18.34 54.49
CA SER C 19 39.80 17.75 53.16
C SER C 19 38.81 18.43 52.23
N THR C 20 39.06 19.72 51.95
CA THR C 20 38.18 20.49 51.08
C THR C 20 38.69 20.58 49.64
N MET C 21 40.00 20.44 49.43
CA MET C 21 40.53 20.54 48.07
C MET C 21 40.07 19.35 47.23
N ILE C 22 40.16 18.15 47.80
CA ILE C 22 39.73 16.96 47.06
C ILE C 22 38.24 17.05 46.75
N GLY C 23 37.45 17.65 47.64
CA GLY C 23 36.04 17.82 47.34
C GLY C 23 35.82 18.64 46.10
N ARG C 24 36.50 19.78 46.00
CA ARG C 24 36.35 20.63 44.82
C ARG C 24 36.87 19.92 43.57
N ILE C 25 37.97 19.20 43.70
CA ILE C 25 38.53 18.49 42.55
C ILE C 25 37.52 17.47 42.03
N LEU C 26 36.98 16.64 42.92
CA LEU C 26 36.01 15.64 42.50
C LEU C 26 34.76 16.30 41.94
N LEU C 27 34.32 17.42 42.53
CA LEU C 27 33.12 18.09 42.03
C LEU C 27 33.33 18.56 40.61
N THR C 28 34.47 19.20 40.33
CA THR C 28 34.75 19.66 38.98
C THR C 28 34.81 18.50 38.01
N VAL C 29 35.49 17.41 38.40
CA VAL C 29 35.61 16.27 37.50
C VAL C 29 34.23 15.68 37.19
N VAL C 30 33.38 15.56 38.21
CA VAL C 30 32.06 14.99 38.01
C VAL C 30 31.22 15.87 37.10
N VAL C 31 31.29 17.19 37.30
CA VAL C 31 30.52 18.10 36.47
C VAL C 31 30.94 17.96 35.01
N ILE C 32 32.26 17.94 34.76
CA ILE C 32 32.74 17.80 33.40
C ILE C 32 32.30 16.47 32.80
N PHE C 33 32.38 15.40 33.60
CA PHE C 33 31.98 14.08 33.12
C PHE C 33 30.51 14.08 32.70
N ARG C 34 29.64 14.63 33.54
CA ARG C 34 28.21 14.66 33.20
C ARG C 34 27.97 15.45 31.93
N ILE C 35 28.60 16.62 31.82
CA ILE C 35 28.40 17.45 30.63
C ILE C 35 28.83 16.70 29.38
N LEU C 36 30.00 16.06 29.43
CA LEU C 36 30.50 15.35 28.26
C LEU C 36 29.57 14.22 27.86
N ILE C 37 29.15 13.41 28.84
CA ILE C 37 28.29 12.28 28.53
C ILE C 37 27.01 12.75 27.86
N VAL C 38 26.35 13.74 28.47
CA VAL C 38 25.10 14.23 27.89
C VAL C 38 25.36 14.74 26.48
N ALA C 39 26.32 15.66 26.33
CA ALA C 39 26.54 16.30 25.04
C ALA C 39 26.88 15.30 23.96
N ILE C 40 27.49 14.17 24.30
CA ILE C 40 27.94 13.25 23.27
C ILE C 40 26.87 12.22 22.91
N VAL C 41 26.12 11.69 23.88
CA VAL C 41 25.22 10.57 23.59
C VAL C 41 23.74 10.90 23.70
N GLY C 42 23.36 11.93 24.46
CA GLY C 42 21.94 12.13 24.73
C GLY C 42 21.12 12.32 23.48
N GLU C 43 21.59 13.19 22.57
CA GLU C 43 20.82 13.47 21.37
C GLU C 43 20.65 12.21 20.52
N THR C 44 21.71 11.41 20.40
CA THR C 44 21.62 10.20 19.58
C THR C 44 20.65 9.19 20.18
N VAL C 45 20.64 9.05 21.51
CA VAL C 45 19.77 8.05 22.12
C VAL C 45 18.31 8.36 21.84
N TYR C 46 17.91 9.63 21.97
CA TYR C 46 16.51 10.03 21.87
C TYR C 46 16.15 10.58 20.50
N ASP C 47 16.84 10.14 19.45
CA ASP C 47 16.60 10.72 18.13
C ASP C 47 15.25 10.28 17.57
N ASP C 48 14.96 8.98 17.62
CA ASP C 48 13.77 8.42 16.99
C ASP C 48 12.71 8.03 18.02
N GLU C 49 12.57 8.84 19.07
CA GLU C 49 11.61 8.53 20.11
C GLU C 49 10.18 8.49 19.57
N GLN C 50 9.85 9.43 18.69
CA GLN C 50 8.47 9.53 18.20
C GLN C 50 8.23 8.75 16.92
N THR C 51 9.23 8.64 16.05
CA THR C 51 9.03 7.91 14.79
C THR C 51 8.87 6.41 15.04
N MET C 52 9.50 5.88 16.08
CA MET C 52 9.41 4.47 16.41
C MET C 52 8.37 4.16 17.47
N PHE C 53 7.61 5.16 17.91
CA PHE C 53 6.52 4.95 18.85
C PHE C 53 5.27 4.60 18.07
N VAL C 54 4.72 3.41 18.32
CA VAL C 54 3.63 2.87 17.53
C VAL C 54 2.52 2.39 18.46
N CYS C 55 1.28 2.67 18.09
CA CYS C 55 0.10 2.23 18.82
C CYS C 55 -0.70 1.27 17.96
N ASN C 56 -1.40 0.35 18.63
CA ASN C 56 -2.18 -0.68 17.94
C ASN C 56 -3.59 -0.13 17.70
N THR C 57 -3.76 0.57 16.58
CA THR C 57 -5.04 1.18 16.25
C THR C 57 -5.00 1.65 14.81
N LEU C 58 -6.17 2.03 14.30
CA LEU C 58 -6.31 2.61 12.98
C LEU C 58 -6.77 4.05 13.01
N GLN C 59 -6.99 4.62 14.19
CA GLN C 59 -7.52 5.96 14.30
C GLN C 59 -6.43 6.99 13.99
N PRO C 60 -6.62 7.87 13.02
CA PRO C 60 -5.63 8.94 12.80
C PRO C 60 -5.52 9.83 14.03
N GLY C 61 -4.28 10.22 14.35
CA GLY C 61 -4.03 11.12 15.44
C GLY C 61 -3.89 10.47 16.80
N CYS C 62 -4.14 9.17 16.91
CA CYS C 62 -3.98 8.50 18.21
C CYS C 62 -2.51 8.43 18.61
N ASN C 63 -1.62 8.23 17.64
CA ASN C 63 -0.20 8.14 17.95
C ASN C 63 0.30 9.43 18.58
N GLN C 64 -0.05 10.58 18.00
CA GLN C 64 0.42 11.86 18.52
C GLN C 64 -0.06 12.07 19.94
N ALA C 65 -1.36 11.90 20.18
CA ALA C 65 -1.90 12.14 21.50
C ALA C 65 -1.30 11.20 22.54
N CYS C 66 -1.20 9.91 22.20
CA CYS C 66 -0.70 8.96 23.17
C CYS C 66 0.77 9.20 23.47
N TYR C 67 1.58 9.53 22.45
CA TYR C 67 2.98 9.85 22.72
C TYR C 67 3.09 11.10 23.58
N ASP C 68 2.29 12.13 23.30
CA ASP C 68 2.36 13.34 24.09
C ASP C 68 2.00 13.06 25.55
N ARG C 69 0.99 12.22 25.79
CA ARG C 69 0.63 11.89 27.17
C ARG C 69 1.71 11.06 27.84
N ALA C 70 2.35 10.15 27.09
CA ALA C 70 3.33 9.26 27.70
C ALA C 70 4.59 10.01 28.12
N PHE C 71 5.07 10.91 27.26
CA PHE C 71 6.33 11.63 27.49
C PHE C 71 6.08 13.12 27.34
N PRO C 72 5.52 13.77 28.38
CA PRO C 72 5.28 15.21 28.27
C PRO C 72 6.51 16.01 27.96
N ILE C 73 7.64 15.65 28.57
CA ILE C 73 8.92 16.30 28.32
C ILE C 73 9.98 15.23 28.18
N SER C 74 10.80 15.32 27.13
CA SER C 74 11.85 14.35 26.92
C SER C 74 12.92 14.48 28.01
N HIS C 75 13.56 13.36 28.33
CA HIS C 75 14.59 13.37 29.38
C HIS C 75 15.73 14.31 29.01
N ILE C 76 16.15 14.29 27.76
CA ILE C 76 17.35 14.99 27.35
C ILE C 76 17.20 16.48 27.57
N ARG C 77 16.03 17.04 27.24
CA ARG C 77 15.82 18.47 27.42
C ARG C 77 15.81 18.84 28.89
N TYR C 78 15.20 18.00 29.73
CA TYR C 78 15.22 18.25 31.16
C TYR C 78 16.66 18.28 31.68
N TRP C 79 17.49 17.34 31.22
CA TRP C 79 18.86 17.30 31.69
C TRP C 79 19.66 18.50 31.20
N VAL C 80 19.43 18.93 29.97
CA VAL C 80 20.13 20.11 29.46
C VAL C 80 19.76 21.33 30.29
N PHE C 81 18.47 21.51 30.54
CA PHE C 81 18.02 22.63 31.38
C PHE C 81 18.67 22.55 32.76
N GLN C 82 18.72 21.36 33.34
CA GLN C 82 19.33 21.20 34.66
C GLN C 82 20.79 21.61 34.63
N ILE C 83 21.53 21.19 33.60
CA ILE C 83 22.95 21.49 33.53
C ILE C 83 23.17 22.99 33.45
N ILE C 84 22.44 23.66 32.56
CA ILE C 84 22.63 25.10 32.42
C ILE C 84 22.26 25.83 33.71
N MET C 85 21.13 25.45 34.31
CA MET C 85 20.69 26.13 35.53
C MET C 85 21.70 25.93 36.66
N VAL C 86 22.24 24.72 36.79
CA VAL C 86 23.21 24.47 37.85
C VAL C 86 24.49 25.25 37.59
N CYS C 87 24.88 25.42 36.33
CA CYS C 87 26.09 26.18 36.03
C CYS C 87 25.91 27.68 36.19
N THR C 88 24.67 28.18 36.19
CA THR C 88 24.44 29.62 36.24
C THR C 88 25.15 30.33 37.37
N PRO C 89 25.07 29.88 38.64
CA PRO C 89 25.69 30.66 39.72
C PRO C 89 27.17 30.91 39.55
N SER C 90 27.91 29.93 39.02
CA SER C 90 29.32 30.14 38.75
C SER C 90 29.53 31.25 37.72
N LEU C 91 28.69 31.29 36.69
CA LEU C 91 28.75 32.37 35.71
C LEU C 91 28.49 33.71 36.38
N CYS C 92 27.49 33.77 37.26
CA CYS C 92 27.21 35.02 37.96
C CYS C 92 28.41 35.48 38.77
N PHE C 93 29.03 34.55 39.50
CA PHE C 93 30.20 34.91 40.30
C PHE C 93 31.34 35.38 39.42
N ILE C 94 31.58 34.70 38.30
CA ILE C 94 32.69 35.06 37.42
C ILE C 94 32.48 36.46 36.85
N THR C 95 31.26 36.74 36.38
CA THR C 95 31.00 38.06 35.81
C THR C 95 31.04 39.15 36.88
N TYR C 96 30.61 38.84 38.11
CA TYR C 96 30.76 39.81 39.18
C TYR C 96 32.22 40.11 39.46
N SER C 97 33.06 39.07 39.46
CA SER C 97 34.49 39.29 39.66
C SER C 97 35.07 40.14 38.54
N VAL C 98 34.66 39.89 37.30
CA VAL C 98 35.15 40.70 36.19
C VAL C 98 34.72 42.14 36.35
N HIS C 99 33.47 42.36 36.75
CA HIS C 99 32.98 43.72 36.96
C HIS C 99 33.76 44.42 38.07
N GLN C 100 34.09 43.69 39.14
CA GLN C 100 34.78 44.31 40.26
C GLN C 100 36.14 44.88 39.86
N SER C 101 36.74 44.35 38.80
CA SER C 101 38.03 44.80 38.32
C SER C 101 37.85 45.49 36.97
N ALA C 102 38.30 46.73 36.88
CA ALA C 102 38.19 47.50 35.64
C ALA C 102 36.71 47.63 35.23
N GLY C 194 34.24 41.54 50.39
CA GLY C 194 33.69 41.74 49.06
C GLY C 194 33.42 40.44 48.33
N ILE C 195 34.47 39.89 47.71
CA ILE C 195 34.35 38.63 47.00
C ILE C 195 34.32 37.43 47.93
N SER C 196 34.66 37.62 49.21
CA SER C 196 34.65 36.52 50.17
C SER C 196 33.27 36.25 50.75
N ARG C 197 32.27 37.08 50.43
CA ARG C 197 30.90 36.88 50.90
C ARG C 197 30.00 36.32 49.81
N PHE C 198 30.13 36.81 48.57
CA PHE C 198 29.33 36.28 47.47
C PHE C 198 29.52 34.78 47.32
N TYR C 199 30.69 34.27 47.69
CA TYR C 199 30.98 32.85 47.51
C TYR C 199 30.02 31.98 48.32
N ILE C 200 29.72 32.39 49.55
CA ILE C 200 28.84 31.60 50.41
C ILE C 200 27.44 31.52 49.81
N ILE C 201 26.90 32.66 49.36
CA ILE C 201 25.58 32.65 48.77
C ILE C 201 25.57 31.83 47.49
N GLN C 202 26.64 31.91 46.71
CA GLN C 202 26.73 31.09 45.51
C GLN C 202 26.67 29.61 45.87
N VAL C 203 27.40 29.20 46.90
CA VAL C 203 27.39 27.79 47.30
C VAL C 203 25.99 27.38 47.76
N VAL C 204 25.32 28.23 48.54
CA VAL C 204 24.00 27.89 49.03
C VAL C 204 23.02 27.71 47.87
N PHE C 205 23.06 28.64 46.92
CA PHE C 205 22.16 28.55 45.78
C PHE C 205 22.45 27.30 44.94
N ARG C 206 23.73 26.98 44.75
CA ARG C 206 24.06 25.77 44.02
C ARG C 206 23.50 24.53 44.71
N ASN C 207 23.65 24.44 46.03
CA ASN C 207 23.10 23.31 46.77
C ASN C 207 21.60 23.21 46.57
N ALA C 208 20.89 24.34 46.73
CA ALA C 208 19.44 24.33 46.61
C ALA C 208 19.01 23.88 45.21
N LEU C 209 19.67 24.42 44.18
CA LEU C 209 19.29 24.06 42.81
C LEU C 209 19.52 22.57 42.56
N GLU C 210 20.65 22.04 43.01
CA GLU C 210 20.94 20.64 42.76
C GLU C 210 19.90 19.74 43.44
N ILE C 211 19.59 20.03 44.70
CA ILE C 211 18.62 19.20 45.41
C ILE C 211 17.26 19.28 44.74
N GLY C 212 16.85 20.50 44.36
CA GLY C 212 15.56 20.65 43.72
C GLY C 212 15.46 19.88 42.41
N PHE C 213 16.51 19.95 41.60
CA PHE C 213 16.48 19.24 40.32
C PHE C 213 16.45 17.73 40.52
N LEU C 214 17.20 17.22 41.50
CA LEU C 214 17.16 15.78 41.76
C LEU C 214 15.75 15.34 42.17
N VAL C 215 15.13 16.08 43.08
CA VAL C 215 13.79 15.71 43.54
C VAL C 215 12.81 15.79 42.38
N GLY C 216 12.93 16.84 41.56
CA GLY C 216 12.03 16.98 40.42
C GLY C 216 12.17 15.83 39.44
N GLN C 217 13.40 15.41 39.16
CA GLN C 217 13.59 14.27 38.28
C GLN C 217 12.92 13.03 38.83
N TYR C 218 13.11 12.77 40.14
CA TYR C 218 12.48 11.59 40.71
C TYR C 218 10.97 11.66 40.57
N PHE C 219 10.37 12.80 40.88
CA PHE C 219 8.92 12.90 40.84
C PHE C 219 8.36 12.93 39.42
N LEU C 220 9.18 13.28 38.43
CA LEU C 220 8.71 13.33 37.06
C LEU C 220 8.81 11.98 36.36
N TYR C 221 9.96 11.30 36.47
CA TYR C 221 10.23 10.14 35.64
C TYR C 221 10.32 8.82 36.39
N GLY C 222 10.47 8.83 37.71
CA GLY C 222 10.63 7.57 38.40
C GLY C 222 12.00 6.98 38.17
N PHE C 223 12.07 5.64 38.16
CA PHE C 223 13.34 4.94 38.02
C PHE C 223 13.38 3.99 36.83
N SER C 224 12.33 3.93 36.01
CA SER C 224 12.33 3.01 34.88
C SER C 224 11.40 3.53 33.80
N VAL C 225 11.61 3.04 32.58
CA VAL C 225 10.79 3.36 31.42
C VAL C 225 10.10 2.08 30.98
N PRO C 226 8.80 1.91 31.24
CA PRO C 226 8.14 0.66 30.86
C PRO C 226 8.07 0.50 29.34
N GLY C 227 8.03 -0.77 28.91
CA GLY C 227 7.97 -1.07 27.49
C GLY C 227 6.60 -0.97 26.88
N LEU C 228 5.55 -0.93 27.71
CA LEU C 228 4.18 -0.81 27.24
C LEU C 228 3.53 0.41 27.88
N TYR C 229 2.57 1.00 27.17
CA TYR C 229 1.81 2.12 27.70
C TYR C 229 0.34 1.92 27.35
N GLU C 230 -0.54 2.25 28.29
CA GLU C 230 -1.98 2.16 28.09
C GLU C 230 -2.53 3.57 28.00
N CYS C 231 -3.14 3.89 26.87
CA CYS C 231 -3.52 5.26 26.53
C CYS C 231 -5.02 5.32 26.31
N ASN C 232 -5.67 6.33 26.89
CA ASN C 232 -7.12 6.52 26.75
C ASN C 232 -7.45 7.98 26.51
N ARG C 233 -6.68 8.63 25.64
CA ARG C 233 -6.87 10.04 25.33
C ARG C 233 -7.55 10.19 23.96
N TYR C 234 -8.42 11.18 23.85
CA TYR C 234 -9.07 11.44 22.58
C TYR C 234 -8.01 11.73 21.52
N PRO C 235 -8.19 11.27 20.27
CA PRO C 235 -9.33 10.58 19.68
C PRO C 235 -9.32 9.06 19.81
N CYS C 236 -8.39 8.48 20.56
CA CYS C 236 -8.35 7.03 20.69
C CYS C 236 -9.62 6.53 21.34
N ILE C 237 -10.09 5.37 20.87
CA ILE C 237 -11.37 4.81 21.31
C ILE C 237 -11.11 3.91 22.52
N LYS C 238 -11.73 4.23 23.64
CA LYS C 238 -11.60 3.45 24.88
C LYS C 238 -10.11 3.39 25.22
N GLU C 239 -9.54 2.21 25.44
CA GLU C 239 -8.13 2.06 25.80
C GLU C 239 -7.38 1.42 24.65
N VAL C 240 -6.16 1.91 24.39
CA VAL C 240 -5.28 1.34 23.38
C VAL C 240 -3.92 1.09 24.01
N GLU C 241 -3.16 0.23 23.37
CA GLU C 241 -1.84 -0.17 23.84
C GLU C 241 -0.78 0.35 22.87
N CYS C 242 0.25 0.98 23.41
CA CYS C 242 1.32 1.56 22.63
C CYS C 242 2.66 1.03 23.12
N TYR C 243 3.65 1.02 22.24
CA TYR C 243 4.93 0.37 22.48
C TYR C 243 6.06 1.39 22.35
N VAL C 244 7.00 1.35 23.28
CA VAL C 244 8.05 2.34 23.40
C VAL C 244 9.30 1.84 22.69
N SER C 245 10.20 2.77 22.38
CA SER C 245 11.44 2.48 21.68
C SER C 245 12.63 2.55 22.64
N ARG C 246 13.47 1.52 22.63
CA ARG C 246 14.65 1.43 23.47
C ARG C 246 14.34 1.73 24.95
N PRO C 247 13.42 1.00 25.56
CA PRO C 247 13.16 1.22 27.00
C PRO C 247 14.37 0.96 27.88
N THR C 248 15.18 -0.05 27.55
CA THR C 248 16.26 -0.45 28.44
C THR C 248 17.39 0.57 28.45
N GLU C 249 17.77 1.07 27.28
CA GLU C 249 18.81 2.08 27.22
C GLU C 249 18.38 3.33 27.98
N LYS C 250 17.12 3.73 27.82
CA LYS C 250 16.62 4.90 28.53
C LYS C 250 16.60 4.67 30.03
N THR C 251 16.25 3.46 30.48
CA THR C 251 16.31 3.16 31.90
C THR C 251 17.73 3.28 32.43
N VAL C 252 18.70 2.74 31.70
CA VAL C 252 20.10 2.82 32.12
C VAL C 252 20.53 4.28 32.21
N PHE C 253 20.18 5.07 31.19
CA PHE C 253 20.55 6.49 31.20
C PHE C 253 19.94 7.21 32.39
N LEU C 254 18.67 6.93 32.68
CA LEU C 254 17.99 7.57 33.81
C LEU C 254 18.71 7.26 35.12
N VAL C 255 19.02 5.98 35.35
CA VAL C 255 19.66 5.60 36.60
C VAL C 255 21.05 6.21 36.71
N PHE C 256 21.80 6.22 35.61
CA PHE C 256 23.15 6.78 35.65
C PHE C 256 23.11 8.27 35.96
N MET C 257 22.19 9.01 35.34
CA MET C 257 22.09 10.43 35.62
C MET C 257 21.68 10.69 37.06
N PHE C 258 20.77 9.88 37.59
CA PHE C 258 20.39 10.02 38.99
C PHE C 258 21.59 9.80 39.91
N ALA C 259 22.39 8.78 39.63
CA ALA C 259 23.56 8.53 40.48
C ALA C 259 24.55 9.68 40.43
N VAL C 260 24.82 10.20 39.23
CA VAL C 260 25.77 11.32 39.12
C VAL C 260 25.25 12.54 39.88
N SER C 261 23.97 12.84 39.73
CA SER C 261 23.40 13.98 40.44
C SER C 261 23.49 13.78 41.95
N GLY C 262 23.27 12.55 42.42
CA GLY C 262 23.40 12.29 43.85
C GLY C 262 24.82 12.52 44.35
N ILE C 263 25.82 12.08 43.57
CA ILE C 263 27.19 12.32 43.96
C ILE C 263 27.47 13.82 44.05
N CYS C 264 26.98 14.58 43.06
CA CYS C 264 27.16 16.03 43.10
C CYS C 264 26.52 16.63 44.33
N VAL C 265 25.31 16.17 44.68
CA VAL C 265 24.63 16.69 45.86
C VAL C 265 25.45 16.42 47.11
N VAL C 266 25.99 15.21 47.23
CA VAL C 266 26.77 14.86 48.42
C VAL C 266 27.99 15.76 48.53
N LEU C 267 28.70 15.95 47.42
CA LEU C 267 29.90 16.78 47.46
C LEU C 267 29.55 18.22 47.82
N ASN C 268 28.46 18.76 47.26
CA ASN C 268 28.06 20.12 47.57
C ASN C 268 27.70 20.26 49.05
N LEU C 269 27.00 19.27 49.59
CA LEU C 269 26.67 19.31 51.01
C LEU C 269 27.93 19.27 51.87
N ALA C 270 28.90 18.45 51.48
CA ALA C 270 30.16 18.40 52.23
C ALA C 270 30.83 19.76 52.22
N GLU C 271 30.89 20.43 51.07
CA GLU C 271 31.50 21.74 50.99
C GLU C 271 30.76 22.73 51.89
N LEU C 272 29.43 22.74 51.82
CA LEU C 272 28.66 23.67 52.62
C LEU C 272 28.89 23.43 54.11
N ASN C 273 28.92 22.17 54.53
CA ASN C 273 29.20 21.87 55.93
C ASN C 273 30.61 22.33 56.31
N HIS C 274 31.59 22.15 55.42
CA HIS C 274 32.93 22.62 55.73
C HIS C 274 32.94 24.12 55.97
N LEU C 275 32.22 24.89 55.17
CA LEU C 275 32.18 26.33 55.39
C LEU C 275 31.67 26.66 56.78
N GLY C 276 30.73 25.87 57.29
CA GLY C 276 30.24 26.06 58.64
C GLY C 276 28.96 26.85 58.69
N TRP C 277 28.16 26.61 59.74
CA TRP C 277 26.88 27.30 59.87
C TRP C 277 27.04 28.75 60.30
N ARG C 278 28.05 29.04 61.13
CA ARG C 278 28.23 30.40 61.62
C ARG C 278 28.53 31.35 60.47
N LYS C 279 29.38 30.94 59.52
CA LYS C 279 29.68 31.78 58.38
C LYS C 279 28.44 31.97 57.50
N ILE C 280 27.68 30.89 57.31
CA ILE C 280 26.48 30.97 56.48
C ILE C 280 25.49 31.96 57.08
N LYS C 281 25.32 31.93 58.40
CA LYS C 281 24.40 32.86 59.04
C LYS C 281 24.82 34.30 58.78
N LEU C 282 26.12 34.58 58.88
CA LEU C 282 26.65 35.92 58.62
C LEU C 282 27.02 36.08 57.16
N SER D 19 21.89 49.98 43.53
CA SER D 19 22.00 48.58 43.14
C SER D 19 21.85 48.43 41.63
N THR D 20 22.72 49.10 40.88
CA THR D 20 22.72 49.02 39.43
C THR D 20 23.68 47.99 38.87
N MET D 21 24.82 47.75 39.54
CA MET D 21 25.75 46.75 39.05
C MET D 21 25.12 45.36 39.06
N ILE D 22 24.39 45.01 40.12
CA ILE D 22 23.73 43.71 40.16
C ILE D 22 22.72 43.60 39.03
N GLY D 23 22.06 44.71 38.70
CA GLY D 23 21.14 44.68 37.58
C GLY D 23 21.81 44.26 36.28
N ARG D 24 22.96 44.85 35.98
CA ARG D 24 23.68 44.49 34.76
C ARG D 24 24.20 43.06 34.82
N ILE D 25 24.66 42.62 36.00
CA ILE D 25 25.15 41.25 36.13
C ILE D 25 24.03 40.27 35.82
N LEU D 26 22.87 40.46 36.46
CA LEU D 26 21.74 39.56 36.23
C LEU D 26 21.28 39.63 34.77
N LEU D 27 21.27 40.83 34.20
CA LEU D 27 20.83 40.97 32.81
C LEU D 27 21.73 40.18 31.88
N THR D 28 23.05 40.30 32.05
CA THR D 28 23.97 39.55 31.21
C THR D 28 23.78 38.05 31.39
N VAL D 29 23.64 37.60 32.64
CA VAL D 29 23.47 36.16 32.88
C VAL D 29 22.20 35.66 32.21
N VAL D 30 21.10 36.41 32.34
CA VAL D 30 19.84 35.98 31.76
C VAL D 30 19.92 35.95 30.24
N VAL D 31 20.56 36.94 29.63
CA VAL D 31 20.68 36.95 28.17
C VAL D 31 21.45 35.74 27.70
N ILE D 32 22.58 35.44 28.37
CA ILE D 32 23.37 34.28 27.97
C ILE D 32 22.56 32.99 28.15
N PHE D 33 21.82 32.89 29.26
CA PHE D 33 21.01 31.71 29.52
C PHE D 33 19.99 31.50 28.40
N ARG D 34 19.28 32.55 28.02
CA ARG D 34 18.28 32.44 26.98
C ARG D 34 18.91 32.00 25.66
N ILE D 35 20.03 32.63 25.30
CA ILE D 35 20.69 32.29 24.04
C ILE D 35 21.10 30.82 24.04
N LEU D 36 21.69 30.36 25.14
CA LEU D 36 22.13 28.97 25.20
C LEU D 36 20.96 28.01 25.07
N ILE D 37 19.89 28.25 25.83
CA ILE D 37 18.75 27.35 25.79
C ILE D 37 18.19 27.25 24.38
N VAL D 38 17.95 28.41 23.75
CA VAL D 38 17.42 28.38 22.38
C VAL D 38 18.37 27.62 21.47
N ALA D 39 19.63 28.05 21.42
CA ALA D 39 20.57 27.47 20.46
C ALA D 39 20.72 25.96 20.65
N ILE D 40 20.50 25.46 21.86
CA ILE D 40 20.76 24.05 22.09
C ILE D 40 19.52 23.19 21.85
N VAL D 41 18.32 23.63 22.25
CA VAL D 41 17.16 22.74 22.18
C VAL D 41 16.11 23.16 21.16
N GLY D 42 16.07 24.43 20.74
CA GLY D 42 14.95 24.88 19.92
C GLY D 42 14.83 24.11 18.62
N GLU D 43 15.94 23.94 17.91
CA GLU D 43 15.89 23.26 16.62
C GLU D 43 15.42 21.82 16.77
N THR D 44 15.89 21.13 17.80
CA THR D 44 15.50 19.74 17.98
C THR D 44 14.03 19.62 18.34
N VAL D 45 13.50 20.53 19.15
CA VAL D 45 12.10 20.42 19.56
C VAL D 45 11.18 20.55 18.34
N TYR D 46 11.47 21.49 17.45
CA TYR D 46 10.59 21.81 16.33
C TYR D 46 11.07 21.19 15.02
N ASP D 47 11.63 19.98 15.09
CA ASP D 47 12.18 19.36 13.88
C ASP D 47 11.11 18.74 13.01
N ASP D 48 10.23 17.93 13.61
CA ASP D 48 9.22 17.18 12.87
C ASP D 48 7.84 17.82 13.02
N GLU D 49 7.79 19.15 13.04
CA GLU D 49 6.51 19.83 13.22
C GLU D 49 5.56 19.52 12.09
N GLN D 50 6.05 19.49 10.85
CA GLN D 50 5.20 19.29 9.69
C GLN D 50 5.05 17.84 9.29
N THR D 51 6.09 17.02 9.50
CA THR D 51 6.00 15.62 9.11
C THR D 51 5.04 14.85 10.00
N MET D 52 4.92 15.23 11.26
CA MET D 52 4.03 14.56 12.20
C MET D 52 2.67 15.25 12.33
N PHE D 53 2.43 16.31 11.57
CA PHE D 53 1.13 16.97 11.54
C PHE D 53 0.23 16.24 10.56
N VAL D 54 -0.88 15.69 11.05
CA VAL D 54 -1.75 14.83 10.26
C VAL D 54 -3.18 15.32 10.40
N CYS D 55 -3.91 15.32 9.28
CA CYS D 55 -5.32 15.67 9.24
C CYS D 55 -6.14 14.45 8.83
N ASN D 56 -7.38 14.41 9.30
CA ASN D 56 -8.28 13.29 9.04
C ASN D 56 -9.03 13.56 7.73
N THR D 57 -8.42 13.21 6.61
CA THR D 57 -9.02 13.45 5.31
C THR D 57 -8.26 12.66 4.26
N LEU D 58 -8.84 12.59 3.06
CA LEU D 58 -8.20 11.97 1.92
C LEU D 58 -7.85 12.97 0.83
N GLN D 59 -8.17 14.25 1.02
CA GLN D 59 -7.95 15.25 -0.01
C GLN D 59 -6.47 15.58 -0.10
N PRO D 60 -5.84 15.45 -1.26
CA PRO D 60 -4.45 15.90 -1.39
C PRO D 60 -4.34 17.41 -1.16
N GLY D 61 -3.27 17.81 -0.48
CA GLY D 61 -3.01 19.21 -0.24
C GLY D 61 -3.69 19.80 0.97
N CYS D 62 -4.57 19.05 1.65
CA CYS D 62 -5.21 19.58 2.84
C CYS D 62 -4.23 19.73 3.99
N ASN D 63 -3.28 18.79 4.10
CA ASN D 63 -2.30 18.86 5.17
C ASN D 63 -1.48 20.14 5.08
N GLN D 64 -0.99 20.47 3.89
CA GLN D 64 -0.15 21.65 3.73
C GLN D 64 -0.92 22.91 4.10
N ALA D 65 -2.12 23.07 3.56
CA ALA D 65 -2.89 24.28 3.82
C ALA D 65 -3.25 24.40 5.29
N CYS D 66 -3.69 23.31 5.91
CA CYS D 66 -4.10 23.39 7.30
C CYS D 66 -2.91 23.65 8.22
N TYR D 67 -1.75 23.03 7.93
CA TYR D 67 -0.58 23.33 8.74
C TYR D 67 -0.17 24.79 8.58
N ASP D 68 -0.20 25.31 7.35
CA ASP D 68 0.19 26.70 7.13
C ASP D 68 -0.73 27.64 7.89
N ARG D 69 -2.04 27.37 7.87
CA ARG D 69 -2.96 28.22 8.62
C ARG D 69 -2.75 28.10 10.12
N ALA D 70 -2.45 26.89 10.61
CA ALA D 70 -2.32 26.70 12.05
C ALA D 70 -1.09 27.40 12.60
N PHE D 71 0.04 27.32 11.90
CA PHE D 71 1.32 27.86 12.37
C PHE D 71 1.91 28.73 11.27
N PRO D 72 1.43 29.98 11.14
CA PRO D 72 2.00 30.85 10.09
C PRO D 72 3.49 31.05 10.22
N ILE D 73 3.99 31.18 11.45
CA ILE D 73 5.43 31.32 11.70
C ILE D 73 5.77 30.43 12.89
N SER D 74 6.81 29.61 12.73
CA SER D 74 7.23 28.75 13.82
C SER D 74 7.79 29.57 14.97
N HIS D 75 7.65 29.05 16.19
CA HIS D 75 8.11 29.78 17.35
C HIS D 75 9.62 30.03 17.28
N ILE D 76 10.37 29.05 16.80
CA ILE D 76 11.83 29.12 16.87
C ILE D 76 12.35 30.27 16.01
N ARG D 77 11.78 30.45 14.82
CA ARG D 77 12.20 31.56 13.96
C ARG D 77 11.95 32.89 14.65
N TYR D 78 10.77 33.03 15.27
CA TYR D 78 10.44 34.27 15.96
C TYR D 78 11.43 34.54 17.09
N TRP D 79 11.77 33.51 17.86
CA TRP D 79 12.69 33.72 18.98
C TRP D 79 14.10 34.06 18.49
N VAL D 80 14.54 33.43 17.41
CA VAL D 80 15.86 33.77 16.87
C VAL D 80 15.89 35.23 16.41
N PHE D 81 14.84 35.64 15.68
CA PHE D 81 14.76 37.03 15.24
C PHE D 81 14.77 37.97 16.43
N GLN D 82 14.01 37.64 17.49
CA GLN D 82 13.96 38.48 18.67
C GLN D 82 15.34 38.61 19.31
N ILE D 83 16.07 37.50 19.41
CA ILE D 83 17.38 37.54 20.06
C ILE D 83 18.32 38.44 19.28
N ILE D 84 18.38 38.25 17.96
CA ILE D 84 19.31 39.06 17.17
C ILE D 84 18.94 40.53 17.25
N MET D 85 17.65 40.84 17.10
CA MET D 85 17.21 42.22 17.12
C MET D 85 17.51 42.88 18.46
N VAL D 86 17.29 42.15 19.56
CA VAL D 86 17.55 42.70 20.87
C VAL D 86 19.05 42.94 21.07
N CYS D 87 19.89 42.07 20.51
CA CYS D 87 21.33 42.26 20.66
C CYS D 87 21.89 43.36 19.75
N THR D 88 21.15 43.77 18.72
CA THR D 88 21.66 44.76 17.78
C THR D 88 22.18 46.04 18.43
N PRO D 89 21.46 46.69 19.35
CA PRO D 89 21.97 47.98 19.87
C PRO D 89 23.33 47.89 20.52
N SER D 90 23.62 46.78 21.22
CA SER D 90 24.95 46.62 21.79
C SER D 90 26.00 46.56 20.69
N LEU D 91 25.69 45.90 19.57
CA LEU D 91 26.61 45.87 18.45
C LEU D 91 26.84 47.28 17.90
N CYS D 92 25.76 48.07 17.77
CA CYS D 92 25.91 49.45 17.32
C CYS D 92 26.86 50.22 18.23
N PHE D 93 26.65 50.11 19.54
CA PHE D 93 27.49 50.83 20.48
C PHE D 93 28.94 50.37 20.39
N ILE D 94 29.15 49.06 20.29
CA ILE D 94 30.51 48.53 20.26
C ILE D 94 31.25 49.01 19.02
N THR D 95 30.59 48.96 17.86
CA THR D 95 31.25 49.40 16.64
C THR D 95 31.49 50.91 16.64
N TYR D 96 30.56 51.68 17.21
CA TYR D 96 30.80 53.12 17.34
C TYR D 96 32.01 53.40 18.22
N SER D 97 32.13 52.68 19.34
CA SER D 97 33.31 52.83 20.19
C SER D 97 34.58 52.44 19.45
N VAL D 98 34.53 51.35 18.69
CA VAL D 98 35.71 50.91 17.95
C VAL D 98 36.14 51.98 16.96
N HIS D 99 35.19 52.56 16.23
CA HIS D 99 35.55 53.61 15.29
C HIS D 99 36.11 54.82 16.02
N GLN D 100 35.52 55.18 17.16
CA GLN D 100 35.91 56.42 17.83
C GLN D 100 37.39 56.42 18.18
N SER D 101 38.00 55.24 18.28
CA SER D 101 39.43 55.11 18.50
C SER D 101 40.07 54.59 17.22
N ALA D 102 41.05 55.31 16.70
CA ALA D 102 41.73 54.94 15.46
C ALA D 102 40.72 54.88 14.32
N GLY D 194 30.56 62.46 24.73
CA GLY D 194 30.66 61.64 23.53
C GLY D 194 30.00 60.29 23.70
N ILE D 195 30.74 59.34 24.27
CA ILE D 195 30.21 58.01 24.51
C ILE D 195 29.29 57.95 25.71
N SER D 196 29.20 59.02 26.50
CA SER D 196 28.32 59.07 27.65
C SER D 196 26.88 59.41 27.28
N ARG D 197 26.62 59.78 26.04
CA ARG D 197 25.27 60.07 25.57
C ARG D 197 24.68 58.91 24.78
N PHE D 198 25.46 58.28 23.90
CA PHE D 198 24.97 57.15 23.12
C PHE D 198 24.43 56.06 24.03
N TYR D 199 24.98 55.92 25.24
CA TYR D 199 24.56 54.85 26.13
C TYR D 199 23.08 54.98 26.50
N ILE D 200 22.64 56.20 26.75
CA ILE D 200 21.24 56.41 27.16
C ILE D 200 20.30 56.01 26.03
N ILE D 201 20.60 56.44 24.81
CA ILE D 201 19.75 56.09 23.67
C ILE D 201 19.76 54.58 23.45
N GLN D 202 20.93 53.95 23.62
CA GLN D 202 21.00 52.50 23.51
C GLN D 202 20.07 51.83 24.51
N VAL D 203 20.09 52.31 25.75
CA VAL D 203 19.24 51.71 26.78
C VAL D 203 17.77 51.90 26.41
N VAL D 204 17.39 53.08 25.96
CA VAL D 204 16.00 53.35 25.62
C VAL D 204 15.54 52.42 24.50
N PHE D 205 16.37 52.29 23.46
CA PHE D 205 16.00 51.44 22.33
C PHE D 205 15.89 49.99 22.75
N ARG D 206 16.81 49.53 23.61
CA ARG D 206 16.72 48.15 24.10
C ARG D 206 15.43 47.92 24.85
N ASN D 207 15.05 48.86 25.72
CA ASN D 207 13.79 48.74 26.46
C ASN D 207 12.62 48.63 25.49
N ALA D 208 12.57 49.53 24.51
CA ALA D 208 11.45 49.54 23.57
C ALA D 208 11.37 48.23 22.80
N LEU D 209 12.52 47.75 22.30
CA LEU D 209 12.52 46.51 21.54
C LEU D 209 12.05 45.34 22.38
N GLU D 210 12.53 45.22 23.62
CA GLU D 210 12.14 44.11 24.46
C GLU D 210 10.64 44.12 24.72
N ILE D 211 10.10 45.29 25.08
CA ILE D 211 8.67 45.38 25.38
C ILE D 211 7.86 45.02 24.14
N GLY D 212 8.26 45.55 22.98
CA GLY D 212 7.53 45.27 21.76
C GLY D 212 7.52 43.79 21.42
N PHE D 213 8.68 43.14 21.55
CA PHE D 213 8.74 41.72 21.23
C PHE D 213 7.90 40.88 22.19
N LEU D 214 7.92 41.22 23.48
CA LEU D 214 7.08 40.49 24.42
C LEU D 214 5.60 40.62 24.06
N VAL D 215 5.15 41.84 23.79
CA VAL D 215 3.75 42.05 23.44
C VAL D 215 3.40 41.30 22.15
N GLY D 216 4.30 41.35 21.17
CA GLY D 216 4.05 40.66 19.93
C GLY D 216 3.92 39.16 20.12
N GLN D 217 4.79 38.58 20.95
CA GLN D 217 4.68 37.16 21.22
C GLN D 217 3.34 36.82 21.84
N TYR D 218 2.92 37.63 22.82
CA TYR D 218 1.62 37.35 23.45
C TYR D 218 0.49 37.39 22.42
N PHE D 219 0.50 38.42 21.57
CA PHE D 219 -0.60 38.56 20.62
C PHE D 219 -0.54 37.55 19.50
N LEU D 220 0.63 36.96 19.24
CA LEU D 220 0.77 36.00 18.15
C LEU D 220 0.43 34.57 18.59
N TYR D 221 0.96 34.14 19.74
CA TYR D 221 0.89 32.74 20.11
C TYR D 221 0.03 32.44 21.34
N GLY D 222 -0.32 33.44 22.14
CA GLY D 222 -1.06 33.13 23.35
C GLY D 222 -0.17 32.47 24.39
N PHE D 223 -0.78 31.60 25.19
CA PHE D 223 -0.08 30.93 26.28
C PHE D 223 -0.10 29.40 26.19
N SER D 224 -0.67 28.82 25.15
CA SER D 224 -0.73 27.37 25.04
C SER D 224 -0.84 26.97 23.59
N VAL D 225 -0.51 25.71 23.32
CA VAL D 225 -0.60 25.10 22.00
C VAL D 225 -1.65 23.99 22.08
N PRO D 226 -2.85 24.18 21.54
CA PRO D 226 -3.87 23.13 21.64
C PRO D 226 -3.48 21.89 20.85
N GLY D 227 -3.99 20.74 21.32
CA GLY D 227 -3.69 19.48 20.66
C GLY D 227 -4.53 19.17 19.45
N LEU D 228 -5.62 19.92 19.24
CA LEU D 228 -6.48 19.75 18.08
C LEU D 228 -6.63 21.07 17.35
N TYR D 229 -6.85 20.99 16.05
CA TYR D 229 -7.08 22.18 15.23
C TYR D 229 -8.23 21.92 14.29
N GLU D 230 -9.09 22.92 14.11
CA GLU D 230 -10.22 22.85 13.19
C GLU D 230 -9.92 23.72 11.99
N CYS D 231 -9.85 23.11 10.81
CA CYS D 231 -9.36 23.75 9.61
C CYS D 231 -10.44 23.74 8.54
N ASN D 232 -10.67 24.89 7.91
CA ASN D 232 -11.67 25.01 6.86
C ASN D 232 -11.11 25.80 5.68
N ARG D 233 -9.89 25.49 5.28
CA ARG D 233 -9.23 26.17 4.18
C ARG D 233 -9.24 25.30 2.93
N TYR D 234 -9.40 25.93 1.77
CA TYR D 234 -9.34 25.21 0.52
C TYR D 234 -7.98 24.51 0.39
N PRO D 235 -7.92 23.28 -0.15
CA PRO D 235 -8.97 22.48 -0.77
C PRO D 235 -9.76 21.59 0.18
N CYS D 236 -9.56 21.70 1.48
CA CYS D 236 -10.27 20.84 2.41
C CYS D 236 -11.77 21.08 2.30
N ILE D 237 -12.53 19.99 2.30
CA ILE D 237 -13.98 20.04 2.11
C ILE D 237 -14.64 20.36 3.44
N LYS D 238 -15.43 21.43 3.47
CA LYS D 238 -16.14 21.86 4.68
C LYS D 238 -15.11 22.05 5.79
N GLU D 239 -15.22 21.35 6.91
CA GLU D 239 -14.34 21.52 8.05
C GLU D 239 -13.73 20.19 8.45
N VAL D 240 -12.43 20.19 8.71
CA VAL D 240 -11.68 18.98 9.05
C VAL D 240 -10.94 19.20 10.36
N GLU D 241 -10.50 18.10 10.95
CA GLU D 241 -9.80 18.10 12.23
C GLU D 241 -8.38 17.61 12.03
N CYS D 242 -7.42 18.34 12.58
CA CYS D 242 -6.01 18.02 12.46
C CYS D 242 -5.39 17.95 13.84
N TYR D 243 -4.29 17.19 13.94
CA TYR D 243 -3.67 16.84 15.22
C TYR D 243 -2.24 17.32 15.24
N VAL D 244 -1.84 17.93 16.35
CA VAL D 244 -0.54 18.58 16.47
C VAL D 244 0.45 17.63 17.13
N SER D 245 1.73 17.93 16.97
CA SER D 245 2.82 17.11 17.49
C SER D 245 3.47 17.80 18.69
N ARG D 246 3.65 17.05 19.77
CA ARG D 246 4.27 17.54 21.00
C ARG D 246 3.66 18.86 21.47
N PRO D 247 2.35 18.92 21.67
CA PRO D 247 1.76 20.17 22.19
C PRO D 247 2.27 20.57 23.56
N THR D 248 2.51 19.62 24.45
CA THR D 248 2.88 19.95 25.83
C THR D 248 4.28 20.53 25.92
N GLU D 249 5.23 19.94 25.20
CA GLU D 249 6.59 20.48 25.21
C GLU D 249 6.61 21.89 24.66
N LYS D 250 5.84 22.14 23.59
CA LYS D 250 5.79 23.48 23.01
C LYS D 250 5.15 24.46 23.97
N THR D 251 4.11 24.03 24.70
CA THR D 251 3.52 24.92 25.70
C THR D 251 4.53 25.29 26.77
N VAL D 252 5.28 24.30 27.26
CA VAL D 252 6.28 24.57 28.29
C VAL D 252 7.33 25.54 27.76
N PHE D 253 7.80 25.32 26.53
CA PHE D 253 8.79 26.20 25.94
C PHE D 253 8.26 27.63 25.82
N LEU D 254 7.01 27.77 25.38
CA LEU D 254 6.40 29.08 25.24
C LEU D 254 6.37 29.82 26.57
N VAL D 255 5.89 29.13 27.62
CA VAL D 255 5.79 29.78 28.93
C VAL D 255 7.17 30.16 29.45
N PHE D 256 8.14 29.27 29.29
CA PHE D 256 9.49 29.56 29.79
C PHE D 256 10.08 30.78 29.09
N MET D 257 9.93 30.86 27.77
CA MET D 257 10.46 32.00 27.04
C MET D 257 9.76 33.29 27.46
N PHE D 258 8.44 33.23 27.68
CA PHE D 258 7.73 34.41 28.14
C PHE D 258 8.26 34.87 29.49
N ALA D 259 8.50 33.94 30.41
CA ALA D 259 9.00 34.32 31.73
C ALA D 259 10.39 34.96 31.63
N VAL D 260 11.27 34.37 30.83
CA VAL D 260 12.61 34.93 30.70
C VAL D 260 12.55 36.34 30.11
N SER D 261 11.73 36.53 29.07
CA SER D 261 11.59 37.84 28.48
C SER D 261 11.04 38.86 29.48
N GLY D 262 10.09 38.43 30.32
CA GLY D 262 9.58 39.33 31.34
C GLY D 262 10.64 39.75 32.34
N ILE D 263 11.49 38.80 32.75
CA ILE D 263 12.58 39.14 33.66
C ILE D 263 13.50 40.17 33.00
N CYS D 264 13.84 39.95 31.72
CA CYS D 264 14.68 40.90 31.02
C CYS D 264 14.05 42.28 30.98
N VAL D 265 12.74 42.34 30.71
CA VAL D 265 12.05 43.62 30.65
C VAL D 265 12.13 44.32 32.01
N VAL D 266 11.91 43.58 33.09
CA VAL D 266 11.94 44.19 34.41
C VAL D 266 13.32 44.76 34.70
N LEU D 267 14.37 44.01 34.40
CA LEU D 267 15.72 44.49 34.67
C LEU D 267 16.04 45.72 33.83
N ASN D 268 15.64 45.72 32.56
CA ASN D 268 15.88 46.88 31.71
C ASN D 268 15.16 48.11 32.23
N LEU D 269 13.91 47.94 32.67
CA LEU D 269 13.17 49.07 33.24
C LEU D 269 13.85 49.58 34.50
N ALA D 270 14.35 48.68 35.34
CA ALA D 270 15.06 49.11 36.54
C ALA D 270 16.28 49.95 36.18
N GLU D 271 17.06 49.50 35.19
CA GLU D 271 18.23 50.27 34.77
C GLU D 271 17.82 51.65 34.26
N LEU D 272 16.79 51.69 33.40
CA LEU D 272 16.37 52.97 32.85
C LEU D 272 15.91 53.91 33.95
N ASN D 273 15.16 53.40 34.92
CA ASN D 273 14.75 54.23 36.05
C ASN D 273 15.96 54.72 36.84
N HIS D 274 16.96 53.86 37.03
CA HIS D 274 18.15 54.29 37.75
C HIS D 274 18.82 55.46 37.05
N LEU D 275 18.90 55.41 35.71
CA LEU D 275 19.50 56.54 34.99
C LEU D 275 18.77 57.84 35.27
N GLY D 276 17.44 57.77 35.41
CA GLY D 276 16.65 58.94 35.76
C GLY D 276 16.05 59.63 34.54
N TRP D 277 14.92 60.31 34.78
CA TRP D 277 14.21 60.96 33.69
C TRP D 277 14.93 62.22 33.22
N ARG D 278 15.59 62.95 34.13
CA ARG D 278 16.25 64.19 33.74
C ARG D 278 17.36 63.94 32.74
N LYS D 279 18.16 62.89 32.94
CA LYS D 279 19.22 62.57 31.99
C LYS D 279 18.64 62.11 30.66
N ILE D 280 17.58 61.30 30.70
CA ILE D 280 16.97 60.80 29.47
C ILE D 280 16.43 61.95 28.64
N LYS D 281 15.81 62.93 29.29
CA LYS D 281 15.26 64.07 28.55
C LYS D 281 16.38 64.82 27.84
N LEU D 282 17.52 64.99 28.49
CA LEU D 282 18.67 65.64 27.87
C LEU D 282 19.48 64.63 27.05
N SER E 19 26.02 62.58 8.18
CA SER E 19 27.11 61.88 8.84
C SER E 19 27.28 60.47 8.27
N THR E 20 28.30 60.29 7.43
CA THR E 20 28.59 58.96 6.91
C THR E 20 29.16 58.05 7.98
N MET E 21 29.83 58.62 8.98
CA MET E 21 30.34 57.83 10.09
C MET E 21 29.25 56.95 10.66
N ILE E 22 28.18 57.55 11.19
CA ILE E 22 27.06 56.77 11.67
C ILE E 22 26.40 56.02 10.53
N GLY E 23 26.46 56.58 9.32
CA GLY E 23 25.98 55.85 8.16
C GLY E 23 26.73 54.54 7.95
N ARG E 24 28.07 54.58 8.04
CA ARG E 24 28.84 53.36 7.91
C ARG E 24 28.60 52.41 9.08
N ILE E 25 28.39 52.96 10.28
CA ILE E 25 28.06 52.13 11.43
C ILE E 25 26.79 51.33 11.17
N LEU E 26 25.74 52.04 10.74
CA LEU E 26 24.48 51.38 10.45
C LEU E 26 24.63 50.37 9.31
N LEU E 27 25.41 50.73 8.29
CA LEU E 27 25.61 49.82 7.17
C LEU E 27 26.24 48.52 7.63
N THR E 28 27.31 48.62 8.44
CA THR E 28 27.96 47.41 8.95
C THR E 28 26.98 46.59 9.79
N VAL E 29 26.22 47.26 10.65
CA VAL E 29 25.30 46.53 11.52
C VAL E 29 24.25 45.77 10.70
N VAL E 30 23.68 46.44 9.69
CA VAL E 30 22.64 45.78 8.91
C VAL E 30 23.22 44.65 8.08
N VAL E 31 24.44 44.81 7.57
CA VAL E 31 25.07 43.73 6.82
C VAL E 31 25.24 42.50 7.71
N ILE E 32 25.76 42.71 8.92
CA ILE E 32 25.95 41.59 9.84
C ILE E 32 24.62 40.96 10.19
N PHE E 33 23.60 41.79 10.41
CA PHE E 33 22.27 41.28 10.76
C PHE E 33 21.73 40.37 9.65
N ARG E 34 21.83 40.83 8.40
CA ARG E 34 21.34 40.03 7.29
C ARG E 34 22.10 38.70 7.19
N ILE E 35 23.42 38.76 7.31
CA ILE E 35 24.22 37.54 7.20
C ILE E 35 23.81 36.55 8.29
N LEU E 36 23.67 37.04 9.52
CA LEU E 36 23.32 36.14 10.62
C LEU E 36 21.95 35.51 10.40
N ILE E 37 20.96 36.33 10.03
CA ILE E 37 19.60 35.80 9.85
C ILE E 37 19.61 34.71 8.79
N VAL E 38 20.21 35.00 7.63
CA VAL E 38 20.26 34.00 6.58
C VAL E 38 20.94 32.73 7.08
N ALA E 39 22.19 32.87 7.55
CA ALA E 39 22.97 31.71 7.91
C ALA E 39 22.28 30.86 8.98
N ILE E 40 21.44 31.46 9.81
CA ILE E 40 20.86 30.70 10.91
C ILE E 40 19.53 30.06 10.52
N VAL E 41 18.65 30.74 9.79
CA VAL E 41 17.31 30.21 9.57
C VAL E 41 17.03 29.78 8.13
N GLY E 42 17.75 30.31 7.14
CA GLY E 42 17.36 30.07 5.76
C GLY E 42 17.34 28.60 5.41
N GLU E 43 18.39 27.87 5.78
CA GLU E 43 18.47 26.46 5.42
C GLU E 43 17.33 25.67 6.05
N THR E 44 17.02 25.94 7.31
CA THR E 44 15.95 25.20 7.97
C THR E 44 14.60 25.50 7.35
N VAL E 45 14.35 26.75 6.97
CA VAL E 45 13.03 27.09 6.43
C VAL E 45 12.77 26.34 5.13
N TYR E 46 13.78 26.26 4.25
CA TYR E 46 13.62 25.68 2.92
C TYR E 46 14.11 24.24 2.85
N ASP E 47 14.03 23.50 3.95
CA ASP E 47 14.59 22.15 3.97
C ASP E 47 13.73 21.17 3.17
N ASP E 48 12.43 21.19 3.39
CA ASP E 48 11.50 20.22 2.79
C ASP E 48 10.67 20.83 1.68
N GLU E 49 11.27 21.72 0.89
CA GLU E 49 10.52 22.38 -0.16
C GLU E 49 9.98 21.38 -1.17
N GLN E 50 10.78 20.39 -1.54
CA GLN E 50 10.39 19.44 -2.58
C GLN E 50 9.69 18.21 -2.05
N THR E 51 10.03 17.76 -0.83
CA THR E 51 9.39 16.56 -0.30
C THR E 51 7.93 16.82 0.05
N MET E 52 7.59 18.04 0.46
CA MET E 52 6.24 18.39 0.84
C MET E 52 5.46 19.02 -0.31
N PHE E 53 6.05 19.14 -1.49
CA PHE E 53 5.36 19.66 -2.66
C PHE E 53 4.62 18.50 -3.33
N VAL E 54 3.29 18.61 -3.41
CA VAL E 54 2.45 17.52 -3.88
C VAL E 54 1.51 18.05 -4.95
N CYS E 55 1.31 17.26 -6.00
CA CYS E 55 0.38 17.57 -7.08
C CYS E 55 -0.73 16.54 -7.10
N ASN E 56 -1.90 16.96 -7.56
CA ASN E 56 -3.09 16.10 -7.61
C ASN E 56 -3.10 15.37 -8.94
N THR E 57 -2.41 14.23 -8.99
CA THR E 57 -2.32 13.45 -10.21
C THR E 57 -1.74 12.09 -9.88
N LEU E 58 -1.82 11.18 -10.86
CA LEU E 58 -1.21 9.85 -10.76
C LEU E 58 -0.07 9.66 -11.73
N GLN E 59 0.24 10.65 -12.55
CA GLN E 59 1.28 10.51 -13.56
C GLN E 59 2.65 10.54 -12.92
N PRO E 60 3.49 9.52 -13.09
CA PRO E 60 4.86 9.62 -12.60
C PRO E 60 5.61 10.76 -13.27
N GLY E 61 6.43 11.46 -12.48
CA GLY E 61 7.26 12.52 -12.98
C GLY E 61 6.59 13.88 -13.07
N CYS E 62 5.30 13.97 -12.78
CA CYS E 62 4.62 15.26 -12.82
C CYS E 62 5.08 16.15 -11.66
N ASN E 63 5.33 15.55 -10.50
CA ASN E 63 5.77 16.34 -9.35
C ASN E 63 7.09 17.04 -9.64
N GLN E 64 8.06 16.31 -10.19
CA GLN E 64 9.37 16.89 -10.46
C GLN E 64 9.26 18.04 -11.45
N ALA E 65 8.57 17.83 -12.56
CA ALA E 65 8.47 18.87 -13.58
C ALA E 65 7.74 20.09 -13.05
N CYS E 66 6.64 19.89 -12.33
CA CYS E 66 5.87 21.03 -11.85
C CYS E 66 6.63 21.80 -10.78
N TYR E 67 7.33 21.10 -9.89
CA TYR E 67 8.14 21.80 -8.90
C TYR E 67 9.25 22.59 -9.58
N ASP E 68 9.90 22.00 -10.59
CA ASP E 68 10.97 22.71 -11.27
C ASP E 68 10.45 23.96 -11.96
N ARG E 69 9.28 23.88 -12.58
CA ARG E 69 8.72 25.06 -13.23
C ARG E 69 8.30 26.11 -12.20
N ALA E 70 7.79 25.67 -11.05
CA ALA E 70 7.28 26.62 -10.06
C ALA E 70 8.42 27.41 -9.41
N PHE E 71 9.52 26.73 -9.06
CA PHE E 71 10.63 27.35 -8.35
C PHE E 71 11.93 27.04 -9.10
N PRO E 72 12.22 27.78 -10.17
CA PRO E 72 13.47 27.50 -10.91
C PRO E 72 14.70 27.62 -10.05
N ILE E 73 14.74 28.58 -9.15
CA ILE E 73 15.86 28.76 -8.23
C ILE E 73 15.30 29.07 -6.85
N SER E 74 15.78 28.35 -5.83
CA SER E 74 15.32 28.58 -4.48
C SER E 74 15.74 29.95 -3.99
N HIS E 75 14.93 30.53 -3.10
CA HIS E 75 15.25 31.87 -2.58
C HIS E 75 16.57 31.87 -1.84
N ILE E 76 16.82 30.83 -1.05
CA ILE E 76 17.98 30.82 -0.15
C ILE E 76 19.27 30.89 -0.96
N ARG E 77 19.34 30.14 -2.06
CA ARG E 77 20.56 30.15 -2.87
C ARG E 77 20.76 31.52 -3.52
N TYR E 78 19.70 32.14 -4.00
CA TYR E 78 19.81 33.49 -4.56
C TYR E 78 20.35 34.45 -3.51
N TRP E 79 19.85 34.35 -2.28
CA TRP E 79 20.30 35.28 -1.23
C TRP E 79 21.76 35.02 -0.86
N VAL E 80 22.18 33.76 -0.81
CA VAL E 80 23.58 33.45 -0.52
C VAL E 80 24.48 34.05 -1.59
N PHE E 81 24.12 33.85 -2.86
CA PHE E 81 24.89 34.42 -3.95
C PHE E 81 24.95 35.94 -3.84
N GLN E 82 23.82 36.57 -3.52
CA GLN E 82 23.79 38.02 -3.37
C GLN E 82 24.74 38.47 -2.27
N ILE E 83 24.72 37.78 -1.13
CA ILE E 83 25.56 38.19 -0.01
C ILE E 83 27.02 38.12 -0.39
N ILE E 84 27.45 37.00 -0.97
CA ILE E 84 28.87 36.85 -1.33
C ILE E 84 29.26 37.90 -2.37
N MET E 85 28.42 38.09 -3.39
CA MET E 85 28.76 39.05 -4.43
C MET E 85 28.86 40.46 -3.87
N VAL E 86 27.96 40.83 -2.97
CA VAL E 86 27.99 42.16 -2.39
C VAL E 86 29.23 42.33 -1.52
N CYS E 87 29.67 41.28 -0.83
CA CYS E 87 30.86 41.38 0.00
C CYS E 87 32.16 41.37 -0.80
N THR E 88 32.12 40.93 -2.05
CA THR E 88 33.35 40.83 -2.83
C THR E 88 34.18 42.10 -2.89
N PRO E 89 33.62 43.28 -3.19
CA PRO E 89 34.47 44.47 -3.33
C PRO E 89 35.29 44.80 -2.10
N SER E 90 34.72 44.60 -0.91
CA SER E 90 35.49 44.83 0.30
C SER E 90 36.68 43.88 0.38
N LEU E 91 36.47 42.63 -0.02
CA LEU E 91 37.58 41.68 -0.06
C LEU E 91 38.66 42.13 -1.03
N CYS E 92 38.25 42.62 -2.20
CA CYS E 92 39.23 43.11 -3.17
C CYS E 92 40.04 44.26 -2.59
N PHE E 93 39.36 45.21 -1.94
CA PHE E 93 40.06 46.33 -1.33
C PHE E 93 41.02 45.87 -0.25
N ILE E 94 40.58 44.93 0.59
CA ILE E 94 41.42 44.47 1.69
C ILE E 94 42.67 43.78 1.16
N THR E 95 42.51 42.91 0.16
CA THR E 95 43.68 42.23 -0.40
C THR E 95 44.61 43.20 -1.12
N TYR E 96 44.05 44.21 -1.79
CA TYR E 96 44.90 45.23 -2.40
C TYR E 96 45.71 45.98 -1.34
N SER E 97 45.07 46.33 -0.23
CA SER E 97 45.79 46.98 0.85
C SER E 97 46.88 46.10 1.41
N VAL E 98 46.59 44.81 1.59
CA VAL E 98 47.60 43.89 2.11
C VAL E 98 48.78 43.81 1.16
N HIS E 99 48.50 43.70 -0.14
CA HIS E 99 49.59 43.66 -1.12
C HIS E 99 50.41 44.94 -1.09
N GLN E 100 49.76 46.09 -0.99
CA GLN E 100 50.48 47.35 -1.08
C GLN E 100 51.53 47.49 0.01
N SER E 101 51.39 46.73 1.10
CA SER E 101 52.36 46.70 2.18
C SER E 101 53.07 45.36 2.18
N ALA E 102 54.38 45.39 2.09
CA ALA E 102 55.19 44.17 2.06
C ALA E 102 54.78 43.29 0.89
N GLY E 194 46.84 57.01 -3.85
CA GLY E 194 46.98 55.57 -4.00
C GLY E 194 45.75 54.83 -3.52
N ILE E 195 45.65 54.65 -2.19
CA ILE E 195 44.50 53.96 -1.60
C ILE E 195 43.29 54.87 -1.45
N SER E 196 43.43 56.16 -1.75
CA SER E 196 42.32 57.10 -1.66
C SER E 196 41.48 57.15 -2.92
N ARG E 197 41.88 56.46 -3.99
CA ARG E 197 41.10 56.38 -5.22
C ARG E 197 40.36 55.07 -5.36
N PHE E 198 40.99 53.95 -4.97
CA PHE E 198 40.32 52.67 -5.03
C PHE E 198 39.04 52.67 -4.21
N TYR E 199 38.99 53.46 -3.14
CA TYR E 199 37.83 53.48 -2.26
C TYR E 199 36.58 53.96 -3.00
N ILE E 200 36.72 55.00 -3.83
CA ILE E 200 35.59 55.54 -4.55
C ILE E 200 35.03 54.50 -5.54
N ILE E 201 35.91 53.84 -6.28
CA ILE E 201 35.46 52.84 -7.23
C ILE E 201 34.80 51.68 -6.50
N GLN E 202 35.35 51.29 -5.35
CA GLN E 202 34.73 50.23 -4.56
C GLN E 202 33.32 50.62 -4.14
N VAL E 203 33.14 51.86 -3.69
CA VAL E 203 31.82 52.32 -3.29
C VAL E 203 30.85 52.28 -4.46
N VAL E 204 31.31 52.75 -5.63
CA VAL E 204 30.43 52.78 -6.80
C VAL E 204 30.01 51.36 -7.17
N PHE E 205 30.96 50.43 -7.18
CA PHE E 205 30.63 49.05 -7.54
C PHE E 205 29.67 48.42 -6.53
N ARG E 206 29.88 48.71 -5.24
CA ARG E 206 28.97 48.19 -4.24
C ARG E 206 27.55 48.70 -4.46
N ASN E 207 27.42 50.01 -4.74
CA ASN E 207 26.11 50.57 -5.02
C ASN E 207 25.45 49.87 -6.20
N ALA E 208 26.19 49.72 -7.30
CA ALA E 208 25.64 49.10 -8.49
C ALA E 208 25.18 47.68 -8.21
N LEU E 209 26.01 46.91 -7.52
CA LEU E 209 25.67 45.51 -7.24
C LEU E 209 24.42 45.43 -6.38
N GLU E 210 24.33 46.25 -5.33
CA GLU E 210 23.16 46.20 -4.46
C GLU E 210 21.89 46.52 -5.23
N ILE E 211 21.92 47.60 -6.03
CA ILE E 211 20.72 47.97 -6.78
C ILE E 211 20.34 46.87 -7.74
N GLY E 212 21.31 46.31 -8.45
CA GLY E 212 21.01 45.26 -9.41
C GLY E 212 20.39 44.04 -8.75
N PHE E 213 20.93 43.63 -7.61
CA PHE E 213 20.38 42.46 -6.93
C PHE E 213 18.97 42.72 -6.43
N LEU E 214 18.70 43.92 -5.90
CA LEU E 214 17.34 44.22 -5.46
C LEU E 214 16.36 44.15 -6.62
N VAL E 215 16.71 44.76 -7.75
CA VAL E 215 15.81 44.75 -8.90
C VAL E 215 15.61 43.32 -9.40
N GLY E 216 16.69 42.54 -9.44
CA GLY E 216 16.58 41.16 -9.88
C GLY E 216 15.66 40.35 -8.98
N GLN E 217 15.77 40.52 -7.67
CA GLN E 217 14.88 39.81 -6.76
C GLN E 217 13.43 40.17 -7.03
N TYR E 218 13.16 41.47 -7.20
CA TYR E 218 11.77 41.86 -7.47
C TYR E 218 11.26 41.21 -8.74
N PHE E 219 12.07 41.24 -9.80
CA PHE E 219 11.60 40.70 -11.08
C PHE E 219 11.53 39.19 -11.09
N LEU E 220 12.25 38.51 -10.19
CA LEU E 220 12.26 37.06 -10.17
C LEU E 220 11.14 36.49 -9.30
N TYR E 221 10.94 37.04 -8.10
CA TYR E 221 10.04 36.42 -7.14
C TYR E 221 8.80 37.22 -6.80
N GLY E 222 8.75 38.51 -7.11
CA GLY E 222 7.59 39.28 -6.71
C GLY E 222 7.60 39.58 -5.22
N PHE E 223 6.41 39.63 -4.64
CA PHE E 223 6.26 39.96 -3.23
C PHE E 223 5.51 38.91 -2.41
N SER E 224 5.13 37.78 -3.02
CA SER E 224 4.38 36.77 -2.27
C SER E 224 4.60 35.41 -2.92
N VAL E 225 4.34 34.37 -2.15
CA VAL E 225 4.43 32.98 -2.58
C VAL E 225 3.02 32.39 -2.52
N PRO E 226 2.35 32.20 -3.66
CA PRO E 226 0.98 31.68 -3.61
C PRO E 226 0.93 30.25 -3.09
N GLY E 227 -0.21 29.90 -2.49
CA GLY E 227 -0.38 28.57 -1.93
C GLY E 227 -0.77 27.51 -2.95
N LEU E 228 -1.21 27.92 -4.13
CA LEU E 228 -1.57 27.01 -5.20
C LEU E 228 -0.76 27.33 -6.44
N TYR E 229 -0.51 26.31 -7.26
CA TYR E 229 0.17 26.47 -8.53
C TYR E 229 -0.55 25.67 -9.59
N GLU E 230 -0.67 26.23 -10.80
CA GLU E 230 -1.30 25.57 -11.93
C GLU E 230 -0.22 25.22 -12.94
N CYS E 231 -0.04 23.93 -13.19
CA CYS E 231 1.09 23.41 -13.95
C CYS E 231 0.58 22.67 -15.17
N ASN E 232 1.15 22.96 -16.33
CA ASN E 232 0.78 22.32 -17.59
C ASN E 232 2.03 21.92 -18.37
N ARG E 233 2.97 21.27 -17.69
CA ARG E 233 4.23 20.86 -18.28
C ARG E 233 4.25 19.35 -18.46
N TYR E 234 4.84 18.90 -19.57
CA TYR E 234 4.96 17.47 -19.80
C TYR E 234 5.74 16.83 -18.66
N PRO E 235 5.37 15.61 -18.22
CA PRO E 235 4.35 14.69 -18.73
C PRO E 235 2.96 14.90 -18.17
N CYS E 236 2.72 15.94 -17.38
CA CYS E 236 1.39 16.14 -16.81
C CYS E 236 0.36 16.31 -17.92
N ILE E 237 -0.78 15.66 -17.75
CA ILE E 237 -1.84 15.68 -18.76
C ILE E 237 -2.62 16.97 -18.61
N LYS E 238 -2.70 17.76 -19.69
CA LYS E 238 -3.42 19.03 -19.67
C LYS E 238 -2.91 19.92 -18.55
N GLU E 239 -3.78 20.27 -17.61
CA GLU E 239 -3.45 21.20 -16.53
C GLU E 239 -3.77 20.55 -15.19
N VAL E 240 -2.82 20.66 -14.25
CA VAL E 240 -2.96 20.06 -12.93
C VAL E 240 -2.70 21.13 -11.88
N GLU E 241 -3.11 20.83 -10.65
CA GLU E 241 -2.99 21.73 -9.52
C GLU E 241 -2.03 21.16 -8.50
N CYS E 242 -1.12 22.00 -8.01
CA CYS E 242 -0.10 21.58 -7.05
C CYS E 242 -0.13 22.54 -5.86
N TYR E 243 0.34 22.04 -4.71
CA TYR E 243 0.20 22.74 -3.45
C TYR E 243 1.58 22.95 -2.82
N VAL E 244 1.84 24.18 -2.38
CA VAL E 244 3.15 24.59 -1.90
C VAL E 244 3.22 24.36 -0.40
N SER E 245 4.44 24.34 0.12
CA SER E 245 4.71 24.11 1.54
C SER E 245 5.15 25.41 2.20
N ARG E 246 4.55 25.73 3.35
CA ARG E 246 4.86 26.92 4.11
C ARG E 246 4.88 28.18 3.25
N PRO E 247 3.79 28.50 2.55
CA PRO E 247 3.79 29.75 1.76
C PRO E 247 3.92 31.01 2.62
N THR E 248 3.32 31.02 3.81
CA THR E 248 3.30 32.26 4.60
C THR E 248 4.68 32.60 5.15
N GLU E 249 5.39 31.60 5.67
CA GLU E 249 6.74 31.84 6.18
C GLU E 249 7.65 32.34 5.07
N LYS E 250 7.53 31.76 3.88
CA LYS E 250 8.35 32.19 2.76
C LYS E 250 7.99 33.61 2.34
N THR E 251 6.71 33.97 2.36
CA THR E 251 6.32 35.34 2.06
C THR E 251 6.94 36.32 3.06
N VAL E 252 6.88 35.98 4.34
CA VAL E 252 7.46 36.85 5.36
C VAL E 252 8.96 37.01 5.13
N PHE E 253 9.64 35.90 4.86
CA PHE E 253 11.08 35.96 4.63
C PHE E 253 11.40 36.83 3.41
N LEU E 254 10.63 36.69 2.34
CA LEU E 254 10.85 37.49 1.14
C LEU E 254 10.72 38.97 1.44
N VAL E 255 9.64 39.35 2.13
CA VAL E 255 9.43 40.77 2.42
C VAL E 255 10.54 41.30 3.32
N PHE E 256 10.94 40.53 4.33
CA PHE E 256 11.97 40.99 5.24
C PHE E 256 13.29 41.21 4.52
N MET E 257 13.67 40.27 3.64
CA MET E 257 14.91 40.44 2.90
C MET E 257 14.85 41.64 1.98
N PHE E 258 13.70 41.85 1.33
CA PHE E 258 13.55 43.04 0.49
C PHE E 258 13.75 44.31 1.29
N ALA E 259 13.14 44.38 2.49
CA ALA E 259 13.27 45.58 3.31
C ALA E 259 14.72 45.83 3.71
N VAL E 260 15.43 44.76 4.13
CA VAL E 260 16.82 44.93 4.55
C VAL E 260 17.67 45.40 3.37
N SER E 261 17.46 44.81 2.19
CA SER E 261 18.22 45.23 1.02
C SER E 261 17.94 46.68 0.68
N GLY E 262 16.68 47.11 0.80
CA GLY E 262 16.36 48.51 0.54
C GLY E 262 17.07 49.45 1.50
N ILE E 263 17.13 49.09 2.78
CA ILE E 263 17.85 49.91 3.74
C ILE E 263 19.31 50.01 3.36
N CYS E 264 19.92 48.88 2.98
CA CYS E 264 21.32 48.90 2.56
C CYS E 264 21.51 49.81 1.35
N VAL E 265 20.59 49.74 0.39
CA VAL E 265 20.70 50.58 -0.80
C VAL E 265 20.65 52.05 -0.41
N VAL E 266 19.74 52.41 0.49
CA VAL E 266 19.61 53.81 0.88
C VAL E 266 20.90 54.29 1.54
N LEU E 267 21.46 53.48 2.45
CA LEU E 267 22.68 53.90 3.12
C LEU E 267 23.83 54.05 2.13
N ASN E 268 23.96 53.11 1.19
CA ASN E 268 25.03 53.21 0.20
C ASN E 268 24.86 54.46 -0.66
N LEU E 269 23.63 54.77 -1.05
CA LEU E 269 23.40 55.99 -1.83
C LEU E 269 23.76 57.22 -1.04
N ALA E 270 23.43 57.24 0.26
CA ALA E 270 23.80 58.39 1.08
C ALA E 270 25.31 58.56 1.13
N GLU E 271 26.04 57.46 1.31
CA GLU E 271 27.50 57.54 1.35
C GLU E 271 28.04 58.08 0.02
N LEU E 272 27.56 57.53 -1.09
CA LEU E 272 28.04 57.96 -2.40
C LEU E 272 27.75 59.45 -2.62
N ASN E 273 26.56 59.89 -2.24
CA ASN E 273 26.24 61.32 -2.36
C ASN E 273 27.17 62.16 -1.51
N HIS E 274 27.48 61.72 -0.30
CA HIS E 274 28.40 62.49 0.54
C HIS E 274 29.76 62.61 -0.13
N LEU E 275 30.26 61.53 -0.73
CA LEU E 275 31.55 61.63 -1.41
C LEU E 275 31.55 62.73 -2.46
N GLY E 276 30.41 62.98 -3.09
CA GLY E 276 30.27 64.06 -4.03
C GLY E 276 30.51 63.62 -5.46
N TRP E 277 29.90 64.36 -6.39
CA TRP E 277 30.02 64.02 -7.80
C TRP E 277 31.38 64.41 -8.37
N ARG E 278 31.96 65.50 -7.87
CA ARG E 278 33.25 65.96 -8.41
C ARG E 278 34.34 64.92 -8.17
N LYS E 279 34.37 64.32 -6.98
CA LYS E 279 35.37 63.30 -6.69
C LYS E 279 35.14 62.06 -7.53
N ILE E 280 33.87 61.65 -7.68
CA ILE E 280 33.56 60.45 -8.47
C ILE E 280 33.97 60.64 -9.91
N LYS E 281 33.73 61.84 -10.47
CA LYS E 281 34.11 62.09 -11.85
C LYS E 281 35.61 61.92 -12.04
N LEU E 282 36.39 62.39 -11.07
CA LEU E 282 37.85 62.25 -11.13
C LEU E 282 38.27 60.91 -10.55
N SER F 19 50.40 45.95 -15.63
CA SER F 19 49.24 45.73 -14.78
C SER F 19 49.16 44.27 -14.32
N THR F 20 50.07 43.89 -13.41
CA THR F 20 50.12 42.53 -12.91
C THR F 20 49.54 42.38 -11.51
N MET F 21 49.61 43.41 -10.67
CA MET F 21 49.08 43.30 -9.32
C MET F 21 47.57 43.10 -9.36
N ILE F 22 46.88 43.84 -10.22
CA ILE F 22 45.43 43.67 -10.33
C ILE F 22 45.10 42.24 -10.77
N GLY F 23 45.93 41.66 -11.64
CA GLY F 23 45.69 40.28 -12.05
C GLY F 23 45.71 39.32 -10.87
N ARG F 24 46.74 39.43 -10.02
CA ARG F 24 46.83 38.54 -8.87
C ARG F 24 45.69 38.80 -7.89
N ILE F 25 45.34 40.07 -7.69
CA ILE F 25 44.25 40.40 -6.77
C ILE F 25 42.95 39.77 -7.24
N LEU F 26 42.62 39.96 -8.51
CA LEU F 26 41.39 39.40 -9.06
C LEU F 26 41.43 37.88 -9.00
N LEU F 27 42.58 37.29 -9.29
CA LEU F 27 42.68 35.82 -9.27
C LEU F 27 42.40 35.28 -7.87
N THR F 28 43.00 35.90 -6.85
CA THR F 28 42.75 35.46 -5.49
C THR F 28 41.28 35.61 -5.12
N VAL F 29 40.69 36.76 -5.46
CA VAL F 29 39.30 36.99 -5.12
C VAL F 29 38.40 35.96 -5.79
N VAL F 30 38.66 35.67 -7.06
CA VAL F 30 37.82 34.71 -7.79
C VAL F 30 37.97 33.32 -7.20
N VAL F 31 39.19 32.93 -6.84
CA VAL F 31 39.38 31.60 -6.26
C VAL F 31 38.59 31.48 -4.95
N ILE F 32 38.69 32.51 -4.10
CA ILE F 32 37.97 32.46 -2.83
C ILE F 32 36.47 32.42 -3.08
N PHE F 33 35.99 33.20 -4.04
CA PHE F 33 34.57 33.23 -4.35
C PHE F 33 34.08 31.84 -4.77
N ARG F 34 34.81 31.19 -5.67
CA ARG F 34 34.41 29.87 -6.13
C ARG F 34 34.38 28.88 -4.98
N ILE F 35 35.42 28.90 -4.14
CA ILE F 35 35.47 27.96 -3.03
C ILE F 35 34.29 28.17 -2.10
N LEU F 36 33.99 29.43 -1.78
CA LEU F 36 32.88 29.71 -0.86
C LEU F 36 31.56 29.24 -1.45
N ILE F 37 31.29 29.57 -2.71
CA ILE F 37 30.03 29.20 -3.32
C ILE F 37 29.85 27.69 -3.29
N VAL F 38 30.87 26.96 -3.74
CA VAL F 38 30.77 25.50 -3.73
C VAL F 38 30.51 25.00 -2.32
N ALA F 39 31.41 25.35 -1.39
CA ALA F 39 31.32 24.80 -0.04
C ALA F 39 29.98 25.11 0.63
N ILE F 40 29.34 26.20 0.26
CA ILE F 40 28.11 26.58 0.96
C ILE F 40 26.87 25.96 0.31
N VAL F 41 26.77 25.93 -1.02
CA VAL F 41 25.51 25.52 -1.64
C VAL F 41 25.58 24.18 -2.37
N GLY F 42 26.75 23.72 -2.79
CA GLY F 42 26.80 22.55 -3.67
C GLY F 42 26.18 21.33 -3.03
N GLU F 43 26.54 21.04 -1.78
CA GLU F 43 26.03 19.85 -1.13
C GLU F 43 24.52 19.88 -1.00
N THR F 44 23.97 21.05 -0.66
CA THR F 44 22.52 21.15 -0.50
C THR F 44 21.80 20.97 -1.83
N VAL F 45 22.36 21.50 -2.92
CA VAL F 45 21.67 21.40 -4.20
C VAL F 45 21.51 19.94 -4.62
N TYR F 46 22.57 19.14 -4.46
CA TYR F 46 22.61 17.77 -4.97
C TYR F 46 22.30 16.74 -3.89
N ASP F 47 21.50 17.12 -2.88
CA ASP F 47 21.28 16.20 -1.76
C ASP F 47 20.38 15.04 -2.16
N ASP F 48 19.28 15.32 -2.84
CA ASP F 48 18.27 14.31 -3.17
C ASP F 48 18.29 13.96 -4.65
N GLU F 49 19.48 13.92 -5.25
CA GLU F 49 19.58 13.61 -6.67
C GLU F 49 19.02 12.23 -6.97
N GLN F 50 19.33 11.24 -6.15
CA GLN F 50 18.90 9.88 -6.39
C GLN F 50 17.54 9.56 -5.75
N THR F 51 17.21 10.22 -4.65
CA THR F 51 15.93 9.94 -4.00
C THR F 51 14.76 10.39 -4.86
N MET F 52 14.90 11.51 -5.56
CA MET F 52 13.83 12.06 -6.37
C MET F 52 13.93 11.66 -7.84
N PHE F 53 14.89 10.82 -8.20
CA PHE F 53 15.00 10.31 -9.56
C PHE F 53 14.06 9.12 -9.70
N VAL F 54 13.09 9.22 -10.61
CA VAL F 54 12.03 8.24 -10.75
C VAL F 54 11.90 7.84 -12.21
N CYS F 55 11.71 6.54 -12.45
CA CYS F 55 11.50 6.02 -13.79
C CYS F 55 10.11 5.40 -13.88
N ASN F 56 9.54 5.43 -15.09
CA ASN F 56 8.19 4.93 -15.33
C ASN F 56 8.28 3.45 -15.65
N THR F 57 8.27 2.61 -14.62
CA THR F 57 8.38 1.17 -14.79
C THR F 57 8.05 0.49 -13.47
N LEU F 58 7.88 -0.83 -13.54
CA LEU F 58 7.67 -1.65 -12.37
C LEU F 58 8.82 -2.62 -12.10
N GLN F 59 9.86 -2.59 -12.93
CA GLN F 59 10.95 -3.54 -12.80
C GLN F 59 11.85 -3.14 -11.63
N PRO F 60 12.06 -4.02 -10.65
CA PRO F 60 13.03 -3.69 -9.60
C PRO F 60 14.43 -3.52 -10.17
N GLY F 61 15.15 -2.53 -9.63
CA GLY F 61 16.51 -2.27 -10.03
C GLY F 61 16.68 -1.41 -11.26
N CYS F 62 15.59 -1.04 -11.94
CA CYS F 62 15.72 -0.17 -13.10
C CYS F 62 16.13 1.24 -12.69
N ASN F 63 15.62 1.72 -11.56
CA ASN F 63 15.97 3.06 -11.11
C ASN F 63 17.47 3.19 -10.88
N GLN F 64 18.07 2.22 -10.18
CA GLN F 64 19.49 2.30 -9.88
C GLN F 64 20.32 2.32 -11.16
N ALA F 65 20.05 1.39 -12.08
CA ALA F 65 20.84 1.31 -13.30
C ALA F 65 20.69 2.57 -14.14
N CYS F 66 19.45 3.05 -14.29
CA CYS F 66 19.23 4.22 -15.13
C CYS F 66 19.86 5.47 -14.52
N TYR F 67 19.76 5.63 -13.21
CA TYR F 67 20.42 6.77 -12.57
C TYR F 67 21.93 6.69 -12.74
N ASP F 68 22.50 5.50 -12.55
CA ASP F 68 23.95 5.36 -12.70
C ASP F 68 24.39 5.70 -14.12
N ARG F 69 23.60 5.28 -15.12
CA ARG F 69 23.95 5.61 -16.50
C ARG F 69 23.81 7.10 -16.77
N ALA F 70 22.77 7.73 -16.20
CA ALA F 70 22.52 9.14 -16.50
C ALA F 70 23.61 10.04 -15.91
N PHE F 71 24.01 9.78 -14.67
CA PHE F 71 24.96 10.62 -13.94
C PHE F 71 26.10 9.75 -13.42
N PRO F 72 27.07 9.39 -14.27
CA PRO F 72 28.18 8.56 -13.79
C PRO F 72 28.92 9.18 -12.62
N ILE F 73 29.13 10.50 -12.65
CA ILE F 73 29.79 11.22 -11.57
C ILE F 73 29.01 12.49 -11.31
N SER F 74 28.69 12.75 -10.04
CA SER F 74 27.96 13.97 -9.69
C SER F 74 28.82 15.19 -9.95
N HIS F 75 28.16 16.30 -10.28
CA HIS F 75 28.88 17.53 -10.58
C HIS F 75 29.69 17.99 -9.38
N ILE F 76 29.10 17.91 -8.18
CA ILE F 76 29.71 18.51 -7.00
C ILE F 76 31.05 17.84 -6.71
N ARG F 77 31.12 16.52 -6.83
CA ARG F 77 32.37 15.82 -6.56
C ARG F 77 33.44 16.17 -7.58
N TYR F 78 33.06 16.29 -8.85
CA TYR F 78 34.01 16.74 -9.85
C TYR F 78 34.56 18.12 -9.52
N TRP F 79 33.69 19.03 -9.09
CA TRP F 79 34.15 20.37 -8.77
C TRP F 79 35.05 20.39 -7.55
N VAL F 80 34.74 19.57 -6.53
CA VAL F 80 35.60 19.50 -5.36
C VAL F 80 36.99 19.00 -5.74
N PHE F 81 37.03 17.93 -6.55
CA PHE F 81 38.31 17.41 -7.02
C PHE F 81 39.07 18.49 -7.79
N GLN F 82 38.38 19.22 -8.66
CA GLN F 82 39.03 20.27 -9.43
C GLN F 82 39.62 21.34 -8.51
N ILE F 83 38.87 21.74 -7.49
CA ILE F 83 39.35 22.80 -6.60
C ILE F 83 40.63 22.35 -5.89
N ILE F 84 40.60 21.14 -5.31
CA ILE F 84 41.77 20.68 -4.59
C ILE F 84 42.97 20.54 -5.52
N MET F 85 42.76 19.96 -6.70
CA MET F 85 43.86 19.76 -7.63
C MET F 85 44.45 21.09 -8.06
N VAL F 86 43.60 22.09 -8.33
CA VAL F 86 44.10 23.39 -8.74
C VAL F 86 44.86 24.06 -7.61
N CYS F 87 44.44 23.86 -6.36
CA CYS F 87 45.15 24.47 -5.24
C CYS F 87 46.46 23.76 -4.90
N THR F 88 46.64 22.52 -5.36
CA THR F 88 47.84 21.76 -5.00
C THR F 88 49.16 22.49 -5.27
N PRO F 89 49.41 23.06 -6.45
CA PRO F 89 50.74 23.65 -6.71
C PRO F 89 51.12 24.75 -5.72
N SER F 90 50.15 25.57 -5.30
CA SER F 90 50.45 26.58 -4.29
C SER F 90 50.89 25.93 -2.99
N LEU F 91 50.24 24.82 -2.61
CA LEU F 91 50.66 24.10 -1.42
C LEU F 91 52.08 23.59 -1.55
N CYS F 92 52.42 23.04 -2.73
CA CYS F 92 53.76 22.55 -2.96
C CYS F 92 54.78 23.68 -2.80
N PHE F 93 54.50 24.83 -3.41
CA PHE F 93 55.42 25.96 -3.30
C PHE F 93 55.55 26.43 -1.86
N ILE F 94 54.43 26.49 -1.14
CA ILE F 94 54.46 26.98 0.24
C ILE F 94 55.30 26.04 1.12
N THR F 95 55.10 24.73 0.98
CA THR F 95 55.87 23.81 1.79
C THR F 95 57.35 23.81 1.40
N TYR F 96 57.65 23.98 0.11
CA TYR F 96 59.06 24.10 -0.29
C TYR F 96 59.69 25.34 0.36
N SER F 97 58.97 26.46 0.35
CA SER F 97 59.50 27.66 0.98
C SER F 97 59.70 27.46 2.48
N VAL F 98 58.73 26.81 3.14
CA VAL F 98 58.85 26.57 4.57
C VAL F 98 60.08 25.73 4.87
N HIS F 99 60.27 24.65 4.09
CA HIS F 99 61.43 23.80 4.31
C HIS F 99 62.73 24.56 4.07
N GLN F 100 62.75 25.39 3.02
CA GLN F 100 63.99 26.09 2.67
C GLN F 100 64.53 26.91 3.82
N SER F 101 63.65 27.35 4.73
CA SER F 101 64.06 28.09 5.93
C SER F 101 63.92 27.17 7.13
N ALA F 102 65.02 26.97 7.85
CA ALA F 102 65.04 26.09 9.01
C ALA F 102 64.64 24.68 8.62
N GLY F 194 66.87 30.36 -6.70
CA GLY F 194 66.26 29.33 -5.87
C GLY F 194 64.74 29.36 -5.92
N ILE F 195 64.15 30.26 -5.12
CA ILE F 195 62.70 30.40 -5.10
C ILE F 195 62.17 31.20 -6.28
N SER F 196 63.05 31.88 -7.03
CA SER F 196 62.61 32.66 -8.19
C SER F 196 62.43 31.82 -9.44
N ARG F 197 62.79 30.53 -9.40
CA ARG F 197 62.59 29.63 -10.53
C ARG F 197 61.40 28.70 -10.33
N PHE F 198 61.21 28.17 -9.12
CA PHE F 198 60.06 27.32 -8.85
C PHE F 198 58.75 28.02 -9.18
N TYR F 199 58.72 29.34 -9.05
CA TYR F 199 57.48 30.09 -9.28
C TYR F 199 57.00 29.92 -10.71
N ILE F 200 57.93 29.95 -11.67
CA ILE F 200 57.53 29.84 -13.08
C ILE F 200 56.91 28.48 -13.36
N ILE F 201 57.54 27.41 -12.86
CA ILE F 201 57.00 26.07 -13.08
C ILE F 201 55.65 25.93 -12.39
N GLN F 202 55.51 26.52 -11.20
CA GLN F 202 54.22 26.50 -10.51
C GLN F 202 53.15 27.15 -11.36
N VAL F 203 53.46 28.32 -11.95
CA VAL F 203 52.49 29.02 -12.78
C VAL F 203 52.12 28.17 -14.00
N VAL F 204 53.11 27.55 -14.63
CA VAL F 204 52.84 26.75 -15.83
C VAL F 204 51.92 25.58 -15.47
N PHE F 205 52.21 24.90 -14.37
CA PHE F 205 51.40 23.76 -13.98
C PHE F 205 49.98 24.19 -13.63
N ARG F 206 49.83 25.34 -12.96
CA ARG F 206 48.50 25.84 -12.66
C ARG F 206 47.71 26.11 -13.93
N ASN F 207 48.35 26.75 -14.92
CA ASN F 207 47.67 27.00 -16.19
C ASN F 207 47.22 25.70 -16.83
N ALA F 208 48.12 24.72 -16.89
CA ALA F 208 47.79 23.46 -17.54
C ALA F 208 46.61 22.78 -16.84
N LEU F 209 46.66 22.73 -15.50
CA LEU F 209 45.58 22.07 -14.76
C LEU F 209 44.25 22.77 -14.99
N GLU F 210 44.24 24.09 -14.95
CA GLU F 210 42.98 24.81 -15.13
C GLU F 210 42.39 24.55 -16.50
N ILE F 211 43.22 24.63 -17.54
CA ILE F 211 42.71 24.40 -18.90
C ILE F 211 42.19 22.98 -19.04
N GLY F 212 42.94 22.01 -18.51
CA GLY F 212 42.51 20.63 -18.62
C GLY F 212 41.18 20.38 -17.93
N PHE F 213 41.01 20.94 -16.73
CA PHE F 213 39.76 20.74 -16.01
C PHE F 213 38.59 21.39 -16.72
N LEU F 214 38.79 22.59 -17.29
CA LEU F 214 37.71 23.23 -18.04
C LEU F 214 37.29 22.37 -19.23
N VAL F 215 38.26 21.88 -20.00
CA VAL F 215 37.94 21.07 -21.16
C VAL F 215 37.25 19.78 -20.73
N GLY F 216 37.73 19.16 -19.65
CA GLY F 216 37.10 17.94 -19.17
C GLY F 216 35.66 18.16 -18.76
N GLN F 217 35.38 19.27 -18.07
CA GLN F 217 34.01 19.56 -17.69
C GLN F 217 33.13 19.71 -18.92
N TYR F 218 33.61 20.44 -19.93
CA TYR F 218 32.80 20.60 -21.14
C TYR F 218 32.50 19.25 -21.78
N PHE F 219 33.53 18.39 -21.90
CA PHE F 219 33.32 17.12 -22.57
C PHE F 219 32.52 16.13 -21.75
N LEU F 220 32.45 16.32 -20.43
CA LEU F 220 31.72 15.40 -19.57
C LEU F 220 30.25 15.77 -19.45
N TYR F 221 29.94 17.05 -19.23
CA TYR F 221 28.59 17.46 -18.86
C TYR F 221 27.88 18.32 -19.89
N GLY F 222 28.60 18.95 -20.82
CA GLY F 222 27.91 19.84 -21.74
C GLY F 222 27.54 21.14 -21.06
N PHE F 223 26.43 21.74 -21.51
CA PHE F 223 25.98 23.03 -21.01
C PHE F 223 24.59 23.01 -20.40
N SER F 224 23.93 21.85 -20.32
CA SER F 224 22.58 21.81 -19.78
C SER F 224 22.30 20.42 -19.22
N VAL F 225 21.31 20.36 -18.35
CA VAL F 225 20.83 19.12 -17.74
C VAL F 225 19.40 18.88 -18.22
N PRO F 226 19.15 17.96 -19.14
CA PRO F 226 17.79 17.76 -19.63
C PRO F 226 16.88 17.21 -18.54
N GLY F 227 15.59 17.52 -18.68
CA GLY F 227 14.60 17.07 -17.72
C GLY F 227 14.11 15.65 -17.92
N LEU F 228 14.38 15.06 -19.07
CA LEU F 228 13.99 13.69 -19.38
C LEU F 228 15.21 12.89 -19.77
N TYR F 229 15.16 11.59 -19.52
CA TYR F 229 16.23 10.69 -19.90
C TYR F 229 15.63 9.39 -20.45
N GLU F 230 16.20 8.90 -21.54
CA GLU F 230 15.79 7.65 -22.15
C GLU F 230 16.83 6.58 -21.82
N CYS F 231 16.42 5.54 -21.12
CA CYS F 231 17.33 4.55 -20.56
C CYS F 231 17.00 3.17 -21.11
N ASN F 232 18.03 2.44 -21.52
CA ASN F 232 17.86 1.10 -22.05
C ASN F 232 18.92 0.16 -21.49
N ARG F 233 19.15 0.23 -20.18
CA ARG F 233 20.12 -0.61 -19.50
C ARG F 233 19.40 -1.76 -18.80
N TYR F 234 20.03 -2.93 -18.80
CA TYR F 234 19.49 -4.05 -18.05
C TYR F 234 19.38 -3.66 -16.58
N PRO F 235 18.33 -4.08 -15.87
CA PRO F 235 17.23 -4.98 -16.24
C PRO F 235 16.03 -4.30 -16.89
N CYS F 236 16.10 -3.02 -17.21
CA CYS F 236 14.96 -2.35 -17.82
C CYS F 236 14.64 -2.97 -19.17
N ILE F 237 13.35 -3.08 -19.46
CA ILE F 237 12.87 -3.75 -20.68
C ILE F 237 12.80 -2.72 -21.80
N LYS F 238 13.55 -2.95 -22.87
CA LYS F 238 13.55 -2.07 -24.05
C LYS F 238 13.93 -0.66 -23.56
N GLU F 239 13.17 0.37 -23.90
CA GLU F 239 13.46 1.74 -23.50
C GLU F 239 12.46 2.20 -22.45
N VAL F 240 12.95 2.92 -21.45
CA VAL F 240 12.11 3.50 -20.42
C VAL F 240 12.47 4.98 -20.30
N GLU F 241 11.54 5.74 -19.71
CA GLU F 241 11.68 7.18 -19.55
C GLU F 241 11.83 7.50 -18.07
N CYS F 242 12.83 8.31 -17.74
CA CYS F 242 13.11 8.69 -16.37
C CYS F 242 13.17 10.21 -16.26
N TYR F 243 12.89 10.72 -15.07
CA TYR F 243 12.70 12.14 -14.84
C TYR F 243 13.68 12.64 -13.80
N VAL F 244 14.30 13.79 -14.07
CA VAL F 244 15.38 14.30 -13.25
C VAL F 244 14.83 15.30 -12.25
N SER F 245 15.62 15.58 -11.21
CA SER F 245 15.24 16.48 -10.14
C SER F 245 16.00 17.80 -10.26
N ARG F 246 15.28 18.91 -10.19
CA ARG F 246 15.85 20.24 -10.30
C ARG F 246 16.81 20.39 -11.49
N PRO F 247 16.34 20.13 -12.71
CA PRO F 247 17.22 20.35 -13.87
C PRO F 247 17.65 21.80 -14.04
N THR F 248 16.78 22.77 -13.74
CA THR F 248 17.10 24.17 -14.02
C THR F 248 18.17 24.70 -13.08
N GLU F 249 18.05 24.39 -11.78
CA GLU F 249 19.07 24.83 -10.84
C GLU F 249 20.42 24.25 -11.19
N LYS F 250 20.46 22.98 -11.58
CA LYS F 250 21.72 22.35 -11.95
C LYS F 250 22.28 22.97 -13.23
N THR F 251 21.43 23.32 -14.19
CA THR F 251 21.92 24.01 -15.37
C THR F 251 22.55 25.35 -15.02
N VAL F 252 21.88 26.11 -14.14
CA VAL F 252 22.43 27.40 -13.73
C VAL F 252 23.77 27.22 -13.04
N PHE F 253 23.87 26.23 -12.14
CA PHE F 253 25.12 25.97 -11.45
C PHE F 253 26.22 25.61 -12.43
N LEU F 254 25.91 24.76 -13.40
CA LEU F 254 26.91 24.35 -14.39
C LEU F 254 27.44 25.55 -15.16
N VAL F 255 26.53 26.40 -15.64
CA VAL F 255 26.97 27.55 -16.43
C VAL F 255 27.80 28.50 -15.58
N PHE F 256 27.38 28.73 -14.33
CA PHE F 256 28.11 29.65 -13.47
C PHE F 256 29.52 29.14 -13.21
N MET F 257 29.66 27.84 -12.93
CA MET F 257 30.99 27.28 -12.68
C MET F 257 31.85 27.37 -13.93
N PHE F 258 31.27 27.11 -15.10
CA PHE F 258 32.04 27.25 -16.33
C PHE F 258 32.54 28.68 -16.51
N ALA F 259 31.69 29.67 -16.25
CA ALA F 259 32.12 31.06 -16.39
C ALA F 259 33.24 31.40 -15.44
N VAL F 260 33.12 30.98 -14.17
CA VAL F 260 34.18 31.29 -13.20
C VAL F 260 35.49 30.65 -13.62
N SER F 261 35.44 29.39 -14.05
CA SER F 261 36.66 28.72 -14.49
C SER F 261 37.27 29.42 -15.69
N GLY F 262 36.44 29.90 -16.61
CA GLY F 262 36.97 30.64 -17.75
C GLY F 262 37.68 31.92 -17.33
N ILE F 263 37.10 32.64 -16.37
CA ILE F 263 37.75 33.85 -15.87
C ILE F 263 39.10 33.50 -15.26
N CYS F 264 39.15 32.43 -14.47
CA CYS F 264 40.41 32.01 -13.88
C CYS F 264 41.44 31.68 -14.96
N VAL F 265 41.01 30.98 -16.01
CA VAL F 265 41.93 30.62 -17.09
C VAL F 265 42.47 31.88 -17.75
N VAL F 266 41.61 32.86 -18.00
CA VAL F 266 42.06 34.09 -18.66
C VAL F 266 43.10 34.80 -17.80
N LEU F 267 42.83 34.92 -16.50
CA LEU F 267 43.78 35.60 -15.62
C LEU F 267 45.12 34.86 -15.56
N ASN F 268 45.08 33.53 -15.47
CA ASN F 268 46.31 32.76 -15.44
C ASN F 268 47.11 32.94 -16.73
N LEU F 269 46.44 32.94 -17.88
CA LEU F 269 47.12 33.16 -19.13
C LEU F 269 47.75 34.54 -19.18
N ALA F 270 47.04 35.55 -18.67
CA ALA F 270 47.60 36.89 -18.64
C ALA F 270 48.87 36.94 -17.80
N GLU F 271 48.84 36.29 -16.63
CA GLU F 271 50.02 36.26 -15.78
C GLU F 271 51.18 35.60 -16.52
N LEU F 272 50.92 34.41 -17.10
CA LEU F 272 51.98 33.68 -17.78
C LEU F 272 52.57 34.50 -18.91
N ASN F 273 51.72 35.18 -19.68
CA ASN F 273 52.24 36.05 -20.74
C ASN F 273 53.08 37.18 -20.17
N HIS F 274 52.66 37.75 -19.03
CA HIS F 274 53.45 38.80 -18.42
C HIS F 274 54.85 38.32 -18.09
N LEU F 275 54.96 37.09 -17.57
CA LEU F 275 56.28 36.56 -17.25
C LEU F 275 57.17 36.52 -18.48
N GLY F 276 56.60 36.17 -19.63
CA GLY F 276 57.34 36.19 -20.88
C GLY F 276 57.82 34.81 -21.29
N TRP F 277 57.99 34.64 -22.60
CA TRP F 277 58.42 33.36 -23.14
C TRP F 277 59.90 33.11 -22.88
N ARG F 278 60.72 34.15 -22.92
CA ARG F 278 62.16 33.97 -22.68
C ARG F 278 62.42 33.42 -21.29
N LYS F 279 61.73 33.96 -20.27
CA LYS F 279 61.91 33.45 -18.92
C LYS F 279 61.43 32.01 -18.80
N ILE F 280 60.27 31.70 -19.40
CA ILE F 280 59.71 30.36 -19.31
C ILE F 280 60.66 29.35 -19.95
N LYS F 281 61.24 29.71 -21.09
CA LYS F 281 62.15 28.79 -21.77
C LYS F 281 63.32 28.43 -20.87
N LEU F 282 63.85 29.39 -20.12
CA LEU F 282 64.94 29.14 -19.19
C LEU F 282 64.39 28.67 -17.85
N SER G 19 -24.30 -62.60 -15.92
CA SER G 19 -24.32 -61.36 -15.16
C SER G 19 -24.02 -60.16 -16.06
N THR G 20 -24.03 -60.38 -17.38
CA THR G 20 -23.78 -59.27 -18.30
C THR G 20 -24.82 -58.17 -18.11
N MET G 21 -26.08 -58.54 -17.88
CA MET G 21 -27.10 -57.55 -17.57
C MET G 21 -26.80 -56.84 -16.26
N ILE G 22 -26.28 -57.57 -15.27
CA ILE G 22 -25.84 -56.94 -14.04
C ILE G 22 -24.68 -55.98 -14.31
N GLY G 23 -23.78 -56.37 -15.22
CA GLY G 23 -22.75 -55.45 -15.64
C GLY G 23 -23.31 -54.17 -16.25
N ARG G 24 -24.36 -54.29 -17.06
CA ARG G 24 -24.98 -53.10 -17.63
C ARG G 24 -25.58 -52.22 -16.55
N ILE G 25 -26.23 -52.83 -15.56
CA ILE G 25 -26.82 -52.05 -14.47
C ILE G 25 -25.72 -51.30 -13.72
N LEU G 26 -24.65 -51.99 -13.34
CA LEU G 26 -23.57 -51.34 -12.61
C LEU G 26 -22.92 -50.26 -13.45
N LEU G 27 -22.76 -50.50 -14.75
CA LEU G 27 -22.14 -49.51 -15.62
C LEU G 27 -22.97 -48.24 -15.67
N THR G 28 -24.29 -48.39 -15.84
CA THR G 28 -25.15 -47.22 -15.86
C THR G 28 -25.07 -46.45 -14.55
N VAL G 29 -25.12 -47.17 -13.43
CA VAL G 29 -25.07 -46.50 -12.13
C VAL G 29 -23.75 -45.74 -11.97
N VAL G 30 -22.65 -46.37 -12.35
CA VAL G 30 -21.34 -45.74 -12.19
C VAL G 30 -21.23 -44.50 -13.07
N VAL G 31 -21.74 -44.58 -14.30
CA VAL G 31 -21.68 -43.42 -15.19
C VAL G 31 -22.46 -42.26 -14.60
N ILE G 32 -23.66 -42.54 -14.11
CA ILE G 32 -24.48 -41.48 -13.52
C ILE G 32 -23.78 -40.90 -12.29
N PHE G 33 -23.18 -41.77 -11.48
CA PHE G 33 -22.48 -41.30 -10.28
C PHE G 33 -21.34 -40.36 -10.64
N ARG G 34 -20.53 -40.74 -11.62
CA ARG G 34 -19.41 -39.89 -12.03
C ARG G 34 -19.91 -38.55 -12.54
N ILE G 35 -20.94 -38.57 -13.39
CA ILE G 35 -21.45 -37.32 -13.95
C ILE G 35 -21.94 -36.40 -12.84
N LEU G 36 -22.70 -36.97 -11.88
CA LEU G 36 -23.24 -36.15 -10.80
C LEU G 36 -22.12 -35.54 -9.96
N ILE G 37 -21.14 -36.35 -9.58
CA ILE G 37 -20.06 -35.85 -8.74
C ILE G 37 -19.34 -34.70 -9.44
N VAL G 38 -18.96 -34.92 -10.69
CA VAL G 38 -18.25 -33.85 -11.42
C VAL G 38 -19.12 -32.61 -11.47
N ALA G 39 -20.34 -32.74 -12.01
CA ALA G 39 -21.18 -31.57 -12.23
C ALA G 39 -21.45 -30.81 -10.94
N ILE G 40 -21.44 -31.48 -9.79
CA ILE G 40 -21.81 -30.80 -8.55
C ILE G 40 -20.60 -30.16 -7.86
N VAL G 41 -19.43 -30.81 -7.83
CA VAL G 41 -18.34 -30.30 -7.01
C VAL G 41 -17.13 -29.81 -7.82
N GLY G 42 -16.94 -30.27 -9.06
CA GLY G 42 -15.70 -29.96 -9.76
C GLY G 42 -15.48 -28.47 -9.92
N GLU G 43 -16.51 -27.76 -10.36
CA GLU G 43 -16.35 -26.32 -10.62
C GLU G 43 -15.99 -25.59 -9.33
N THR G 44 -16.63 -25.94 -8.22
CA THR G 44 -16.36 -25.25 -6.98
C THR G 44 -14.95 -25.53 -6.48
N VAL G 45 -14.47 -26.76 -6.65
CA VAL G 45 -13.14 -27.10 -6.13
C VAL G 45 -12.07 -26.26 -6.82
N TYR G 46 -12.15 -26.11 -8.14
CA TYR G 46 -11.13 -25.45 -8.94
C TYR G 46 -11.47 -23.99 -9.25
N ASP G 47 -12.22 -23.34 -8.38
CA ASP G 47 -12.67 -21.98 -8.66
C ASP G 47 -11.52 -20.98 -8.60
N ASP G 48 -10.71 -21.05 -7.54
CA ASP G 48 -9.66 -20.08 -7.28
C ASP G 48 -8.28 -20.67 -7.50
N GLU G 49 -8.13 -21.50 -8.51
CA GLU G 49 -6.84 -22.14 -8.77
C GLU G 49 -5.77 -21.09 -9.06
N GLN G 50 -6.10 -20.07 -9.85
CA GLN G 50 -5.13 -19.06 -10.24
C GLN G 50 -5.09 -17.87 -9.30
N THR G 51 -6.20 -17.58 -8.63
CA THR G 51 -6.23 -16.44 -7.72
C THR G 51 -5.35 -16.68 -6.50
N MET G 52 -5.33 -17.91 -6.01
CA MET G 52 -4.57 -18.26 -4.81
C MET G 52 -3.20 -18.84 -5.12
N PHE G 53 -2.81 -18.91 -6.40
CA PHE G 53 -1.48 -19.36 -6.77
C PHE G 53 -0.51 -18.19 -6.66
N VAL G 54 0.49 -18.32 -5.80
CA VAL G 54 1.40 -17.22 -5.48
C VAL G 54 2.83 -17.71 -5.61
N CYS G 55 3.68 -16.86 -6.18
CA CYS G 55 5.11 -17.14 -6.31
C CYS G 55 5.89 -16.13 -5.49
N ASN G 56 7.06 -16.56 -5.02
CA ASN G 56 7.91 -15.72 -4.18
C ASN G 56 8.84 -14.91 -5.07
N THR G 57 8.36 -13.76 -5.52
CA THR G 57 9.14 -12.90 -6.42
C THR G 57 8.47 -11.54 -6.50
N LEU G 58 9.18 -10.59 -7.11
CA LEU G 58 8.65 -9.27 -7.38
C LEU G 58 8.51 -8.97 -8.86
N GLN G 59 8.86 -9.92 -9.72
CA GLN G 59 8.83 -9.68 -11.17
C GLN G 59 7.40 -9.73 -11.67
N PRO G 60 6.90 -8.68 -12.32
CA PRO G 60 5.57 -8.77 -12.93
C PRO G 60 5.53 -9.85 -14.00
N GLY G 61 4.42 -10.58 -14.05
CA GLY G 61 4.20 -11.60 -15.04
C GLY G 61 4.78 -12.97 -14.71
N CYS G 62 5.51 -13.10 -13.60
CA CYS G 62 6.04 -14.40 -13.23
C CYS G 62 4.93 -15.34 -12.78
N ASN G 63 3.93 -14.81 -12.08
CA ASN G 63 2.82 -15.64 -11.62
C ASN G 63 2.09 -16.28 -12.79
N GLN G 64 1.78 -15.49 -13.82
CA GLN G 64 1.04 -16.03 -14.96
C GLN G 64 1.83 -17.13 -15.65
N ALA G 65 3.10 -16.88 -15.95
CA ALA G 65 3.90 -17.87 -16.66
C ALA G 65 4.07 -19.14 -15.84
N CYS G 66 4.36 -18.99 -14.55
CA CYS G 66 4.60 -20.17 -13.73
C CYS G 66 3.32 -20.97 -13.55
N TYR G 67 2.17 -20.31 -13.36
CA TYR G 67 0.93 -21.06 -13.26
C TYR G 67 0.63 -21.77 -14.57
N ASP G 68 0.83 -21.11 -15.70
CA ASP G 68 0.56 -21.75 -16.98
C ASP G 68 1.44 -22.98 -17.17
N ARG G 69 2.70 -22.90 -16.77
CA ARG G 69 3.58 -24.05 -16.91
C ARG G 69 3.18 -25.18 -15.96
N ALA G 70 2.78 -24.83 -14.73
CA ALA G 70 2.46 -25.85 -13.75
C ALA G 70 1.22 -26.65 -14.15
N PHE G 71 0.17 -25.96 -14.63
CA PHE G 71 -1.11 -26.58 -14.95
C PHE G 71 -1.50 -26.19 -16.37
N PRO G 72 -0.95 -26.86 -17.38
CA PRO G 72 -1.32 -26.52 -18.76
C PRO G 72 -2.80 -26.64 -19.03
N ILE G 73 -3.45 -27.66 -18.47
CA ILE G 73 -4.89 -27.87 -18.60
C ILE G 73 -5.44 -28.25 -17.24
N SER G 74 -6.52 -27.59 -16.82
CA SER G 74 -7.13 -27.90 -15.54
C SER G 74 -7.74 -29.29 -15.58
N HIS G 75 -7.77 -29.94 -14.41
CA HIS G 75 -8.33 -31.30 -14.34
C HIS G 75 -9.79 -31.31 -14.74
N ILE G 76 -10.55 -30.32 -14.29
CA ILE G 76 -11.99 -30.34 -14.47
C ILE G 76 -12.36 -30.33 -15.95
N ARG G 77 -11.66 -29.53 -16.75
CA ARG G 77 -11.96 -29.47 -18.18
C ARG G 77 -11.62 -30.79 -18.85
N TYR G 78 -10.51 -31.40 -18.47
CA TYR G 78 -10.17 -32.72 -19.02
C TYR G 78 -11.27 -33.73 -18.70
N TRP G 79 -11.77 -33.71 -17.47
CA TRP G 79 -12.81 -34.68 -17.09
C TRP G 79 -14.11 -34.41 -17.83
N VAL G 80 -14.47 -33.14 -18.03
CA VAL G 80 -15.69 -32.83 -18.78
C VAL G 80 -15.57 -33.34 -20.20
N PHE G 81 -14.43 -33.07 -20.84
CA PHE G 81 -14.20 -33.57 -22.20
C PHE G 81 -14.29 -35.09 -22.24
N GLN G 82 -13.69 -35.76 -21.26
CA GLN G 82 -13.75 -37.22 -21.22
C GLN G 82 -15.17 -37.71 -21.12
N ILE G 83 -15.98 -37.08 -20.26
CA ILE G 83 -17.35 -37.53 -20.07
C ILE G 83 -18.13 -37.40 -21.37
N ILE G 84 -18.06 -36.24 -22.01
CA ILE G 84 -18.82 -36.04 -23.24
C ILE G 84 -18.35 -37.02 -24.32
N MET G 85 -17.04 -37.17 -24.48
CA MET G 85 -16.53 -38.05 -25.51
C MET G 85 -16.96 -39.49 -25.27
N VAL G 86 -16.93 -39.93 -24.02
CA VAL G 86 -17.34 -41.30 -23.71
C VAL G 86 -18.82 -41.50 -23.96
N CYS G 87 -19.64 -40.47 -23.70
CA CYS G 87 -21.07 -40.61 -23.95
C CYS G 87 -21.44 -40.51 -25.42
N THR G 88 -20.55 -39.99 -26.26
CA THR G 88 -20.88 -39.81 -27.68
C THR G 88 -21.41 -41.06 -28.37
N PRO G 89 -20.78 -42.23 -28.26
CA PRO G 89 -21.26 -43.39 -29.04
C PRO G 89 -22.71 -43.77 -28.75
N SER G 90 -23.15 -43.66 -27.49
CA SER G 90 -24.54 -43.92 -27.18
C SER G 90 -25.46 -42.96 -27.90
N LEU G 91 -25.07 -41.69 -27.97
CA LEU G 91 -25.85 -40.70 -28.72
C LEU G 91 -25.92 -41.09 -30.20
N CYS G 92 -24.80 -41.52 -30.77
CA CYS G 92 -24.79 -41.93 -32.17
C CYS G 92 -25.75 -43.08 -32.40
N PHE G 93 -25.71 -44.08 -31.51
CA PHE G 93 -26.60 -45.24 -31.65
C PHE G 93 -28.06 -44.81 -31.53
N ILE G 94 -28.36 -43.93 -30.57
CA ILE G 94 -29.74 -43.51 -30.35
C ILE G 94 -30.27 -42.78 -31.57
N THR G 95 -29.47 -41.86 -32.12
CA THR G 95 -29.93 -41.13 -33.30
C THR G 95 -30.05 -42.03 -34.52
N TYR G 96 -29.17 -43.03 -34.65
CA TYR G 96 -29.32 -44.00 -35.73
C TYR G 96 -30.62 -44.76 -35.59
N SER G 97 -30.96 -45.18 -34.36
CA SER G 97 -32.22 -45.89 -34.15
C SER G 97 -33.40 -45.00 -34.49
N VAL G 98 -33.35 -43.73 -34.09
CA VAL G 98 -34.43 -42.81 -34.42
C VAL G 98 -34.57 -42.66 -35.93
N HIS G 99 -33.46 -42.52 -36.64
CA HIS G 99 -33.50 -42.41 -38.09
C HIS G 99 -34.10 -43.67 -38.71
N GLN G 100 -33.75 -44.85 -38.18
CA GLN G 100 -34.23 -46.09 -38.78
C GLN G 100 -35.75 -46.18 -38.75
N SER G 101 -36.40 -45.48 -37.84
CA SER G 101 -37.86 -45.48 -37.72
C SER G 101 -38.38 -44.10 -38.14
N ALA G 102 -39.29 -44.08 -39.11
CA ALA G 102 -39.86 -42.83 -39.61
C ALA G 102 -38.77 -41.90 -40.10
N GLY G 194 -29.40 -55.45 -38.75
CA GLY G 194 -29.45 -53.99 -38.81
C GLY G 194 -28.95 -53.35 -37.53
N ILE G 195 -29.84 -53.23 -36.54
CA ILE G 195 -29.47 -52.64 -35.26
C ILE G 195 -28.69 -53.61 -34.38
N SER G 196 -28.64 -54.89 -34.74
CA SER G 196 -27.91 -55.88 -33.95
C SER G 196 -26.42 -55.92 -34.28
N ARG G 197 -25.97 -55.15 -35.27
CA ARG G 197 -24.56 -55.08 -35.62
C ARG G 197 -23.91 -53.78 -35.16
N PHE G 198 -24.61 -52.65 -35.29
CA PHE G 198 -24.08 -51.39 -34.81
C PHE G 198 -23.70 -51.45 -33.34
N TYR G 199 -24.41 -52.27 -32.57
CA TYR G 199 -24.17 -52.35 -31.13
C TYR G 199 -22.76 -52.82 -30.82
N ILE G 200 -22.27 -53.79 -31.58
CA ILE G 200 -20.93 -54.33 -31.32
C ILE G 200 -19.87 -53.26 -31.57
N ILE G 201 -19.98 -52.53 -32.68
CA ILE G 201 -19.02 -51.47 -32.97
C ILE G 201 -19.11 -50.38 -31.92
N GLN G 202 -20.31 -50.05 -31.48
CA GLN G 202 -20.47 -49.06 -30.43
C GLN G 202 -19.73 -49.50 -29.17
N VAL G 203 -19.88 -50.78 -28.78
CA VAL G 203 -19.21 -51.28 -27.59
C VAL G 203 -17.69 -51.19 -27.75
N VAL G 204 -17.19 -51.59 -28.92
CA VAL G 204 -15.75 -51.57 -29.16
C VAL G 204 -15.21 -50.15 -29.04
N PHE G 205 -15.90 -49.18 -29.66
CA PHE G 205 -15.45 -47.81 -29.61
C PHE G 205 -15.48 -47.27 -28.18
N ARG G 206 -16.52 -47.61 -27.43
CA ARG G 206 -16.59 -47.17 -26.04
C ARG G 206 -15.42 -47.70 -25.24
N ASN G 207 -15.10 -48.99 -25.41
CA ASN G 207 -13.96 -49.57 -24.73
C ASN G 207 -12.68 -48.82 -25.07
N ALA G 208 -12.45 -48.59 -26.36
CA ALA G 208 -11.22 -47.93 -26.78
C ALA G 208 -11.12 -46.53 -26.19
N LEU G 209 -12.22 -45.77 -26.24
CA LEU G 209 -12.19 -44.41 -25.71
C LEU G 209 -11.90 -44.41 -24.22
N GLU G 210 -12.56 -45.29 -23.47
CA GLU G 210 -12.34 -45.32 -22.02
C GLU G 210 -10.88 -45.63 -21.69
N ILE G 211 -10.32 -46.66 -22.34
CA ILE G 211 -8.94 -47.02 -22.06
C ILE G 211 -8.00 -45.86 -22.42
N GLY G 212 -8.22 -45.24 -23.58
CA GLY G 212 -7.36 -44.15 -23.99
C GLY G 212 -7.40 -42.99 -23.02
N PHE G 213 -8.60 -42.63 -22.55
CA PHE G 213 -8.71 -41.51 -21.62
C PHE G 213 -8.05 -41.83 -20.29
N LEU G 214 -8.19 -43.05 -19.80
CA LEU G 214 -7.53 -43.43 -18.56
C LEU G 214 -6.01 -43.31 -18.69
N VAL G 215 -5.45 -43.85 -19.77
CA VAL G 215 -4.01 -43.79 -19.96
C VAL G 215 -3.55 -42.34 -20.10
N GLY G 216 -4.31 -41.53 -20.83
CA GLY G 216 -3.95 -40.14 -20.98
C GLY G 216 -3.94 -39.39 -19.66
N GLN G 217 -4.95 -39.64 -18.81
CA GLN G 217 -4.96 -39.01 -17.50
C GLN G 217 -3.73 -39.39 -16.71
N TYR G 218 -3.38 -40.68 -16.70
CA TYR G 218 -2.20 -41.09 -15.95
C TYR G 218 -0.95 -40.37 -16.46
N PHE G 219 -0.78 -40.32 -17.78
CA PHE G 219 0.44 -39.73 -18.33
C PHE G 219 0.46 -38.21 -18.20
N LEU G 220 -0.69 -37.57 -18.02
CA LEU G 220 -0.75 -36.13 -17.93
C LEU G 220 -0.58 -35.63 -16.49
N TYR G 221 -1.26 -36.26 -15.54
CA TYR G 221 -1.32 -35.71 -14.19
C TYR G 221 -0.65 -36.56 -13.12
N GLY G 222 -0.33 -37.82 -13.39
CA GLY G 222 0.24 -38.64 -12.34
C GLY G 222 -0.81 -39.01 -11.31
N PHE G 223 -0.37 -39.15 -10.05
CA PHE G 223 -1.23 -39.56 -8.96
C PHE G 223 -1.30 -38.58 -7.81
N SER G 224 -0.65 -37.42 -7.91
CA SER G 224 -0.67 -36.47 -6.80
C SER G 224 -0.40 -35.07 -7.34
N VAL G 225 -0.78 -34.08 -6.53
CA VAL G 225 -0.57 -32.67 -6.82
C VAL G 225 0.38 -32.13 -5.76
N PRO G 226 1.65 -31.88 -6.09
CA PRO G 226 2.59 -31.40 -5.07
C PRO G 226 2.23 -30.00 -4.59
N GLY G 227 2.61 -29.72 -3.35
CA GLY G 227 2.33 -28.42 -2.76
C GLY G 227 3.30 -27.32 -3.13
N LEU G 228 4.44 -27.67 -3.72
CA LEU G 228 5.43 -26.69 -4.16
C LEU G 228 5.74 -26.92 -5.62
N TYR G 229 6.12 -25.84 -6.31
CA TYR G 229 6.51 -25.92 -7.71
C TYR G 229 7.75 -25.07 -7.91
N GLU G 230 8.69 -25.56 -8.72
CA GLU G 230 9.91 -24.84 -9.05
C GLU G 230 9.82 -24.41 -10.51
N CYS G 231 9.85 -23.10 -10.74
CA CYS G 231 9.55 -22.51 -12.04
C CYS G 231 10.75 -21.72 -12.54
N ASN G 232 11.10 -21.90 -13.81
CA ASN G 232 12.21 -21.18 -14.42
C ASN G 232 11.84 -20.70 -15.81
N ARG G 233 10.64 -20.14 -15.95
CA ARG G 233 10.16 -19.61 -17.22
C ARG G 233 10.34 -18.10 -17.25
N TYR G 234 10.68 -17.57 -18.43
CA TYR G 234 10.74 -16.14 -18.59
C TYR G 234 9.38 -15.54 -18.28
N PRO G 235 9.31 -14.37 -17.61
CA PRO G 235 10.38 -13.45 -17.21
C PRO G 235 10.98 -13.74 -15.84
N CYS G 236 10.65 -14.86 -15.20
CA CYS G 236 11.20 -15.14 -13.88
C CYS G 236 12.72 -15.30 -13.97
N ILE G 237 13.41 -14.80 -12.95
CA ILE G 237 14.86 -14.78 -12.93
C ILE G 237 15.36 -16.07 -12.29
N LYS G 238 16.12 -16.86 -13.06
CA LYS G 238 16.69 -18.13 -12.58
C LYS G 238 15.52 -19.00 -12.11
N GLU G 239 15.56 -19.55 -10.91
CA GLU G 239 14.51 -20.42 -10.39
C GLU G 239 13.74 -19.71 -9.29
N VAL G 240 12.42 -19.88 -9.30
CA VAL G 240 11.55 -19.32 -8.27
C VAL G 240 10.67 -20.45 -7.74
N GLU G 241 10.15 -20.24 -6.54
CA GLU G 241 9.31 -21.22 -5.86
C GLU G 241 7.88 -20.69 -5.78
N CYS G 242 6.92 -21.52 -6.15
CA CYS G 242 5.52 -21.15 -6.16
C CYS G 242 4.72 -22.17 -5.36
N TYR G 243 3.58 -21.73 -4.83
CA TYR G 243 2.80 -22.51 -3.88
C TYR G 243 1.39 -22.72 -4.42
N VAL G 244 0.92 -23.96 -4.33
CA VAL G 244 -0.35 -24.36 -4.93
C VAL G 244 -1.46 -24.24 -3.91
N SER G 245 -2.70 -24.19 -4.40
CA SER G 245 -3.88 -24.04 -3.57
C SER G 245 -4.63 -25.37 -3.48
N ARG G 246 -4.98 -25.77 -2.26
CA ARG G 246 -5.71 -27.00 -2.00
C ARG G 246 -5.08 -28.21 -2.71
N PRO G 247 -3.81 -28.51 -2.46
CA PRO G 247 -3.22 -29.71 -3.08
C PRO G 247 -3.88 -31.01 -2.64
N THR G 248 -4.28 -31.12 -1.38
CA THR G 248 -4.78 -32.39 -0.87
C THR G 248 -6.15 -32.73 -1.45
N GLU G 249 -7.05 -31.75 -1.52
CA GLU G 249 -8.36 -31.99 -2.10
C GLU G 249 -8.23 -32.40 -3.56
N LYS G 250 -7.34 -31.74 -4.30
CA LYS G 250 -7.13 -32.09 -5.69
C LYS G 250 -6.55 -33.49 -5.84
N THR G 251 -5.63 -33.88 -4.94
CA THR G 251 -5.12 -35.24 -4.98
C THR G 251 -6.23 -36.26 -4.75
N VAL G 252 -7.10 -36.01 -3.77
CA VAL G 252 -8.20 -36.93 -3.49
C VAL G 252 -9.11 -37.03 -4.71
N PHE G 253 -9.44 -35.89 -5.32
CA PHE G 253 -10.29 -35.90 -6.50
C PHE G 253 -9.66 -36.69 -7.63
N LEU G 254 -8.35 -36.49 -7.85
CA LEU G 254 -7.66 -37.22 -8.91
C LEU G 254 -7.74 -38.73 -8.70
N VAL G 255 -7.45 -39.17 -7.48
CA VAL G 255 -7.46 -40.61 -7.21
C VAL G 255 -8.87 -41.17 -7.37
N PHE G 256 -9.87 -40.44 -6.88
CA PHE G 256 -11.24 -40.94 -6.98
C PHE G 256 -11.67 -41.08 -8.43
N MET G 257 -11.35 -40.08 -9.26
CA MET G 257 -11.72 -40.17 -10.67
C MET G 257 -10.99 -41.32 -11.35
N PHE G 258 -9.72 -41.53 -11.01
CA PHE G 258 -9.00 -42.66 -11.59
C PHE G 258 -9.67 -43.98 -11.22
N ALA G 259 -10.08 -44.13 -9.96
CA ALA G 259 -10.71 -45.38 -9.54
C ALA G 259 -12.03 -45.60 -10.28
N VAL G 260 -12.84 -44.55 -10.41
CA VAL G 260 -14.12 -44.70 -11.10
C VAL G 260 -13.90 -45.09 -12.56
N SER G 261 -12.93 -44.44 -13.21
CA SER G 261 -12.65 -44.78 -14.61
C SER G 261 -12.16 -46.22 -14.74
N GLY G 262 -11.35 -46.68 -13.79
CA GLY G 262 -10.92 -48.07 -13.82
C GLY G 262 -12.08 -49.04 -13.70
N ILE G 263 -13.02 -48.75 -12.81
CA ILE G 263 -14.19 -49.61 -12.68
C ILE G 263 -14.97 -49.64 -13.99
N CYS G 264 -15.15 -48.47 -14.62
CA CYS G 264 -15.85 -48.44 -15.90
C CYS G 264 -15.13 -49.28 -16.94
N VAL G 265 -13.79 -49.18 -16.99
CA VAL G 265 -13.02 -49.96 -17.95
C VAL G 265 -13.23 -51.45 -17.72
N VAL G 266 -13.20 -51.88 -16.45
CA VAL G 266 -13.37 -53.30 -16.16
C VAL G 266 -14.72 -53.79 -16.62
N LEU G 267 -15.78 -53.01 -16.32
CA LEU G 267 -17.12 -53.43 -16.72
C LEU G 267 -17.25 -53.49 -18.24
N ASN G 268 -16.69 -52.51 -18.95
CA ASN G 268 -16.76 -52.52 -20.40
C ASN G 268 -16.03 -53.73 -20.98
N LEU G 269 -14.86 -54.05 -20.41
CA LEU G 269 -14.13 -55.23 -20.88
C LEU G 269 -14.94 -56.50 -20.63
N ALA G 270 -15.61 -56.58 -19.48
CA ALA G 270 -16.45 -57.74 -19.21
C ALA G 270 -17.56 -57.88 -20.24
N GLU G 271 -18.22 -56.77 -20.58
CA GLU G 271 -19.27 -56.82 -21.58
C GLU G 271 -18.71 -57.29 -22.93
N LEU G 272 -17.59 -56.70 -23.35
CA LEU G 272 -17.01 -57.06 -24.64
C LEU G 272 -16.64 -58.53 -24.67
N ASN G 273 -16.05 -59.04 -23.60
CA ASN G 273 -15.74 -60.46 -23.54
C ASN G 273 -16.99 -61.31 -23.60
N HIS G 274 -18.07 -60.88 -22.94
CA HIS G 274 -19.31 -61.64 -23.00
C HIS G 274 -19.81 -61.75 -24.43
N LEU G 275 -19.74 -60.65 -25.19
CA LEU G 275 -20.20 -60.71 -26.58
C LEU G 275 -19.42 -61.76 -27.37
N GLY G 276 -18.14 -61.94 -27.06
CA GLY G 276 -17.33 -62.97 -27.68
C GLY G 276 -16.54 -62.45 -28.86
N TRP G 277 -15.44 -63.15 -29.15
CA TRP G 277 -14.55 -62.73 -30.23
C TRP G 277 -15.13 -63.06 -31.60
N ARG G 278 -15.85 -64.17 -31.73
CA ARG G 278 -16.39 -64.56 -33.03
C ARG G 278 -17.39 -63.52 -33.53
N LYS G 279 -18.26 -63.03 -32.66
CA LYS G 279 -19.22 -62.00 -33.07
C LYS G 279 -18.50 -60.71 -33.45
N ILE G 280 -17.48 -60.33 -32.67
CA ILE G 280 -16.75 -59.09 -32.96
C ILE G 280 -16.07 -59.19 -34.32
N LYS G 281 -15.48 -60.34 -34.64
CA LYS G 281 -14.81 -60.49 -35.93
C LYS G 281 -15.80 -60.30 -37.07
N LEU G 282 -17.02 -60.83 -36.93
CA LEU G 282 -18.05 -60.68 -37.94
C LEU G 282 -18.87 -59.43 -37.70
N SER H 19 -24.16 -43.59 -48.90
CA SER H 19 -23.91 -43.43 -47.47
C SER H 19 -24.26 -42.03 -47.01
N THR H 20 -25.53 -41.65 -47.16
CA THR H 20 -26.01 -40.34 -46.75
C THR H 20 -26.60 -40.33 -45.35
N MET H 21 -27.04 -41.46 -44.83
CA MET H 21 -27.61 -41.48 -43.49
C MET H 21 -26.52 -41.31 -42.43
N ILE H 22 -25.41 -42.03 -42.59
CA ILE H 22 -24.31 -41.89 -41.63
C ILE H 22 -23.77 -40.47 -41.65
N GLY H 23 -23.76 -39.82 -42.81
CA GLY H 23 -23.32 -38.43 -42.85
C GLY H 23 -24.17 -37.53 -41.97
N ARG H 24 -25.49 -37.64 -42.09
CA ARG H 24 -26.37 -36.82 -41.27
C ARG H 24 -26.24 -37.17 -39.80
N ILE H 25 -26.10 -38.47 -39.48
CA ILE H 25 -25.97 -38.88 -38.09
C ILE H 25 -24.71 -38.26 -37.48
N LEU H 26 -23.58 -38.39 -38.17
CA LEU H 26 -22.34 -37.83 -37.66
C LEU H 26 -22.42 -36.31 -37.56
N LEU H 27 -23.07 -35.67 -38.54
CA LEU H 27 -23.18 -34.21 -38.50
C LEU H 27 -23.95 -33.76 -37.28
N THR H 28 -25.09 -34.42 -37.01
CA THR H 28 -25.87 -34.05 -35.83
C THR H 28 -25.08 -34.27 -34.55
N VAL H 29 -24.40 -35.42 -34.45
CA VAL H 29 -23.63 -35.71 -33.25
C VAL H 29 -22.54 -34.66 -33.04
N VAL H 30 -21.85 -34.30 -34.10
CA VAL H 30 -20.76 -33.32 -33.98
C VAL H 30 -21.30 -31.97 -33.58
N VAL H 31 -22.43 -31.55 -34.15
CA VAL H 31 -23.01 -30.26 -33.79
C VAL H 31 -23.36 -30.24 -32.32
N ILE H 32 -24.01 -31.30 -31.84
CA ILE H 32 -24.38 -31.35 -30.42
C ILE H 32 -23.13 -31.33 -29.55
N PHE H 33 -22.10 -32.06 -29.95
CA PHE H 33 -20.86 -32.11 -29.18
C PHE H 33 -20.25 -30.72 -29.04
N ARG H 34 -20.16 -29.99 -30.16
CA ARG H 34 -19.57 -28.66 -30.13
C ARG H 34 -20.39 -27.73 -29.24
N ILE H 35 -21.71 -27.78 -29.37
CA ILE H 35 -22.56 -26.90 -28.56
C ILE H 35 -22.35 -27.19 -27.08
N LEU H 36 -22.34 -28.48 -26.71
CA LEU H 36 -22.19 -28.83 -25.31
C LEU H 36 -20.84 -28.36 -24.76
N ILE H 37 -19.76 -28.62 -25.51
CA ILE H 37 -18.44 -28.25 -25.03
C ILE H 37 -18.38 -26.74 -24.79
N VAL H 38 -18.80 -25.96 -25.78
CA VAL H 38 -18.75 -24.51 -25.63
C VAL H 38 -19.58 -24.09 -24.42
N ALA H 39 -20.85 -24.51 -24.39
CA ALA H 39 -21.75 -24.03 -23.35
C ALA H 39 -21.26 -24.41 -21.95
N ILE H 40 -20.50 -25.49 -21.83
CA ILE H 40 -20.10 -25.93 -20.49
C ILE H 40 -18.78 -25.32 -20.05
N VAL H 41 -17.78 -25.17 -20.92
CA VAL H 41 -16.45 -24.75 -20.47
C VAL H 41 -16.03 -23.37 -20.96
N GLY H 42 -16.62 -22.84 -22.03
CA GLY H 42 -16.08 -21.62 -22.61
C GLY H 42 -16.09 -20.46 -21.65
N GLU H 43 -17.22 -20.25 -20.97
CA GLU H 43 -17.31 -19.10 -20.07
C GLU H 43 -16.30 -19.20 -18.94
N THR H 44 -16.13 -20.41 -18.38
CA THR H 44 -15.19 -20.57 -17.28
C THR H 44 -13.76 -20.32 -17.72
N VAL H 45 -13.40 -20.77 -18.92
CA VAL H 45 -12.01 -20.63 -19.36
C VAL H 45 -11.63 -19.15 -19.47
N TYR H 46 -12.53 -18.33 -20.05
CA TYR H 46 -12.22 -16.94 -20.35
C TYR H 46 -12.78 -15.97 -19.32
N ASP H 47 -12.94 -16.43 -18.07
CA ASP H 47 -13.57 -15.59 -17.07
C ASP H 47 -12.68 -14.43 -16.66
N ASP H 48 -11.42 -14.69 -16.36
CA ASP H 48 -10.49 -13.69 -15.84
C ASP H 48 -9.48 -13.25 -16.89
N GLU H 49 -9.92 -13.14 -18.14
CA GLU H 49 -9.00 -12.76 -19.21
C GLU H 49 -8.42 -11.38 -18.97
N GLN H 50 -9.24 -10.43 -18.53
CA GLN H 50 -8.78 -9.07 -18.33
C GLN H 50 -8.27 -8.82 -16.91
N THR H 51 -8.79 -9.54 -15.92
CA THR H 51 -8.34 -9.34 -14.55
C THR H 51 -6.89 -9.75 -14.38
N MET H 52 -6.48 -10.84 -15.03
CA MET H 52 -5.14 -11.37 -14.90
C MET H 52 -4.18 -10.88 -15.98
N PHE H 53 -4.64 -10.00 -16.86
CA PHE H 53 -3.76 -9.40 -17.87
C PHE H 53 -3.02 -8.23 -17.25
N VAL H 54 -1.70 -8.29 -17.24
CA VAL H 54 -0.87 -7.33 -16.54
C VAL H 54 0.23 -6.85 -17.47
N CYS H 55 0.52 -5.55 -17.43
CA CYS H 55 1.60 -4.95 -18.21
C CYS H 55 2.63 -4.37 -17.27
N ASN H 56 3.88 -4.35 -17.73
CA ASN H 56 5.01 -3.86 -16.93
C ASN H 56 5.14 -2.35 -17.14
N THR H 57 4.41 -1.58 -16.33
CA THR H 57 4.41 -0.13 -16.47
C THR H 57 3.71 0.46 -15.25
N LEU H 58 3.84 1.78 -15.11
CA LEU H 58 3.15 2.54 -14.08
C LEU H 58 2.12 3.51 -14.64
N GLN H 59 1.96 3.56 -15.96
CA GLN H 59 1.07 4.53 -16.57
C GLN H 59 -0.38 4.08 -16.39
N PRO H 60 -1.24 4.89 -15.78
CA PRO H 60 -2.67 4.53 -15.73
C PRO H 60 -3.25 4.42 -17.12
N GLY H 61 -4.11 3.41 -17.31
CA GLY H 61 -4.81 3.22 -18.56
C GLY H 61 -4.05 2.42 -19.60
N CYS H 62 -2.78 2.08 -19.34
CA CYS H 62 -2.04 1.27 -20.31
C CYS H 62 -2.59 -0.14 -20.40
N ASN H 63 -3.02 -0.70 -19.26
CA ASN H 63 -3.56 -2.05 -19.26
C ASN H 63 -4.78 -2.16 -20.15
N GLN H 64 -5.72 -1.22 -20.02
CA GLN H 64 -6.94 -1.27 -20.80
C GLN H 64 -6.63 -1.20 -22.30
N ALA H 65 -5.82 -0.23 -22.70
CA ALA H 65 -5.51 -0.06 -24.11
C ALA H 65 -4.80 -1.27 -24.67
N CYS H 66 -3.80 -1.78 -23.95
CA CYS H 66 -3.03 -2.91 -24.46
C CYS H 66 -3.89 -4.17 -24.54
N TYR H 67 -4.74 -4.41 -23.55
CA TYR H 67 -5.63 -5.56 -23.63
C TYR H 67 -6.58 -5.43 -24.81
N ASP H 68 -7.14 -4.23 -25.01
CA ASP H 68 -8.07 -4.05 -26.11
C ASP H 68 -7.39 -4.29 -27.46
N ARG H 69 -6.15 -3.82 -27.60
CA ARG H 69 -5.44 -4.07 -28.85
C ARG H 69 -5.08 -5.55 -29.02
N ALA H 70 -4.75 -6.23 -27.92
CA ALA H 70 -4.33 -7.62 -28.02
C ALA H 70 -5.49 -8.54 -28.41
N PHE H 71 -6.64 -8.34 -27.79
CA PHE H 71 -7.82 -9.20 -27.99
C PHE H 71 -9.01 -8.35 -28.36
N PRO H 72 -9.12 -7.92 -29.62
CA PRO H 72 -10.27 -7.09 -30.01
C PRO H 72 -11.60 -7.76 -29.74
N ILE H 73 -11.70 -9.07 -29.97
CA ILE H 73 -12.91 -9.84 -29.71
C ILE H 73 -12.50 -11.14 -29.05
N SER H 74 -13.16 -11.49 -27.95
CA SER H 74 -12.86 -12.73 -27.26
C SER H 74 -13.27 -13.93 -28.11
N HIS H 75 -12.54 -15.03 -27.95
CA HIS H 75 -12.83 -16.22 -28.73
C HIS H 75 -14.24 -16.73 -28.47
N ILE H 76 -14.65 -16.72 -27.21
CA ILE H 76 -15.91 -17.37 -26.82
C ILE H 76 -17.09 -16.71 -27.52
N ARG H 77 -17.08 -15.38 -27.60
CA ARG H 77 -18.21 -14.68 -28.22
C ARG H 77 -18.23 -14.93 -29.72
N TYR H 78 -17.07 -14.99 -30.36
CA TYR H 78 -17.01 -15.35 -31.77
C TYR H 78 -17.61 -16.74 -31.99
N TRP H 79 -17.27 -17.69 -31.13
CA TRP H 79 -17.79 -19.05 -31.30
C TRP H 79 -19.29 -19.10 -31.06
N VAL H 80 -19.79 -18.35 -30.08
CA VAL H 80 -21.23 -18.32 -29.84
C VAL H 80 -21.96 -17.77 -31.06
N PHE H 81 -21.46 -16.66 -31.60
CA PHE H 81 -22.05 -16.10 -32.81
C PHE H 81 -22.03 -17.11 -33.95
N GLN H 82 -20.90 -17.80 -34.12
CA GLN H 82 -20.81 -18.79 -35.17
C GLN H 82 -21.85 -19.89 -35.00
N ILE H 83 -22.03 -20.38 -33.78
CA ILE H 83 -22.97 -21.47 -33.54
C ILE H 83 -24.38 -21.03 -33.89
N ILE H 84 -24.80 -19.85 -33.40
CA ILE H 84 -26.16 -19.40 -33.67
C ILE H 84 -26.36 -19.18 -35.17
N MET H 85 -25.39 -18.54 -35.82
CA MET H 85 -25.54 -18.27 -37.25
C MET H 85 -25.62 -19.56 -38.05
N VAL H 86 -24.81 -20.56 -37.70
CA VAL H 86 -24.84 -21.82 -38.41
C VAL H 86 -26.17 -22.54 -38.19
N CYS H 87 -26.75 -22.41 -36.99
CA CYS H 87 -28.03 -23.07 -36.74
C CYS H 87 -29.21 -22.35 -37.36
N THR H 88 -29.05 -21.09 -37.75
CA THR H 88 -30.19 -20.32 -38.28
C THR H 88 -30.92 -21.00 -39.43
N PRO H 89 -30.26 -21.52 -40.47
CA PRO H 89 -31.03 -22.07 -41.62
C PRO H 89 -31.97 -23.20 -41.23
N SER H 90 -31.58 -24.05 -40.29
CA SER H 90 -32.49 -25.09 -39.82
C SER H 90 -33.72 -24.48 -39.19
N LEU H 91 -33.56 -23.39 -38.44
CA LEU H 91 -34.70 -22.70 -37.87
C LEU H 91 -35.61 -22.16 -38.97
N CYS H 92 -35.02 -21.57 -40.02
CA CYS H 92 -35.81 -21.08 -41.14
C CYS H 92 -36.64 -22.21 -41.74
N PHE H 93 -36.00 -23.36 -42.00
CA PHE H 93 -36.70 -24.47 -42.61
C PHE H 93 -37.82 -24.99 -41.70
N ILE H 94 -37.54 -25.09 -40.40
CA ILE H 94 -38.53 -25.63 -39.47
C ILE H 94 -39.74 -24.73 -39.39
N THR H 95 -39.52 -23.41 -39.29
CA THR H 95 -40.65 -22.50 -39.22
C THR H 95 -41.41 -22.43 -40.53
N TYR H 96 -40.73 -22.56 -41.67
CA TYR H 96 -41.43 -22.62 -42.94
C TYR H 96 -42.32 -23.87 -43.01
N SER H 97 -41.81 -25.01 -42.55
CA SER H 97 -42.62 -26.22 -42.53
C SER H 97 -43.81 -26.06 -41.60
N VAL H 98 -43.60 -25.43 -40.43
CA VAL H 98 -44.72 -25.22 -39.51
C VAL H 98 -45.78 -24.35 -40.16
N HIS H 99 -45.37 -23.28 -40.85
CA HIS H 99 -46.33 -22.42 -41.53
C HIS H 99 -47.08 -23.19 -42.62
N GLN H 100 -46.36 -24.05 -43.36
CA GLN H 100 -46.99 -24.74 -44.48
C GLN H 100 -48.17 -25.60 -44.04
N SER H 101 -48.19 -26.01 -42.78
CA SER H 101 -49.29 -26.79 -42.23
C SER H 101 -50.07 -25.91 -41.26
N ALA H 102 -51.37 -25.77 -41.50
CA ALA H 102 -52.22 -24.93 -40.67
C ALA H 102 -51.71 -23.50 -40.66
N GLY H 194 -42.43 -28.42 -53.30
CA GLY H 194 -42.59 -27.44 -52.24
C GLY H 194 -41.46 -27.46 -51.24
N ILE H 195 -41.56 -28.36 -50.25
CA ILE H 195 -40.51 -28.50 -49.25
C ILE H 195 -39.30 -29.27 -49.76
N SER H 196 -39.39 -29.85 -50.95
CA SER H 196 -38.27 -30.59 -51.52
C SER H 196 -37.26 -29.69 -52.22
N ARG H 197 -37.56 -28.40 -52.37
CA ARG H 197 -36.64 -27.45 -52.97
C ARG H 197 -35.95 -26.56 -51.93
N PHE H 198 -36.69 -26.11 -50.91
CA PHE H 198 -36.08 -25.30 -49.86
C PHE H 198 -34.90 -26.02 -49.22
N TYR H 199 -34.94 -27.36 -49.19
CA TYR H 199 -33.88 -28.11 -48.53
C TYR H 199 -32.53 -27.90 -49.20
N ILE H 200 -32.51 -27.85 -50.53
CA ILE H 200 -31.25 -27.68 -51.26
C ILE H 200 -30.64 -26.31 -50.95
N ILE H 201 -31.47 -25.26 -50.97
CA ILE H 201 -30.96 -23.93 -50.66
C ILE H 201 -30.48 -23.86 -49.22
N GLN H 202 -31.19 -24.53 -48.31
CA GLN H 202 -30.74 -24.57 -46.92
C GLN H 202 -29.36 -25.20 -46.83
N VAL H 203 -29.15 -26.31 -47.53
CA VAL H 203 -27.86 -27.00 -47.49
C VAL H 203 -26.77 -26.08 -48.04
N VAL H 204 -27.04 -25.41 -49.17
CA VAL H 204 -26.03 -24.55 -49.77
C VAL H 204 -25.65 -23.42 -48.81
N PHE H 205 -26.66 -22.80 -48.19
CA PHE H 205 -26.37 -21.70 -47.28
C PHE H 205 -25.59 -22.19 -46.07
N ARG H 206 -25.93 -23.37 -45.54
CA ARG H 206 -25.18 -23.91 -44.41
C ARG H 206 -23.72 -24.13 -44.79
N ASN H 207 -23.48 -24.71 -45.96
CA ASN H 207 -22.11 -24.91 -46.41
C ASN H 207 -21.36 -23.59 -46.48
N ALA H 208 -21.97 -22.58 -47.11
CA ALA H 208 -21.30 -21.29 -47.26
C ALA H 208 -20.98 -20.68 -45.91
N LEU H 209 -21.94 -20.71 -44.98
CA LEU H 209 -21.71 -20.11 -43.67
C LEU H 209 -20.59 -20.82 -42.93
N GLU H 210 -20.57 -22.16 -42.97
CA GLU H 210 -19.53 -22.89 -42.25
C GLU H 210 -18.15 -22.57 -42.81
N ILE H 211 -18.01 -22.58 -44.14
CA ILE H 211 -16.71 -22.29 -44.74
C ILE H 211 -16.28 -20.87 -44.38
N GLY H 212 -17.20 -19.91 -44.49
CA GLY H 212 -16.85 -18.54 -44.18
C GLY H 212 -16.38 -18.36 -42.74
N PHE H 213 -17.08 -19.00 -41.80
CA PHE H 213 -16.71 -18.85 -40.40
C PHE H 213 -15.36 -19.49 -40.13
N LEU H 214 -15.08 -20.65 -40.74
CA LEU H 214 -13.76 -21.28 -40.55
C LEU H 214 -12.65 -20.36 -41.06
N VAL H 215 -12.82 -19.83 -42.26
CA VAL H 215 -11.80 -18.95 -42.82
C VAL H 215 -11.62 -17.71 -41.95
N GLY H 216 -12.73 -17.13 -41.50
CA GLY H 216 -12.65 -15.95 -40.65
C GLY H 216 -11.91 -16.23 -39.36
N GLN H 217 -12.17 -17.38 -38.73
CA GLN H 217 -11.45 -17.72 -37.52
C GLN H 217 -9.96 -17.81 -37.79
N TYR H 218 -9.58 -18.48 -38.87
CA TYR H 218 -8.16 -18.60 -39.17
C TYR H 218 -7.53 -17.22 -39.35
N PHE H 219 -8.19 -16.34 -40.10
CA PHE H 219 -7.59 -15.03 -40.38
C PHE H 219 -7.62 -14.12 -39.17
N LEU H 220 -8.48 -14.38 -38.20
CA LEU H 220 -8.59 -13.52 -37.03
C LEU H 220 -7.62 -13.92 -35.92
N TYR H 221 -7.53 -15.22 -35.62
CA TYR H 221 -6.82 -15.67 -34.43
C TYR H 221 -5.57 -16.49 -34.71
N GLY H 222 -5.40 -17.03 -35.91
CA GLY H 222 -4.25 -17.88 -36.13
C GLY H 222 -4.43 -19.24 -35.48
N PHE H 223 -3.31 -19.83 -35.04
CA PHE H 223 -3.31 -21.16 -34.46
C PHE H 223 -2.74 -21.22 -33.05
N SER H 224 -2.36 -20.09 -32.46
CA SER H 224 -1.78 -20.11 -31.13
C SER H 224 -1.99 -18.76 -30.46
N VAL H 225 -1.90 -18.77 -29.14
CA VAL H 225 -2.01 -17.58 -28.30
C VAL H 225 -0.66 -17.36 -27.62
N PRO H 226 0.14 -16.39 -28.06
CA PRO H 226 1.46 -16.20 -27.44
C PRO H 226 1.34 -15.74 -26.00
N GLY H 227 2.37 -16.07 -25.22
CA GLY H 227 2.38 -15.70 -23.80
C GLY H 227 2.83 -14.29 -23.53
N LEU H 228 3.43 -13.61 -24.51
CA LEU H 228 3.88 -12.24 -24.37
C LEU H 228 3.26 -11.39 -25.47
N TYR H 229 3.05 -10.11 -25.16
CA TYR H 229 2.53 -9.17 -26.14
C TYR H 229 3.33 -7.88 -26.06
N GLU H 230 3.60 -7.29 -27.22
CA GLU H 230 4.33 -6.03 -27.32
C GLU H 230 3.34 -4.94 -27.73
N CYS H 231 3.15 -3.96 -26.85
CA CYS H 231 2.09 -2.97 -27.00
C CYS H 231 2.71 -1.58 -27.10
N ASN H 232 2.25 -0.80 -28.07
CA ASN H 232 2.74 0.56 -28.26
C ASN H 232 1.58 1.50 -28.55
N ARG H 233 0.50 1.38 -27.78
CA ARG H 233 -0.68 2.22 -27.94
C ARG H 233 -0.72 3.28 -26.85
N TYR H 234 -1.18 4.47 -27.23
CA TYR H 234 -1.35 5.53 -26.25
C TYR H 234 -2.31 5.05 -25.16
N PRO H 235 -2.07 5.40 -23.88
CA PRO H 235 -1.05 6.30 -23.32
C PRO H 235 0.27 5.63 -22.98
N CYS H 236 0.47 4.36 -23.33
CA CYS H 236 1.73 3.71 -22.99
C CYS H 236 2.90 4.41 -23.66
N ILE H 237 3.99 4.57 -22.91
CA ILE H 237 5.15 5.31 -23.40
C ILE H 237 6.03 4.37 -24.21
N LYS H 238 6.30 4.74 -25.45
CA LYS H 238 7.14 3.96 -26.37
C LYS H 238 6.54 2.57 -26.46
N GLU H 239 7.27 1.51 -26.11
CA GLU H 239 6.81 0.14 -26.24
C GLU H 239 6.91 -0.57 -24.90
N VAL H 240 5.87 -1.33 -24.55
CA VAL H 240 5.80 -2.04 -23.28
C VAL H 240 5.48 -3.50 -23.54
N GLU H 241 5.71 -4.31 -22.52
CA GLU H 241 5.52 -5.75 -22.58
C GLU H 241 4.39 -6.15 -21.63
N CYS H 242 3.47 -6.97 -22.12
CA CYS H 242 2.33 -7.42 -21.34
C CYS H 242 2.25 -8.95 -21.39
N TYR H 243 1.63 -9.52 -20.37
CA TYR H 243 1.63 -10.96 -20.15
C TYR H 243 0.21 -11.49 -20.12
N VAL H 244 -0.02 -12.58 -20.86
CA VAL H 244 -1.35 -13.13 -21.05
C VAL H 244 -1.62 -14.19 -19.98
N SER H 245 -2.90 -14.52 -19.82
CA SER H 245 -3.36 -15.48 -18.83
C SER H 245 -3.80 -16.77 -19.52
N ARG H 246 -3.32 -17.90 -19.03
CA ARG H 246 -3.65 -19.22 -19.56
C ARG H 246 -3.48 -19.30 -21.08
N PRO H 247 -2.30 -18.98 -21.60
CA PRO H 247 -2.10 -19.12 -23.06
C PRO H 247 -2.27 -20.54 -23.57
N THR H 248 -1.81 -21.54 -22.82
CA THR H 248 -1.82 -22.91 -23.33
C THR H 248 -3.23 -23.48 -23.44
N GLU H 249 -4.05 -23.25 -22.41
CA GLU H 249 -5.43 -23.73 -22.47
C GLU H 249 -6.17 -23.09 -23.63
N LYS H 250 -5.95 -21.80 -23.84
CA LYS H 250 -6.60 -21.12 -24.96
C LYS H 250 -6.11 -21.65 -26.29
N THR H 251 -4.82 -21.97 -26.41
CA THR H 251 -4.33 -22.58 -27.64
C THR H 251 -4.99 -23.92 -27.90
N VAL H 252 -5.11 -24.75 -26.86
CA VAL H 252 -5.76 -26.04 -27.02
C VAL H 252 -7.20 -25.87 -27.46
N PHE H 253 -7.92 -24.94 -26.83
CA PHE H 253 -9.31 -24.68 -27.19
C PHE H 253 -9.42 -24.24 -28.65
N LEU H 254 -8.53 -23.35 -29.08
CA LEU H 254 -8.56 -22.85 -30.44
C LEU H 254 -8.37 -23.99 -31.43
N VAL H 255 -7.37 -24.84 -31.20
CA VAL H 255 -7.11 -25.93 -32.13
C VAL H 255 -8.27 -26.91 -32.16
N PHE H 256 -8.84 -27.22 -30.99
CA PHE H 256 -9.95 -28.17 -30.94
C PHE H 256 -11.15 -27.63 -31.71
N MET H 257 -11.47 -26.36 -31.53
CA MET H 257 -12.61 -25.78 -32.25
C MET H 257 -12.35 -25.78 -33.76
N PHE H 258 -11.12 -25.47 -34.17
CA PHE H 258 -10.80 -25.53 -35.59
C PHE H 258 -11.01 -26.92 -36.15
N ALA H 259 -10.56 -27.94 -35.42
CA ALA H 259 -10.72 -29.32 -35.90
C ALA H 259 -12.19 -29.69 -36.03
N VAL H 260 -13.00 -29.34 -35.03
CA VAL H 260 -14.42 -29.68 -35.08
C VAL H 260 -15.08 -28.98 -36.25
N SER H 261 -14.77 -27.70 -36.46
CA SER H 261 -15.35 -26.97 -37.59
C SER H 261 -14.93 -27.59 -38.91
N GLY H 262 -13.68 -28.04 -39.01
CA GLY H 262 -13.25 -28.71 -40.24
C GLY H 262 -14.02 -29.99 -40.50
N ILE H 263 -14.25 -30.78 -39.46
CA ILE H 263 -15.04 -32.00 -39.63
C ILE H 263 -16.45 -31.65 -40.12
N CYS H 264 -17.04 -30.62 -39.53
CA CYS H 264 -18.37 -30.20 -39.97
C CYS H 264 -18.36 -29.78 -41.43
N VAL H 265 -17.33 -29.04 -41.84
CA VAL H 265 -17.23 -28.60 -43.23
C VAL H 265 -17.15 -29.81 -44.16
N VAL H 266 -16.33 -30.79 -43.81
CA VAL H 266 -16.18 -31.97 -44.67
C VAL H 266 -17.50 -32.70 -44.80
N LEU H 267 -18.21 -32.90 -43.68
CA LEU H 267 -19.48 -33.61 -43.75
C LEU H 267 -20.50 -32.84 -44.59
N ASN H 268 -20.55 -31.51 -44.43
CA ASN H 268 -21.47 -30.71 -45.22
C ASN H 268 -21.14 -30.79 -46.70
N LEU H 269 -19.86 -30.77 -47.05
CA LEU H 269 -19.47 -30.89 -48.45
C LEU H 269 -19.88 -32.24 -49.02
N ALA H 270 -19.70 -33.31 -48.24
CA ALA H 270 -20.14 -34.62 -48.70
C ALA H 270 -21.64 -34.66 -48.92
N GLU H 271 -22.40 -34.07 -47.99
CA GLU H 271 -23.85 -34.02 -48.16
C GLU H 271 -24.19 -33.29 -49.46
N LEU H 272 -23.62 -32.10 -49.66
CA LEU H 272 -23.92 -31.32 -50.86
C LEU H 272 -23.58 -32.11 -52.12
N ASN H 273 -22.43 -32.78 -52.14
CA ASN H 273 -22.06 -33.55 -53.30
C ASN H 273 -23.04 -34.69 -53.56
N HIS H 274 -23.59 -35.27 -52.50
CA HIS H 274 -24.51 -36.39 -52.68
C HIS H 274 -25.71 -35.99 -53.54
N LEU H 275 -26.27 -34.80 -53.29
CA LEU H 275 -27.43 -34.37 -54.06
C LEU H 275 -27.10 -34.27 -55.54
N GLY H 276 -25.93 -33.75 -55.87
CA GLY H 276 -25.50 -33.63 -57.25
C GLY H 276 -25.62 -32.21 -57.76
N TRP H 277 -24.82 -31.91 -58.77
CA TRP H 277 -24.80 -30.56 -59.34
C TRP H 277 -26.09 -30.27 -60.09
N ARG H 278 -26.67 -31.27 -60.75
CA ARG H 278 -27.86 -31.04 -61.55
C ARG H 278 -29.03 -30.58 -60.69
N LYS H 279 -29.22 -31.22 -59.52
CA LYS H 279 -30.30 -30.82 -58.64
C LYS H 279 -30.08 -29.41 -58.11
N ILE H 280 -28.83 -29.09 -57.75
CA ILE H 280 -28.52 -27.77 -57.21
C ILE H 280 -28.81 -26.71 -58.26
N LYS H 281 -28.45 -26.97 -59.52
CA LYS H 281 -28.69 -25.99 -60.57
C LYS H 281 -30.18 -25.71 -60.71
N LEU H 282 -31.00 -26.76 -60.67
CA LEU H 282 -32.46 -26.59 -60.73
C LEU H 282 -33.03 -26.45 -59.33
N SER I 19 -45.27 -12.47 -51.94
CA SER I 19 -44.17 -12.90 -51.07
C SER I 19 -44.29 -12.25 -49.70
N THR I 20 -45.32 -12.63 -48.95
CA THR I 20 -45.56 -12.12 -47.61
C THR I 20 -45.24 -13.14 -46.52
N MET I 21 -45.48 -14.43 -46.76
CA MET I 21 -45.16 -15.43 -45.75
C MET I 21 -43.65 -15.48 -45.50
N ILE I 22 -42.85 -15.38 -46.57
CA ILE I 22 -41.40 -15.38 -46.38
C ILE I 22 -40.95 -14.22 -45.51
N GLY I 23 -41.60 -13.06 -45.68
CA GLY I 23 -41.29 -11.94 -44.82
C GLY I 23 -41.51 -12.24 -43.35
N ARG I 24 -42.65 -12.87 -43.03
CA ARG I 24 -42.92 -13.22 -41.64
C ARG I 24 -41.93 -14.25 -41.13
N ILE I 25 -41.56 -15.22 -41.98
CA ILE I 25 -40.58 -16.22 -41.58
C ILE I 25 -39.26 -15.55 -41.21
N LEU I 26 -38.76 -14.68 -42.08
CA LEU I 26 -37.50 -14.02 -41.82
C LEU I 26 -37.61 -13.13 -40.58
N LEU I 27 -38.74 -12.45 -40.41
CA LEU I 27 -38.92 -11.59 -39.26
C LEU I 27 -38.84 -12.38 -37.95
N THR I 28 -39.54 -13.52 -37.90
CA THR I 28 -39.49 -14.35 -36.71
C THR I 28 -38.07 -14.84 -36.45
N VAL I 29 -37.37 -15.26 -37.51
CA VAL I 29 -36.03 -15.80 -37.32
C VAL I 29 -35.09 -14.72 -36.78
N VAL I 30 -35.16 -13.51 -37.34
CA VAL I 30 -34.26 -12.46 -36.90
C VAL I 30 -34.59 -12.03 -35.47
N VAL I 31 -35.87 -12.00 -35.12
CA VAL I 31 -36.25 -11.65 -33.75
C VAL I 31 -35.65 -12.65 -32.77
N ILE I 32 -35.80 -13.93 -33.07
CA ILE I 32 -35.26 -14.96 -32.18
C ILE I 32 -33.74 -14.85 -32.11
N PHE I 33 -33.10 -14.59 -33.24
CA PHE I 33 -31.65 -14.45 -33.27
C PHE I 33 -31.18 -13.32 -32.36
N ARG I 34 -31.83 -12.16 -32.47
CA ARG I 34 -31.45 -11.02 -31.64
C ARG I 34 -31.64 -11.34 -30.16
N ILE I 35 -32.77 -11.95 -29.81
CA ILE I 35 -33.03 -12.27 -28.41
C ILE I 35 -31.95 -13.21 -27.87
N LEU I 36 -31.62 -14.24 -28.65
CA LEU I 36 -30.61 -15.21 -28.19
C LEU I 36 -29.26 -14.54 -28.01
N ILE I 37 -28.83 -13.75 -29.00
CA ILE I 37 -27.51 -13.12 -28.90
C ILE I 37 -27.44 -12.24 -27.66
N VAL I 38 -28.43 -11.37 -27.48
CA VAL I 38 -28.42 -10.51 -26.30
C VAL I 38 -28.37 -11.36 -25.03
N ALA I 39 -29.36 -12.25 -24.86
CA ALA I 39 -29.47 -12.99 -23.61
C ALA I 39 -28.22 -13.79 -23.30
N ILE I 40 -27.46 -14.19 -24.31
CA ILE I 40 -26.31 -15.06 -24.06
C ILE I 40 -25.04 -14.26 -23.80
N VAL I 41 -24.75 -13.21 -24.55
CA VAL I 41 -23.45 -12.56 -24.47
C VAL I 41 -23.51 -11.16 -23.84
N GLY I 42 -24.64 -10.45 -23.93
CA GLY I 42 -24.64 -9.05 -23.53
C GLY I 42 -24.24 -8.87 -22.07
N GLU I 43 -24.80 -9.67 -21.18
CA GLU I 43 -24.51 -9.52 -19.76
C GLU I 43 -23.04 -9.72 -19.48
N THR I 44 -22.42 -10.71 -20.13
CA THR I 44 -21.01 -10.98 -19.86
C THR I 44 -20.11 -9.89 -20.43
N VAL I 45 -20.47 -9.31 -21.59
CA VAL I 45 -19.61 -8.30 -22.18
C VAL I 45 -19.50 -7.08 -21.29
N TYR I 46 -20.61 -6.64 -20.70
CA TYR I 46 -20.66 -5.42 -19.91
C TYR I 46 -20.57 -5.68 -18.41
N ASP I 47 -19.86 -6.73 -18.01
CA ASP I 47 -19.83 -7.09 -16.59
C ASP I 47 -18.98 -6.11 -15.79
N ASP I 48 -17.78 -5.79 -16.27
CA ASP I 48 -16.82 -4.97 -15.53
C ASP I 48 -16.69 -3.58 -16.12
N GLU I 49 -17.80 -3.00 -16.58
CA GLU I 49 -17.74 -1.68 -17.19
C GLU I 49 -17.21 -0.64 -16.22
N GLN I 50 -17.68 -0.69 -14.97
CA GLN I 50 -17.29 0.32 -13.98
C GLN I 50 -16.07 -0.09 -13.18
N THR I 51 -15.85 -1.39 -12.98
CA THR I 51 -14.69 -1.82 -12.23
C THR I 51 -13.39 -1.48 -12.94
N MET I 52 -13.37 -1.61 -14.27
CA MET I 52 -12.18 -1.37 -15.06
C MET I 52 -12.11 0.04 -15.63
N PHE I 53 -13.06 0.90 -15.30
CA PHE I 53 -13.02 2.29 -15.72
C PHE I 53 -12.14 3.07 -14.75
N VAL I 54 -11.07 3.68 -15.26
CA VAL I 54 -10.07 4.32 -14.43
C VAL I 54 -9.79 5.72 -14.97
N CYS I 55 -9.65 6.68 -14.06
CA CYS I 55 -9.31 8.05 -14.40
C CYS I 55 -7.96 8.40 -13.80
N ASN I 56 -7.24 9.31 -14.46
CA ASN I 56 -5.90 9.71 -14.04
C ASN I 56 -6.05 10.88 -13.06
N THR I 57 -6.22 10.55 -11.78
CA THR I 57 -6.39 11.57 -10.76
C THR I 57 -6.26 10.91 -9.39
N LEU I 58 -6.17 11.75 -8.36
CA LEU I 58 -6.15 11.31 -6.97
C LEU I 58 -7.38 11.75 -6.20
N GLN I 59 -8.30 12.45 -6.83
CA GLN I 59 -9.46 12.99 -6.13
C GLN I 59 -10.47 11.87 -5.87
N PRO I 60 -10.86 11.62 -4.62
CA PRO I 60 -11.92 10.64 -4.37
C PRO I 60 -13.23 11.08 -5.03
N GLY I 61 -13.95 10.12 -5.60
CA GLY I 61 -15.24 10.38 -6.20
C GLY I 61 -15.19 10.84 -7.64
N CYS I 62 -14.01 11.07 -8.20
CA CYS I 62 -13.94 11.49 -9.60
C CYS I 62 -14.31 10.34 -10.52
N ASN I 63 -13.91 9.12 -10.17
CA ASN I 63 -14.23 7.96 -11.00
C ASN I 63 -15.74 7.80 -11.16
N GLN I 64 -16.47 7.87 -10.05
CA GLN I 64 -17.91 7.67 -10.10
C GLN I 64 -18.58 8.73 -10.98
N ALA I 65 -18.25 9.99 -10.75
CA ALA I 65 -18.89 11.06 -11.52
C ALA I 65 -18.56 10.96 -12.99
N CYS I 66 -17.28 10.71 -13.31
CA CYS I 66 -16.90 10.67 -14.72
C CYS I 66 -17.51 9.47 -15.43
N TYR I 67 -17.58 8.31 -14.76
CA TYR I 67 -18.23 7.16 -15.36
C TYR I 67 -19.71 7.43 -15.58
N ASP I 68 -20.37 8.05 -14.60
CA ASP I 68 -21.79 8.33 -14.76
C ASP I 68 -22.03 9.28 -15.92
N ARG I 69 -21.16 10.28 -16.09
CA ARG I 69 -21.33 11.20 -17.21
C ARG I 69 -21.04 10.53 -18.54
N ALA I 70 -20.07 9.62 -18.57
CA ALA I 70 -19.70 9.00 -19.83
C ALA I 70 -20.78 8.05 -20.33
N PHE I 71 -21.36 7.26 -19.44
CA PHE I 71 -22.34 6.23 -19.80
C PHE I 71 -23.58 6.40 -18.92
N PRO I 72 -24.45 7.35 -19.27
CA PRO I 72 -25.66 7.53 -18.45
C PRO I 72 -26.51 6.27 -18.36
N ILE I 73 -26.63 5.52 -19.45
CA ILE I 73 -27.38 4.27 -19.48
C ILE I 73 -26.54 3.25 -20.24
N SER I 74 -26.37 2.06 -19.67
CA SER I 74 -25.62 1.02 -20.34
C SER I 74 -26.36 0.53 -21.57
N HIS I 75 -25.61 0.07 -22.57
CA HIS I 75 -26.22 -0.38 -23.81
C HIS I 75 -27.14 -1.58 -23.55
N ILE I 76 -26.71 -2.50 -22.70
CA ILE I 76 -27.43 -3.76 -22.53
C ILE I 76 -28.83 -3.51 -22.00
N ARG I 77 -28.96 -2.60 -21.04
CA ARG I 77 -30.28 -2.31 -20.48
C ARG I 77 -31.19 -1.66 -21.51
N TYR I 78 -30.65 -0.75 -22.32
CA TYR I 78 -31.44 -0.16 -23.39
C TYR I 78 -31.93 -1.23 -24.35
N TRP I 79 -31.07 -2.19 -24.70
CA TRP I 79 -31.48 -3.23 -25.64
C TRP I 79 -32.52 -4.15 -25.03
N VAL I 80 -32.40 -4.47 -23.73
CA VAL I 80 -33.40 -5.30 -23.08
C VAL I 80 -34.76 -4.60 -23.09
N PHE I 81 -34.76 -3.32 -22.74
CA PHE I 81 -36.01 -2.55 -22.77
C PHE I 81 -36.61 -2.55 -24.18
N GLN I 82 -35.75 -2.35 -25.18
CA GLN I 82 -36.24 -2.34 -26.56
C GLN I 82 -36.87 -3.67 -26.93
N ILE I 83 -36.23 -4.77 -26.55
CA ILE I 83 -36.76 -6.08 -26.92
C ILE I 83 -38.13 -6.30 -26.29
N ILE I 84 -38.25 -6.03 -24.99
CA ILE I 84 -39.53 -6.26 -24.32
C ILE I 84 -40.62 -5.38 -24.93
N MET I 85 -40.30 -4.10 -25.14
CA MET I 85 -41.30 -3.18 -25.67
C MET I 85 -41.74 -3.60 -27.07
N VAL I 86 -40.79 -4.04 -27.90
CA VAL I 86 -41.14 -4.47 -29.25
C VAL I 86 -42.01 -5.71 -29.21
N CYS I 87 -41.76 -6.61 -28.26
CA CYS I 87 -42.57 -7.83 -28.16
C CYS I 87 -43.95 -7.59 -27.55
N THR I 88 -44.15 -6.46 -26.87
CA THR I 88 -45.43 -6.21 -26.20
C THR I 88 -46.65 -6.36 -27.10
N PRO I 89 -46.71 -5.76 -28.29
CA PRO I 89 -47.95 -5.84 -29.08
C PRO I 89 -48.39 -7.25 -29.41
N SER I 90 -47.44 -8.15 -29.68
CA SER I 90 -47.81 -9.55 -29.90
C SER I 90 -48.45 -10.14 -28.66
N LEU I 91 -47.95 -9.80 -27.48
CA LEU I 91 -48.56 -10.26 -26.25
C LEU I 91 -49.99 -9.73 -26.12
N CYS I 92 -50.19 -8.46 -26.45
CA CYS I 92 -51.54 -7.90 -26.41
C CYS I 92 -52.47 -8.67 -27.33
N PHE I 93 -52.02 -8.94 -28.56
CA PHE I 93 -52.86 -9.67 -29.51
C PHE I 93 -53.16 -11.08 -29.00
N ILE I 94 -52.16 -11.76 -28.45
CA ILE I 94 -52.36 -13.13 -27.99
C ILE I 94 -53.35 -13.17 -26.84
N THR I 95 -53.22 -12.26 -25.87
CA THR I 95 -54.15 -12.26 -24.76
C THR I 95 -55.56 -11.85 -25.21
N TYR I 96 -55.67 -10.95 -26.19
CA TYR I 96 -56.98 -10.64 -26.75
C TYR I 96 -57.61 -11.87 -27.38
N SER I 97 -56.81 -12.63 -28.14
CA SER I 97 -57.33 -13.85 -28.75
C SER I 97 -57.79 -14.84 -27.68
N VAL I 98 -57.01 -15.00 -26.62
CA VAL I 98 -57.38 -15.92 -25.55
C VAL I 98 -58.69 -15.47 -24.91
N HIS I 99 -58.81 -14.17 -24.64
CA HIS I 99 -60.03 -13.65 -24.03
C HIS I 99 -61.24 -13.88 -24.93
N GLN I 100 -61.07 -13.68 -26.24
CA GLN I 100 -62.20 -13.79 -27.16
C GLN I 100 -62.81 -15.18 -27.13
N SER I 101 -62.02 -16.20 -26.77
CA SER I 101 -62.50 -17.57 -26.67
C SER I 101 -62.63 -17.95 -25.21
N ALA I 102 -63.84 -18.36 -24.80
CA ALA I 102 -64.11 -18.74 -23.42
C ALA I 102 -63.79 -17.58 -22.48
N GLY I 194 -63.60 -8.89 -36.53
CA GLY I 194 -63.22 -8.97 -35.12
C GLY I 194 -61.71 -9.00 -34.94
N ILE I 195 -61.12 -10.18 -35.15
CA ILE I 195 -59.67 -10.33 -35.02
C ILE I 195 -58.93 -9.88 -36.27
N SER I 196 -59.65 -9.59 -37.36
CA SER I 196 -59.01 -9.13 -38.58
C SER I 196 -58.71 -7.64 -38.59
N ARG I 197 -59.17 -6.90 -37.59
CA ARG I 197 -58.86 -5.48 -37.46
C ARG I 197 -57.75 -5.21 -36.47
N PHE I 198 -57.73 -5.92 -35.34
CA PHE I 198 -56.66 -5.75 -34.35
C PHE I 198 -55.30 -6.00 -34.97
N TYR I 199 -55.22 -6.89 -35.97
CA TYR I 199 -53.93 -7.25 -36.55
C TYR I 199 -53.28 -6.05 -37.22
N ILE I 200 -54.07 -5.25 -37.94
CA ILE I 200 -53.51 -4.09 -38.64
C ILE I 200 -52.96 -3.07 -37.64
N ILE I 201 -53.71 -2.79 -36.57
CA ILE I 201 -53.24 -1.84 -35.57
C ILE I 201 -52.00 -2.37 -34.89
N GLN I 202 -51.95 -3.67 -34.62
CA GLN I 202 -50.76 -4.26 -34.01
C GLN I 202 -49.55 -4.07 -34.92
N VAL I 203 -49.72 -4.29 -36.23
CA VAL I 203 -48.62 -4.13 -37.16
C VAL I 203 -48.14 -2.67 -37.17
N VAL I 204 -49.08 -1.73 -37.20
CA VAL I 204 -48.71 -0.32 -37.23
C VAL I 204 -47.93 0.05 -35.96
N PHE I 205 -48.40 -0.40 -34.81
CA PHE I 205 -47.72 -0.09 -33.56
C PHE I 205 -46.33 -0.69 -33.52
N ARG I 206 -46.18 -1.93 -34.01
CA ARG I 206 -44.87 -2.55 -34.05
C ARG I 206 -43.91 -1.74 -34.93
N ASN I 207 -44.38 -1.32 -36.10
CA ASN I 207 -43.55 -0.51 -36.97
C ASN I 207 -43.10 0.76 -36.27
N ALA I 208 -44.04 1.47 -35.65
CA ALA I 208 -43.70 2.73 -34.99
C ALA I 208 -42.68 2.50 -33.88
N LEU I 209 -42.89 1.47 -33.06
CA LEU I 209 -41.97 1.22 -31.96
C LEU I 209 -40.57 0.90 -32.47
N GLU I 210 -40.47 0.06 -33.50
CA GLU I 210 -39.16 -0.31 -34.02
C GLU I 210 -38.42 0.91 -34.55
N ILE I 211 -39.12 1.73 -35.35
CA ILE I 211 -38.46 2.91 -35.90
C ILE I 211 -38.01 3.85 -34.79
N GLY I 212 -38.88 4.08 -33.81
CA GLY I 212 -38.52 4.97 -32.72
C GLY I 212 -37.31 4.49 -31.95
N PHE I 213 -37.25 3.19 -31.66
CA PHE I 213 -36.11 2.67 -30.91
C PHE I 213 -34.82 2.76 -31.71
N LEU I 214 -34.88 2.50 -33.02
CA LEU I 214 -33.67 2.64 -33.83
C LEU I 214 -33.16 4.08 -33.81
N VAL I 215 -34.06 5.03 -34.02
CA VAL I 215 -33.65 6.43 -34.03
C VAL I 215 -33.09 6.84 -32.66
N GLY I 216 -33.75 6.38 -31.58
CA GLY I 216 -33.25 6.70 -30.26
C GLY I 216 -31.87 6.15 -30.00
N GLN I 217 -31.61 4.92 -30.43
CA GLN I 217 -30.28 4.35 -30.27
C GLN I 217 -29.25 5.20 -31.01
N TYR I 218 -29.55 5.57 -32.24
CA TYR I 218 -28.59 6.39 -32.98
C TYR I 218 -28.31 7.69 -32.26
N PHE I 219 -29.35 8.37 -31.77
CA PHE I 219 -29.14 9.67 -31.14
C PHE I 219 -28.51 9.55 -29.76
N LEU I 220 -28.60 8.37 -29.12
CA LEU I 220 -28.03 8.21 -27.79
C LEU I 220 -26.56 7.80 -27.82
N TYR I 221 -26.21 6.83 -28.67
CA TYR I 221 -24.89 6.21 -28.60
C TYR I 221 -24.01 6.45 -29.82
N GLY I 222 -24.56 6.91 -30.95
CA GLY I 222 -23.71 7.05 -32.11
C GLY I 222 -23.36 5.70 -32.70
N PHE I 223 -22.17 5.63 -33.30
CA PHE I 223 -21.72 4.42 -33.98
C PHE I 223 -20.42 3.86 -33.43
N SER I 224 -19.84 4.45 -32.39
CA SER I 224 -18.58 3.94 -31.87
C SER I 224 -18.44 4.33 -30.41
N VAL I 225 -17.57 3.61 -29.71
CA VAL I 225 -17.25 3.85 -28.30
C VAL I 225 -15.79 4.29 -28.23
N PRO I 226 -15.50 5.56 -28.02
CA PRO I 226 -14.09 5.99 -27.98
C PRO I 226 -13.36 5.41 -26.78
N GLY I 227 -12.05 5.24 -26.95
CA GLY I 227 -11.21 4.69 -25.91
C GLY I 227 -10.77 5.67 -24.84
N LEU I 228 -10.94 6.97 -25.07
CA LEU I 228 -10.60 8.00 -24.11
C LEU I 228 -11.81 8.88 -23.86
N TYR I 229 -11.87 9.44 -22.66
CA TYR I 229 -12.94 10.37 -22.30
C TYR I 229 -12.35 11.54 -21.54
N GLU I 230 -12.80 12.74 -21.89
CA GLU I 230 -12.40 13.97 -21.18
C GLU I 230 -13.54 14.41 -20.28
N CYS I 231 -13.27 14.46 -18.98
CA CYS I 231 -14.29 14.66 -17.97
C CYS I 231 -13.98 15.92 -17.17
N ASN I 232 -15.00 16.76 -16.96
CA ASN I 232 -14.85 18.01 -16.22
C ASN I 232 -16.01 18.19 -15.25
N ARG I 233 -16.36 17.12 -14.54
CA ARG I 233 -17.48 17.13 -13.61
C ARG I 233 -16.97 17.19 -12.18
N TYR I 234 -17.66 17.95 -11.34
CA TYR I 234 -17.30 18.01 -9.93
C TYR I 234 -17.37 16.60 -9.35
N PRO I 235 -16.44 16.22 -8.45
CA PRO I 235 -15.36 16.99 -7.82
C PRO I 235 -14.05 17.02 -8.59
N CYS I 236 -14.00 16.50 -9.81
CA CYS I 236 -12.76 16.51 -10.56
C CYS I 236 -12.30 17.94 -10.83
N ILE I 237 -10.99 18.16 -10.73
CA ILE I 237 -10.41 19.49 -10.86
C ILE I 237 -10.12 19.75 -12.33
N LYS I 238 -10.75 20.79 -12.89
CA LYS I 238 -10.55 21.19 -14.29
C LYS I 238 -10.89 19.98 -15.16
N GLU I 239 -10.01 19.56 -16.07
CA GLU I 239 -10.27 18.45 -16.97
C GLU I 239 -9.39 17.27 -16.60
N VAL I 240 -9.95 16.07 -16.66
CA VAL I 240 -9.22 14.83 -16.41
C VAL I 240 -9.49 13.88 -17.56
N GLU I 241 -8.60 12.90 -17.70
CA GLU I 241 -8.68 11.91 -18.77
C GLU I 241 -8.98 10.55 -18.16
N CYS I 242 -9.97 9.86 -18.73
CA CYS I 242 -10.40 8.55 -18.25
C CYS I 242 -10.38 7.56 -19.41
N TYR I 243 -10.22 6.29 -19.07
CA TYR I 243 -9.97 5.24 -20.04
C TYR I 243 -11.05 4.16 -19.94
N VAL I 244 -11.60 3.79 -21.09
CA VAL I 244 -12.73 2.88 -21.16
C VAL I 244 -12.24 1.44 -21.27
N SER I 245 -13.12 0.50 -20.98
CA SER I 245 -12.81 -0.92 -21.01
C SER I 245 -13.46 -1.58 -22.22
N ARG I 246 -12.69 -2.35 -22.96
CA ARG I 246 -13.16 -3.06 -24.15
C ARG I 246 -13.95 -2.15 -25.10
N PRO I 247 -13.35 -1.04 -25.56
CA PRO I 247 -14.06 -0.20 -26.54
C PRO I 247 -14.39 -0.90 -27.84
N THR I 248 -13.50 -1.78 -28.33
CA THR I 248 -13.70 -2.36 -29.65
C THR I 248 -14.84 -3.38 -29.65
N GLU I 249 -14.91 -4.22 -28.61
CA GLU I 249 -16.00 -5.17 -28.52
C GLU I 249 -17.33 -4.46 -28.44
N LYS I 250 -17.40 -3.38 -27.66
CA LYS I 250 -18.64 -2.62 -27.55
C LYS I 250 -19.00 -1.96 -28.87
N THR I 251 -18.02 -1.46 -29.62
CA THR I 251 -18.31 -0.91 -30.93
C THR I 251 -18.90 -1.97 -31.85
N VAL I 252 -18.31 -3.16 -31.85
CA VAL I 252 -18.82 -4.23 -32.70
C VAL I 252 -20.24 -4.58 -32.31
N PHE I 253 -20.51 -4.70 -31.01
CA PHE I 253 -21.85 -5.02 -30.54
C PHE I 253 -22.85 -3.96 -30.97
N LEU I 254 -22.47 -2.68 -30.84
CA LEU I 254 -23.35 -1.59 -31.22
C LEU I 254 -23.71 -1.67 -32.70
N VAL I 255 -22.70 -1.87 -33.56
CA VAL I 255 -22.96 -1.91 -35.00
C VAL I 255 -23.83 -3.11 -35.34
N PHE I 256 -23.56 -4.26 -34.73
CA PHE I 256 -24.34 -5.46 -35.03
C PHE I 256 -25.80 -5.27 -34.64
N MET I 257 -26.05 -4.71 -33.46
CA MET I 257 -27.43 -4.49 -33.03
C MET I 257 -28.13 -3.49 -33.95
N PHE I 258 -27.42 -2.44 -34.37
CA PHE I 258 -28.03 -1.50 -35.30
C PHE I 258 -28.42 -2.18 -36.61
N ALA I 259 -27.54 -3.04 -37.14
CA ALA I 259 -27.86 -3.72 -38.39
C ALA I 259 -29.07 -4.64 -38.23
N VAL I 260 -29.13 -5.39 -37.14
CA VAL I 260 -30.27 -6.29 -36.94
C VAL I 260 -31.57 -5.49 -36.83
N SER I 261 -31.53 -4.38 -36.08
CA SER I 261 -32.73 -3.57 -35.95
C SER I 261 -33.15 -3.00 -37.30
N GLY I 262 -32.18 -2.59 -38.13
CA GLY I 262 -32.52 -2.10 -39.45
C GLY I 262 -33.19 -3.16 -40.31
N ILE I 263 -32.69 -4.39 -40.25
CA ILE I 263 -33.32 -5.48 -41.00
C ILE I 263 -34.76 -5.67 -40.53
N CYS I 264 -34.97 -5.66 -39.22
CA CYS I 264 -36.32 -5.81 -38.70
C CYS I 264 -37.23 -4.69 -39.18
N VAL I 265 -36.72 -3.46 -39.19
CA VAL I 265 -37.51 -2.33 -39.66
C VAL I 265 -37.91 -2.52 -41.11
N VAL I 266 -36.96 -2.96 -41.94
CA VAL I 266 -37.26 -3.14 -43.36
C VAL I 266 -38.34 -4.19 -43.55
N LEU I 267 -38.23 -5.32 -42.83
CA LEU I 267 -39.23 -6.37 -42.97
C LEU I 267 -40.60 -5.89 -42.52
N ASN I 268 -40.66 -5.15 -41.40
CA ASN I 268 -41.93 -4.65 -40.93
C ASN I 268 -42.56 -3.69 -41.94
N LEU I 269 -41.74 -2.81 -42.53
CA LEU I 269 -42.26 -1.90 -43.54
C LEU I 269 -42.79 -2.67 -44.74
N ALA I 270 -42.08 -3.72 -45.15
CA ALA I 270 -42.56 -4.52 -46.27
C ALA I 270 -43.93 -5.14 -45.96
N GLU I 271 -44.08 -5.69 -44.75
CA GLU I 271 -45.37 -6.27 -44.37
C GLU I 271 -46.46 -5.21 -44.39
N LEU I 272 -46.19 -4.05 -43.80
CA LEU I 272 -47.21 -3.00 -43.75
C LEU I 272 -47.61 -2.56 -45.15
N ASN I 273 -46.62 -2.41 -46.05
CA ASN I 273 -46.94 -2.07 -47.42
C ASN I 273 -47.77 -3.15 -48.09
N HIS I 274 -47.46 -4.43 -47.82
CA HIS I 274 -48.26 -5.50 -48.39
C HIS I 274 -49.72 -5.38 -47.96
N LEU I 275 -49.96 -5.08 -46.69
CA LEU I 275 -51.34 -4.92 -46.25
C LEU I 275 -52.08 -3.86 -47.05
N GLY I 276 -51.39 -2.78 -47.41
CA GLY I 276 -51.95 -1.76 -48.25
C GLY I 276 -52.50 -0.59 -47.45
N TRP I 277 -52.56 0.57 -48.12
CA TRP I 277 -53.01 1.79 -47.45
C TRP I 277 -54.53 1.82 -47.26
N ARG I 278 -55.28 1.25 -48.20
CA ARG I 278 -56.73 1.29 -48.10
C ARG I 278 -57.22 0.53 -46.86
N LYS I 279 -56.62 -0.63 -46.60
CA LYS I 279 -57.01 -1.39 -45.40
C LYS I 279 -56.61 -0.65 -44.14
N ILE I 280 -55.41 -0.05 -44.13
CA ILE I 280 -54.95 0.66 -42.95
C ILE I 280 -55.86 1.83 -42.62
N LYS I 281 -56.30 2.57 -43.65
CA LYS I 281 -57.18 3.70 -43.41
C LYS I 281 -58.47 3.25 -42.72
N LEU I 282 -58.98 2.08 -43.10
CA LEU I 282 -60.19 1.54 -42.48
C LEU I 282 -59.83 0.64 -41.30
N SER J 19 -65.64 -1.33 -22.22
CA SER J 19 -64.22 -1.41 -22.54
C SER J 19 -63.44 -2.08 -21.43
N THR J 20 -64.13 -2.56 -20.38
CA THR J 20 -63.40 -3.16 -19.26
C THR J 20 -62.57 -4.37 -19.70
N MET J 21 -63.09 -5.18 -20.64
CA MET J 21 -62.32 -6.33 -21.08
C MET J 21 -60.96 -5.91 -21.66
N ILE J 22 -60.93 -4.89 -22.53
CA ILE J 22 -59.63 -4.46 -23.01
C ILE J 22 -58.85 -3.72 -21.91
N GLY J 23 -59.56 -3.15 -20.93
CA GLY J 23 -58.87 -2.67 -19.74
C GLY J 23 -58.13 -3.78 -19.03
N ARG J 24 -58.79 -4.93 -18.87
CA ARG J 24 -58.11 -6.08 -18.26
C ARG J 24 -56.95 -6.56 -19.12
N ILE J 25 -57.10 -6.52 -20.45
CA ILE J 25 -56.02 -6.91 -21.33
C ILE J 25 -54.80 -6.03 -21.09
N LEU J 26 -55.01 -4.70 -21.10
CA LEU J 26 -53.90 -3.79 -20.89
C LEU J 26 -53.29 -3.97 -19.50
N LEU J 27 -54.14 -4.20 -18.49
CA LEU J 27 -53.64 -4.36 -17.14
C LEU J 27 -52.74 -5.59 -17.03
N THR J 28 -53.17 -6.71 -17.62
CA THR J 28 -52.35 -7.90 -17.59
C THR J 28 -51.02 -7.68 -18.31
N VAL J 29 -51.07 -7.04 -19.47
CA VAL J 29 -49.83 -6.81 -20.22
C VAL J 29 -48.89 -5.93 -19.42
N VAL J 30 -49.42 -4.87 -18.79
CA VAL J 30 -48.57 -3.97 -18.02
C VAL J 30 -47.95 -4.69 -16.83
N VAL J 31 -48.73 -5.52 -16.14
CA VAL J 31 -48.20 -6.25 -15.00
C VAL J 31 -47.06 -7.16 -15.43
N ILE J 32 -47.27 -7.90 -16.53
CA ILE J 32 -46.22 -8.79 -17.02
C ILE J 32 -44.98 -7.99 -17.40
N PHE J 33 -45.18 -6.85 -18.06
CA PHE J 33 -44.05 -6.01 -18.46
C PHE J 33 -43.24 -5.57 -17.26
N ARG J 34 -43.91 -5.09 -16.22
CA ARG J 34 -43.20 -4.63 -15.02
C ARG J 34 -42.43 -5.78 -14.39
N ILE J 35 -43.06 -6.94 -14.26
CA ILE J 35 -42.39 -8.07 -13.62
C ILE J 35 -41.15 -8.45 -14.42
N LEU J 36 -41.26 -8.51 -15.74
CA LEU J 36 -40.13 -8.90 -16.57
C LEU J 36 -38.98 -7.90 -16.42
N ILE J 37 -39.29 -6.61 -16.52
CA ILE J 37 -38.24 -5.60 -16.46
C ILE J 37 -37.50 -5.70 -15.13
N VAL J 38 -38.26 -5.73 -14.02
CA VAL J 38 -37.62 -5.86 -12.72
C VAL J 38 -36.74 -7.10 -12.68
N ALA J 39 -37.35 -8.27 -12.88
CA ALA J 39 -36.63 -9.52 -12.71
C ALA J 39 -35.38 -9.59 -13.58
N ILE J 40 -35.36 -8.91 -14.73
CA ILE J 40 -34.22 -9.05 -15.63
C ILE J 40 -33.12 -8.04 -15.31
N VAL J 41 -33.43 -6.77 -15.05
CA VAL J 41 -32.39 -5.75 -14.96
C VAL J 41 -32.16 -5.24 -13.53
N GLY J 42 -33.18 -5.28 -12.66
CA GLY J 42 -33.05 -4.61 -11.38
C GLY J 42 -31.88 -5.13 -10.56
N GLU J 43 -31.75 -6.45 -10.48
CA GLU J 43 -30.68 -7.03 -9.66
C GLU J 43 -29.31 -6.59 -10.16
N THR J 44 -29.13 -6.53 -11.48
CA THR J 44 -27.84 -6.16 -12.03
C THR J 44 -27.53 -4.69 -11.82
N VAL J 45 -28.56 -3.83 -11.89
CA VAL J 45 -28.30 -2.39 -11.74
C VAL J 45 -27.74 -2.08 -10.36
N TYR J 46 -28.32 -2.68 -9.32
CA TYR J 46 -27.98 -2.36 -7.94
C TYR J 46 -26.97 -3.33 -7.34
N ASP J 47 -26.11 -3.92 -8.17
CA ASP J 47 -25.21 -4.95 -7.67
C ASP J 47 -24.11 -4.36 -6.78
N ASP J 48 -23.46 -3.29 -7.24
CA ASP J 48 -22.32 -2.70 -6.56
C ASP J 48 -22.68 -1.39 -5.88
N GLU J 49 -23.88 -1.30 -5.32
CA GLU J 49 -24.31 -0.06 -4.70
C GLU J 49 -23.40 0.32 -3.55
N GLN J 50 -23.01 -0.65 -2.72
CA GLN J 50 -22.19 -0.38 -1.55
C GLN J 50 -20.70 -0.48 -1.84
N THR J 51 -20.30 -1.30 -2.80
CA THR J 51 -18.88 -1.45 -3.11
C THR J 51 -18.32 -0.17 -3.70
N MET J 52 -19.09 0.53 -4.53
CA MET J 52 -18.63 1.74 -5.20
C MET J 52 -19.02 3.01 -4.46
N PHE J 53 -19.66 2.90 -3.29
CA PHE J 53 -19.99 4.06 -2.49
C PHE J 53 -18.77 4.44 -1.66
N VAL J 54 -18.27 5.65 -1.86
CA VAL J 54 -17.02 6.09 -1.24
C VAL J 54 -17.23 7.45 -0.60
N CYS J 55 -16.65 7.62 0.60
CA CYS J 55 -16.69 8.87 1.33
C CYS J 55 -15.28 9.43 1.46
N ASN J 56 -15.18 10.76 1.53
CA ASN J 56 -13.90 11.45 1.61
C ASN J 56 -13.51 11.57 3.07
N THR J 57 -12.86 10.54 3.60
CA THR J 57 -12.46 10.52 5.00
C THR J 57 -11.48 9.38 5.21
N LEU J 58 -10.86 9.37 6.39
CA LEU J 58 -9.97 8.29 6.82
C LEU J 58 -10.52 7.52 8.01
N GLN J 59 -11.69 7.89 8.51
CA GLN J 59 -12.23 7.25 9.71
C GLN J 59 -12.79 5.88 9.36
N PRO J 60 -12.33 4.81 10.00
CA PRO J 60 -12.97 3.50 9.76
C PRO J 60 -14.42 3.52 10.18
N GLY J 61 -15.26 2.86 9.38
CA GLY J 61 -16.67 2.73 9.68
C GLY J 61 -17.53 3.88 9.22
N CYS J 62 -16.95 4.95 8.68
CA CYS J 62 -17.76 6.06 8.19
C CYS J 62 -18.52 5.66 6.92
N ASN J 63 -17.89 4.86 6.06
CA ASN J 63 -18.56 4.43 4.83
C ASN J 63 -19.83 3.66 5.14
N GLN J 64 -19.76 2.70 6.07
CA GLN J 64 -20.92 1.88 6.39
C GLN J 64 -22.06 2.74 6.93
N ALA J 65 -21.78 3.59 7.90
CA ALA J 65 -22.82 4.40 8.51
C ALA J 65 -23.44 5.36 7.49
N CYS J 66 -22.59 6.01 6.69
CA CYS J 66 -23.12 6.98 5.74
C CYS J 66 -23.94 6.30 4.64
N TYR J 67 -23.50 5.14 4.16
CA TYR J 67 -24.29 4.42 3.17
C TYR J 67 -25.62 3.97 3.77
N ASP J 68 -25.61 3.48 5.01
CA ASP J 68 -26.84 3.04 5.63
C ASP J 68 -27.82 4.19 5.78
N ARG J 69 -27.32 5.38 6.13
CA ARG J 69 -28.20 6.53 6.25
C ARG J 69 -28.73 6.96 4.90
N ALA J 70 -27.88 6.96 3.87
CA ALA J 70 -28.30 7.46 2.56
C ALA J 70 -29.39 6.58 1.96
N PHE J 71 -29.26 5.26 2.06
CA PHE J 71 -30.18 4.31 1.44
C PHE J 71 -30.64 3.31 2.48
N PRO J 72 -31.61 3.68 3.32
CA PRO J 72 -32.09 2.72 4.32
C PRO J 72 -32.60 1.43 3.72
N ILE J 73 -33.30 1.50 2.60
CA ILE J 73 -33.80 0.33 1.90
C ILE J 73 -33.52 0.52 0.41
N SER J 74 -32.95 -0.50 -0.23
CA SER J 74 -32.67 -0.42 -1.64
C SER J 74 -33.97 -0.40 -2.44
N HIS J 75 -33.93 0.27 -3.60
CA HIS J 75 -35.13 0.37 -4.42
C HIS J 75 -35.62 -1.00 -4.87
N ILE J 76 -34.69 -1.88 -5.25
CA ILE J 76 -35.06 -3.15 -5.85
C ILE J 76 -35.88 -3.99 -4.88
N ARG J 77 -35.48 -4.02 -3.61
CA ARG J 77 -36.22 -4.80 -2.63
C ARG J 77 -37.62 -4.24 -2.41
N TYR J 78 -37.74 -2.91 -2.36
CA TYR J 78 -39.05 -2.30 -2.24
C TYR J 78 -39.94 -2.70 -3.41
N TRP J 79 -39.39 -2.68 -4.62
CA TRP J 79 -40.19 -3.03 -5.79
C TRP J 79 -40.59 -4.50 -5.79
N VAL J 80 -39.68 -5.38 -5.36
CA VAL J 80 -40.03 -6.80 -5.28
C VAL J 80 -41.16 -7.02 -4.29
N PHE J 81 -41.06 -6.39 -3.12
CA PHE J 81 -42.12 -6.50 -2.13
C PHE J 81 -43.43 -5.99 -2.69
N GLN J 82 -43.39 -4.85 -3.40
CA GLN J 82 -44.60 -4.30 -3.98
C GLN J 82 -45.23 -5.26 -4.97
N ILE J 83 -44.40 -5.88 -5.83
CA ILE J 83 -44.94 -6.78 -6.84
C ILE J 83 -45.63 -7.96 -6.18
N ILE J 84 -44.96 -8.59 -5.22
CA ILE J 84 -45.57 -9.77 -4.57
C ILE J 84 -46.86 -9.37 -3.86
N MET J 85 -46.83 -8.27 -3.11
CA MET J 85 -48.01 -7.86 -2.37
C MET J 85 -49.17 -7.55 -3.31
N VAL J 86 -48.89 -6.90 -4.44
CA VAL J 86 -49.95 -6.57 -5.39
C VAL J 86 -50.51 -7.84 -6.01
N CYS J 87 -49.67 -8.85 -6.24
CA CYS J 87 -50.16 -10.09 -6.83
C CYS J 87 -50.90 -10.97 -5.83
N THR J 88 -50.75 -10.73 -4.54
CA THR J 88 -51.38 -11.60 -3.53
C THR J 88 -52.89 -11.78 -3.73
N PRO J 89 -53.70 -10.73 -3.91
CA PRO J 89 -55.16 -10.95 -3.97
C PRO J 89 -55.59 -11.89 -5.08
N SER J 90 -54.93 -11.85 -6.23
CA SER J 90 -55.26 -12.79 -7.29
C SER J 90 -54.97 -14.21 -6.85
N LEU J 91 -53.87 -14.42 -6.14
CA LEU J 91 -53.57 -15.75 -5.61
C LEU J 91 -54.66 -16.20 -4.64
N CYS J 92 -55.11 -15.30 -3.77
CA CYS J 92 -56.17 -15.65 -2.83
C CYS J 92 -57.44 -16.06 -3.57
N PHE J 93 -57.82 -15.30 -4.59
CA PHE J 93 -59.02 -15.63 -5.34
C PHE J 93 -58.86 -16.97 -6.05
N ILE J 94 -57.68 -17.22 -6.62
CA ILE J 94 -57.46 -18.47 -7.37
C ILE J 94 -57.55 -19.66 -6.43
N THR J 95 -56.93 -19.57 -5.25
CA THR J 95 -56.99 -20.69 -4.32
C THR J 95 -58.39 -20.88 -3.77
N TYR J 96 -59.14 -19.79 -3.56
CA TYR J 96 -60.54 -19.95 -3.14
C TYR J 96 -61.35 -20.66 -4.21
N SER J 97 -61.15 -20.28 -5.47
CA SER J 97 -61.86 -20.95 -6.56
C SER J 97 -61.49 -22.44 -6.62
N VAL J 98 -60.20 -22.76 -6.46
CA VAL J 98 -59.78 -24.15 -6.47
C VAL J 98 -60.45 -24.92 -5.33
N HIS J 99 -60.48 -24.34 -4.14
CA HIS J 99 -61.10 -25.03 -3.02
C HIS J 99 -62.58 -25.26 -3.27
N GLN J 100 -63.26 -24.26 -3.82
CA GLN J 100 -64.71 -24.37 -4.03
C GLN J 100 -65.07 -25.59 -4.87
N SER J 101 -64.14 -26.04 -5.72
CA SER J 101 -64.36 -27.21 -6.56
C SER J 101 -63.51 -28.36 -6.03
N ALA J 102 -64.15 -29.48 -5.71
CA ALA J 102 -63.46 -30.64 -5.16
C ALA J 102 -62.73 -30.28 -3.88
N GLY J 194 -71.72 -16.45 -4.97
CA GLY J 194 -70.54 -17.11 -4.45
C GLY J 194 -69.25 -16.49 -4.95
N ILE J 195 -68.81 -16.91 -6.15
CA ILE J 195 -67.61 -16.37 -6.74
C ILE J 195 -67.83 -15.01 -7.38
N SER J 196 -69.08 -14.58 -7.55
CA SER J 196 -69.37 -13.28 -8.14
C SER J 196 -69.30 -12.14 -7.15
N ARG J 197 -69.10 -12.44 -5.86
CA ARG J 197 -68.96 -11.41 -4.83
C ARG J 197 -67.52 -11.21 -4.39
N PHE J 198 -66.77 -12.32 -4.23
CA PHE J 198 -65.36 -12.20 -3.85
C PHE J 198 -64.60 -11.32 -4.84
N TYR J 199 -65.01 -11.31 -6.10
CA TYR J 199 -64.30 -10.55 -7.13
C TYR J 199 -64.28 -9.06 -6.81
N ILE J 200 -65.40 -8.53 -6.32
CA ILE J 200 -65.47 -7.10 -6.02
C ILE J 200 -64.50 -6.74 -4.90
N ILE J 201 -64.47 -7.54 -3.83
CA ILE J 201 -63.56 -7.26 -2.73
C ILE J 201 -62.12 -7.39 -3.19
N GLN J 202 -61.85 -8.37 -4.05
CA GLN J 202 -60.50 -8.50 -4.59
C GLN J 202 -60.09 -7.25 -5.35
N VAL J 203 -61.00 -6.72 -6.18
CA VAL J 203 -60.69 -5.52 -6.94
C VAL J 203 -60.42 -4.35 -6.02
N VAL J 204 -61.27 -4.19 -4.98
CA VAL J 204 -61.10 -3.07 -4.07
C VAL J 204 -59.74 -3.17 -3.36
N PHE J 205 -59.38 -4.36 -2.89
CA PHE J 205 -58.11 -4.52 -2.19
C PHE J 205 -56.94 -4.25 -3.12
N ARG J 206 -57.03 -4.71 -4.37
CA ARG J 206 -55.95 -4.44 -5.32
C ARG J 206 -55.78 -2.94 -5.53
N ASN J 207 -56.89 -2.22 -5.70
CA ASN J 207 -56.82 -0.78 -5.86
C ASN J 207 -56.14 -0.13 -4.67
N ALA J 208 -56.57 -0.50 -3.46
CA ALA J 208 -56.00 0.11 -2.26
C ALA J 208 -54.51 -0.15 -2.16
N LEU J 209 -54.09 -1.40 -2.41
CA LEU J 209 -52.68 -1.74 -2.31
C LEU J 209 -51.86 -0.95 -3.32
N GLU J 210 -52.33 -0.86 -4.57
CA GLU J 210 -51.58 -0.15 -5.59
C GLU J 210 -51.40 1.32 -5.21
N ILE J 211 -52.49 1.97 -4.78
CA ILE J 211 -52.40 3.38 -4.43
C ILE J 211 -51.45 3.58 -3.25
N GLY J 212 -51.56 2.72 -2.24
CA GLY J 212 -50.69 2.85 -1.09
C GLY J 212 -49.22 2.70 -1.44
N PHE J 213 -48.91 1.72 -2.29
CA PHE J 213 -47.51 1.52 -2.65
C PHE J 213 -46.98 2.69 -3.47
N LEU J 214 -47.79 3.23 -4.38
CA LEU J 214 -47.34 4.40 -5.14
C LEU J 214 -47.03 5.58 -4.21
N VAL J 215 -47.93 5.87 -3.29
CA VAL J 215 -47.72 6.99 -2.37
C VAL J 215 -46.49 6.74 -1.51
N GLY J 216 -46.32 5.50 -1.03
CA GLY J 216 -45.16 5.19 -0.22
C GLY J 216 -43.86 5.38 -0.98
N GLN J 217 -43.82 4.95 -2.24
CA GLN J 217 -42.62 5.16 -3.04
C GLN J 217 -42.30 6.64 -3.17
N TYR J 218 -43.33 7.45 -3.46
CA TYR J 218 -43.08 8.88 -3.59
C TYR J 218 -42.51 9.45 -2.30
N PHE J 219 -43.11 9.09 -1.16
CA PHE J 219 -42.67 9.68 0.11
C PHE J 219 -41.33 9.15 0.56
N LEU J 220 -40.91 7.97 0.08
CA LEU J 220 -39.65 7.38 0.50
C LEU J 220 -38.47 7.85 -0.35
N TYR J 221 -38.63 7.88 -1.68
CA TYR J 221 -37.49 8.10 -2.57
C TYR J 221 -37.54 9.39 -3.37
N GLY J 222 -38.69 10.05 -3.48
CA GLY J 222 -38.73 11.24 -4.30
C GLY J 222 -38.71 10.89 -5.77
N PHE J 223 -38.09 11.76 -6.57
CA PHE J 223 -38.04 11.60 -8.01
C PHE J 223 -36.63 11.57 -8.58
N SER J 224 -35.59 11.64 -7.76
CA SER J 224 -34.23 11.65 -8.27
C SER J 224 -33.28 11.11 -7.21
N VAL J 225 -32.11 10.69 -7.68
CA VAL J 225 -31.03 10.19 -6.82
C VAL J 225 -29.85 11.15 -6.95
N PRO J 226 -29.58 12.00 -5.96
CA PRO J 226 -28.48 12.96 -6.11
C PRO J 226 -27.14 12.27 -6.16
N GLY J 227 -26.18 12.93 -6.83
CA GLY J 227 -24.85 12.37 -6.97
C GLY J 227 -23.95 12.59 -5.77
N LEU J 228 -24.33 13.50 -4.87
CA LEU J 228 -23.55 13.78 -3.67
C LEU J 228 -24.44 13.59 -2.45
N TYR J 229 -23.81 13.26 -1.32
CA TYR J 229 -24.52 13.13 -0.05
C TYR J 229 -23.68 13.74 1.06
N GLU J 230 -24.35 14.48 1.94
CA GLU J 230 -23.69 15.07 3.11
C GLU J 230 -24.09 14.27 4.34
N CYS J 231 -23.10 13.69 5.01
CA CYS J 231 -23.32 12.72 6.08
C CYS J 231 -22.69 13.23 7.37
N ASN J 232 -23.44 13.17 8.46
CA ASN J 232 -22.95 13.61 9.77
C ASN J 232 -23.32 12.60 10.84
N ARG J 233 -23.10 11.32 10.55
CA ARG J 233 -23.43 10.24 11.47
C ARG J 233 -22.15 9.72 12.12
N TYR J 234 -22.25 9.38 13.41
CA TYR J 234 -21.13 8.79 14.10
C TYR J 234 -20.72 7.50 13.38
N PRO J 235 -19.41 7.20 13.27
CA PRO J 235 -18.23 7.88 13.84
C PRO J 235 -17.66 8.99 12.97
N CYS J 236 -18.32 9.39 11.90
CA CYS J 236 -17.78 10.44 11.05
C CYS J 236 -17.68 11.74 11.84
N ILE J 237 -16.62 12.51 11.57
CA ILE J 237 -16.33 13.73 12.30
C ILE J 237 -17.00 14.90 11.59
N LYS J 238 -17.91 15.57 12.29
CA LYS J 238 -18.63 16.73 11.75
C LYS J 238 -19.32 16.27 10.46
N GLU J 239 -19.16 16.98 9.35
CA GLU J 239 -19.82 16.64 8.09
C GLU J 239 -18.80 16.10 7.10
N VAL J 240 -19.19 15.06 6.37
CA VAL J 240 -18.36 14.48 5.33
C VAL J 240 -19.20 14.38 4.05
N GLU J 241 -18.50 14.29 2.92
CA GLU J 241 -19.12 14.22 1.62
C GLU J 241 -18.89 12.83 1.02
N CYS J 242 -19.97 12.23 0.52
CA CYS J 242 -19.92 10.89 -0.04
C CYS J 242 -20.52 10.92 -1.44
N TYR J 243 -20.09 9.97 -2.27
CA TYR J 243 -20.39 9.98 -3.70
C TYR J 243 -21.10 8.69 -4.09
N VAL J 244 -22.21 8.82 -4.82
CA VAL J 244 -23.08 7.69 -5.15
C VAL J 244 -22.63 7.08 -6.46
N SER J 245 -23.08 5.86 -6.71
CA SER J 245 -22.74 5.10 -7.92
C SER J 245 -23.94 5.04 -8.85
N ARG J 246 -23.71 5.34 -10.12
CA ARG J 246 -24.75 5.32 -11.14
C ARG J 246 -26.02 6.07 -10.72
N PRO J 247 -25.90 7.35 -10.36
CA PRO J 247 -27.12 8.11 -10.01
C PRO J 247 -28.10 8.24 -11.17
N THR J 248 -27.62 8.40 -12.40
CA THR J 248 -28.53 8.68 -13.51
C THR J 248 -29.36 7.46 -13.88
N GLU J 249 -28.74 6.29 -13.93
CA GLU J 249 -29.48 5.07 -14.24
C GLU J 249 -30.54 4.81 -13.18
N LYS J 250 -30.20 5.04 -11.92
CA LYS J 250 -31.17 4.84 -10.84
C LYS J 250 -32.31 5.84 -10.95
N THR J 251 -32.01 7.09 -11.31
CA THR J 251 -33.08 8.06 -11.52
C THR J 251 -34.03 7.61 -12.63
N VAL J 252 -33.47 7.14 -13.74
CA VAL J 252 -34.30 6.69 -14.85
C VAL J 252 -35.17 5.53 -14.41
N PHE J 253 -34.59 4.56 -13.68
CA PHE J 253 -35.35 3.42 -13.20
C PHE J 253 -36.48 3.87 -12.28
N LEU J 254 -36.20 4.80 -11.38
CA LEU J 254 -37.22 5.29 -10.46
C LEU J 254 -38.39 5.91 -11.22
N VAL J 255 -38.09 6.78 -12.18
CA VAL J 255 -39.15 7.44 -12.93
C VAL J 255 -39.96 6.44 -13.73
N PHE J 256 -39.29 5.47 -14.35
CA PHE J 256 -40.00 4.48 -15.15
C PHE J 256 -40.94 3.64 -14.28
N MET J 257 -40.47 3.21 -13.11
CA MET J 257 -41.33 2.43 -12.24
C MET J 257 -42.52 3.25 -11.75
N PHE J 258 -42.29 4.53 -11.44
CA PHE J 258 -43.40 5.38 -11.04
C PHE J 258 -44.44 5.49 -12.15
N ALA J 259 -44.00 5.67 -13.39
CA ALA J 259 -44.95 5.78 -14.50
C ALA J 259 -45.75 4.50 -14.67
N VAL J 260 -45.08 3.35 -14.61
CA VAL J 260 -45.80 2.08 -14.79
C VAL J 260 -46.82 1.89 -13.68
N SER J 261 -46.44 2.21 -12.43
CA SER J 261 -47.38 2.07 -11.33
C SER J 261 -48.57 3.01 -11.50
N GLY J 262 -48.32 4.23 -12.00
CA GLY J 262 -49.43 5.13 -12.26
C GLY J 262 -50.40 4.60 -13.29
N ILE J 263 -49.86 4.02 -14.36
CA ILE J 263 -50.74 3.42 -15.38
C ILE J 263 -51.57 2.31 -14.76
N CYS J 264 -50.95 1.47 -13.94
CA CYS J 264 -51.70 0.39 -13.29
C CYS J 264 -52.81 0.96 -12.41
N VAL J 265 -52.51 2.03 -11.66
CA VAL J 265 -53.52 2.64 -10.80
C VAL J 265 -54.69 3.14 -11.63
N VAL J 266 -54.39 3.80 -12.75
CA VAL J 266 -55.46 4.34 -13.58
C VAL J 266 -56.35 3.22 -14.11
N LEU J 267 -55.74 2.14 -14.59
CA LEU J 267 -56.55 1.03 -15.11
C LEU J 267 -57.40 0.40 -14.02
N ASN J 268 -56.83 0.22 -12.82
CA ASN J 268 -57.60 -0.36 -11.73
C ASN J 268 -58.77 0.53 -11.36
N LEU J 269 -58.55 1.84 -11.31
CA LEU J 269 -59.65 2.76 -11.02
C LEU J 269 -60.73 2.68 -12.09
N ALA J 270 -60.33 2.57 -13.35
CA ALA J 270 -61.32 2.43 -14.42
C ALA J 270 -62.16 1.18 -14.22
N GLU J 271 -61.51 0.06 -13.91
CA GLU J 271 -62.26 -1.17 -13.66
C GLU J 271 -63.24 -1.00 -12.51
N LEU J 272 -62.77 -0.44 -11.39
CA LEU J 272 -63.62 -0.29 -10.22
C LEU J 272 -64.81 0.60 -10.54
N ASN J 273 -64.58 1.69 -11.27
CA ASN J 273 -65.69 2.55 -11.68
C ASN J 273 -66.67 1.80 -12.58
N HIS J 274 -66.16 0.98 -13.50
CA HIS J 274 -67.04 0.21 -14.36
C HIS J 274 -67.95 -0.70 -13.53
N LEU J 275 -67.41 -1.34 -12.50
CA LEU J 275 -68.25 -2.19 -11.66
C LEU J 275 -69.41 -1.40 -11.06
N GLY J 276 -69.17 -0.15 -10.70
CA GLY J 276 -70.21 0.72 -10.20
C GLY J 276 -70.24 0.75 -8.68
N TRP J 277 -70.77 1.86 -8.15
CA TRP J 277 -70.82 2.05 -6.71
C TRP J 277 -71.90 1.21 -6.06
N ARG J 278 -73.04 1.01 -6.74
CA ARG J 278 -74.13 0.25 -6.14
C ARG J 278 -73.71 -1.19 -5.87
N LYS J 279 -72.98 -1.82 -6.79
CA LYS J 279 -72.52 -3.18 -6.57
C LYS J 279 -71.49 -3.22 -5.44
N ILE J 280 -70.58 -2.24 -5.40
CA ILE J 280 -69.55 -2.23 -4.38
C ILE J 280 -70.17 -2.10 -3.00
N LYS J 281 -71.19 -1.25 -2.86
CA LYS J 281 -71.83 -1.06 -1.56
C LYS J 281 -72.42 -2.37 -1.06
N LEU J 282 -73.05 -3.13 -1.95
CA LEU J 282 -73.60 -4.43 -1.59
C LEU J 282 -72.53 -5.51 -1.67
N SER K 19 -65.93 -20.57 10.05
CA SER K 19 -65.12 -19.88 9.05
C SER K 19 -63.74 -20.52 8.95
N THR K 20 -63.70 -21.78 8.52
CA THR K 20 -62.46 -22.52 8.40
C THR K 20 -61.87 -22.46 7.00
N MET K 21 -62.70 -22.29 5.97
CA MET K 21 -62.20 -22.18 4.61
C MET K 21 -61.26 -20.99 4.46
N ILE K 22 -61.69 -19.82 4.92
CA ILE K 22 -60.88 -18.61 4.79
C ILE K 22 -59.59 -18.75 5.59
N GLY K 23 -59.66 -19.42 6.74
CA GLY K 23 -58.44 -19.62 7.51
C GLY K 23 -57.39 -20.39 6.72
N ARG K 24 -57.80 -21.51 6.11
CA ARG K 24 -56.86 -22.30 5.32
C ARG K 24 -56.37 -21.51 4.11
N ILE K 25 -57.26 -20.77 3.46
CA ILE K 25 -56.86 -19.98 2.28
C ILE K 25 -55.80 -18.98 2.68
N LEU K 26 -56.04 -18.21 3.75
CA LEU K 26 -55.08 -17.22 4.18
C LEU K 26 -53.78 -17.87 4.63
N LEU K 27 -53.86 -19.01 5.30
CA LEU K 27 -52.65 -19.69 5.74
C LEU K 27 -51.77 -20.09 4.56
N THR K 28 -52.40 -20.67 3.53
CA THR K 28 -51.64 -21.06 2.35
C THR K 28 -51.01 -19.84 1.67
N VAL K 29 -51.79 -18.77 1.53
CA VAL K 29 -51.28 -17.58 0.87
C VAL K 29 -50.10 -17.00 1.64
N VAL K 30 -50.20 -16.96 2.98
CA VAL K 30 -49.14 -16.38 3.79
C VAL K 30 -47.89 -17.25 3.69
N VAL K 31 -48.04 -18.57 3.71
CA VAL K 31 -46.87 -19.45 3.61
C VAL K 31 -46.16 -19.21 2.28
N ILE K 32 -46.92 -19.16 1.20
CA ILE K 32 -46.31 -18.94 -0.12
C ILE K 32 -45.63 -17.58 -0.16
N PHE K 33 -46.26 -16.55 0.42
CA PHE K 33 -45.67 -15.22 0.43
C PHE K 33 -44.33 -15.21 1.15
N ARG K 34 -44.28 -15.83 2.33
CA ARG K 34 -43.03 -15.88 3.09
C ARG K 34 -41.95 -16.60 2.31
N ILE K 35 -42.28 -17.75 1.72
CA ILE K 35 -41.29 -18.51 0.98
C ILE K 35 -40.74 -17.69 -0.18
N LEU K 36 -41.63 -17.02 -0.92
CA LEU K 36 -41.19 -16.24 -2.06
C LEU K 36 -40.27 -15.10 -1.63
N ILE K 37 -40.68 -14.35 -0.60
CA ILE K 37 -39.88 -13.22 -0.16
C ILE K 37 -38.48 -13.68 0.24
N VAL K 38 -38.42 -14.71 1.09
CA VAL K 38 -37.11 -15.21 1.51
C VAL K 38 -36.28 -15.61 0.29
N ALA K 39 -36.83 -16.54 -0.51
CA ALA K 39 -36.06 -17.10 -1.62
C ALA K 39 -35.56 -16.02 -2.58
N ILE K 40 -36.30 -14.91 -2.70
CA ILE K 40 -35.92 -13.92 -3.70
C ILE K 40 -34.94 -12.89 -3.16
N VAL K 41 -35.10 -12.40 -1.92
CA VAL K 41 -34.28 -11.28 -1.45
C VAL K 41 -33.30 -11.65 -0.35
N GLY K 42 -33.56 -12.70 0.44
CA GLY K 42 -32.73 -12.94 1.61
C GLY K 42 -31.27 -13.13 1.27
N GLU K 43 -30.99 -13.95 0.26
CA GLU K 43 -29.59 -14.24 -0.08
C GLU K 43 -28.86 -12.98 -0.51
N THR K 44 -29.53 -12.11 -1.26
CA THR K 44 -28.88 -10.89 -1.73
C THR K 44 -28.64 -9.92 -0.58
N VAL K 45 -29.57 -9.84 0.37
CA VAL K 45 -29.39 -8.87 1.46
C VAL K 45 -28.15 -9.18 2.27
N TYR K 46 -27.90 -10.46 2.57
CA TYR K 46 -26.84 -10.87 3.48
C TYR K 46 -25.59 -11.33 2.73
N ASP K 47 -25.38 -10.86 1.52
CA ASP K 47 -24.27 -11.36 0.71
C ASP K 47 -22.93 -10.92 1.27
N ASP K 48 -22.78 -9.63 1.57
CA ASP K 48 -21.50 -9.07 2.02
C ASP K 48 -21.49 -8.78 3.51
N GLU K 49 -22.12 -9.66 4.30
CA GLU K 49 -22.18 -9.41 5.75
C GLU K 49 -20.78 -9.39 6.36
N GLN K 50 -19.91 -10.30 5.95
CA GLN K 50 -18.57 -10.39 6.52
C GLN K 50 -17.56 -9.55 5.77
N THR K 51 -17.74 -9.35 4.47
CA THR K 51 -16.79 -8.55 3.71
C THR K 51 -16.79 -7.10 4.17
N MET K 52 -17.96 -6.55 4.47
CA MET K 52 -18.09 -5.16 4.87
C MET K 52 -18.06 -4.95 6.38
N PHE K 53 -17.85 -6.02 7.15
CA PHE K 53 -17.71 -5.89 8.60
C PHE K 53 -16.27 -5.51 8.91
N VAL K 54 -16.08 -4.37 9.57
CA VAL K 54 -14.76 -3.81 9.81
C VAL K 54 -14.63 -3.41 11.27
N CYS K 55 -13.47 -3.68 11.85
CA CYS K 55 -13.16 -3.30 13.22
C CYS K 55 -12.01 -2.32 13.23
N ASN K 56 -11.99 -1.45 14.24
CA ASN K 56 -10.98 -0.41 14.36
C ASN K 56 -9.79 -0.98 15.14
N THR K 57 -8.88 -1.61 14.42
CA THR K 57 -7.71 -2.24 15.05
C THR K 57 -6.72 -2.62 13.96
N LEU K 58 -5.52 -3.00 14.40
CA LEU K 58 -4.48 -3.51 13.52
C LEU K 58 -4.14 -4.96 13.78
N GLN K 59 -4.79 -5.59 14.75
CA GLN K 59 -4.46 -6.96 15.12
C GLN K 59 -5.00 -7.92 14.08
N PRO K 60 -4.17 -8.76 13.46
CA PRO K 60 -4.69 -9.80 12.56
C PRO K 60 -5.61 -10.75 13.31
N GLY K 61 -6.71 -11.12 12.66
CA GLY K 61 -7.64 -12.08 13.20
C GLY K 61 -8.70 -11.50 14.11
N CYS K 62 -8.64 -10.22 14.44
CA CYS K 62 -9.67 -9.62 15.28
C CYS K 62 -11.00 -9.54 14.54
N ASN K 63 -10.96 -9.26 13.24
CA ASN K 63 -12.20 -9.16 12.47
C ASN K 63 -12.96 -10.48 12.50
N GLN K 64 -12.27 -11.58 12.26
CA GLN K 64 -12.94 -12.88 12.22
C GLN K 64 -13.59 -13.20 13.56
N ALA K 65 -12.84 -13.06 14.65
CA ALA K 65 -13.37 -13.40 15.96
C ALA K 65 -14.54 -12.50 16.33
N CYS K 66 -14.42 -11.20 16.10
CA CYS K 66 -15.48 -10.29 16.48
C CYS K 66 -16.73 -10.51 15.65
N TYR K 67 -16.58 -10.76 14.35
CA TYR K 67 -17.76 -11.07 13.54
C TYR K 67 -18.42 -12.35 13.99
N ASP K 68 -17.62 -13.39 14.30
CA ASP K 68 -18.20 -14.64 14.74
C ASP K 68 -18.96 -14.47 16.03
N ARG K 69 -18.46 -13.63 16.94
CA ARG K 69 -19.17 -13.39 18.19
C ARG K 69 -20.44 -12.58 17.96
N ALA K 70 -20.38 -11.58 17.06
CA ALA K 70 -21.54 -10.72 16.86
C ALA K 70 -22.71 -11.49 16.24
N PHE K 71 -22.44 -12.33 15.25
CA PHE K 71 -23.46 -13.04 14.49
C PHE K 71 -23.13 -14.52 14.48
N PRO K 72 -23.44 -15.24 15.56
CA PRO K 72 -23.15 -16.69 15.57
C PRO K 72 -23.82 -17.43 14.44
N ILE K 73 -25.05 -17.08 14.11
CA ILE K 73 -25.78 -17.69 13.00
C ILE K 73 -26.47 -16.58 12.22
N SER K 74 -26.31 -16.59 10.90
CA SER K 74 -26.95 -15.58 10.06
C SER K 74 -28.47 -15.75 10.10
N HIS K 75 -29.18 -14.63 9.94
CA HIS K 75 -30.64 -14.69 9.98
C HIS K 75 -31.18 -15.56 8.87
N ILE K 76 -30.60 -15.45 7.67
CA ILE K 76 -31.17 -16.11 6.50
C ILE K 76 -31.16 -17.63 6.68
N ARG K 77 -30.08 -18.17 7.23
CA ARG K 77 -30.00 -19.61 7.43
C ARG K 77 -31.02 -20.07 8.46
N TYR K 78 -31.20 -19.31 9.53
CA TYR K 78 -32.22 -19.64 10.52
C TYR K 78 -33.60 -19.68 9.88
N TRP K 79 -33.90 -18.69 9.03
CA TRP K 79 -35.21 -18.64 8.41
C TRP K 79 -35.41 -19.79 7.42
N VAL K 80 -34.36 -20.16 6.68
CA VAL K 80 -34.47 -21.29 5.77
C VAL K 80 -34.77 -22.57 6.54
N PHE K 81 -34.02 -22.79 7.63
CA PHE K 81 -34.27 -23.96 8.47
C PHE K 81 -35.69 -23.96 9.00
N GLN K 82 -36.17 -22.79 9.45
CA GLN K 82 -37.52 -22.70 9.96
C GLN K 82 -38.54 -23.07 8.90
N ILE K 83 -38.36 -22.57 7.68
CA ILE K 83 -39.32 -22.83 6.61
C ILE K 83 -39.38 -24.33 6.33
N ILE K 84 -38.22 -24.97 6.15
CA ILE K 84 -38.23 -26.39 5.83
C ILE K 84 -38.85 -27.20 6.98
N MET K 85 -38.47 -26.88 8.21
CA MET K 85 -39.00 -27.64 9.35
C MET K 85 -40.50 -27.48 9.46
N VAL K 86 -41.01 -26.26 9.24
CA VAL K 86 -42.45 -26.05 9.33
C VAL K 86 -43.17 -26.78 8.21
N CYS K 87 -42.57 -26.88 7.03
CA CYS K 87 -43.22 -27.59 5.93
C CYS K 87 -43.14 -29.11 6.07
N THR K 88 -42.25 -29.62 6.91
CA THR K 88 -42.09 -31.07 7.03
C THR K 88 -43.39 -31.84 7.29
N PRO K 89 -44.23 -31.45 8.26
CA PRO K 89 -45.41 -32.28 8.56
C PRO K 89 -46.34 -32.48 7.37
N SER K 90 -46.50 -31.45 6.53
CA SER K 90 -47.33 -31.62 5.34
C SER K 90 -46.72 -32.66 4.41
N LEU K 91 -45.40 -32.66 4.27
CA LEU K 91 -44.73 -33.68 3.47
C LEU K 91 -44.98 -35.07 4.05
N CYS K 92 -44.90 -35.20 5.37
CA CYS K 92 -45.16 -36.50 6.00
C CYS K 92 -46.57 -36.97 5.71
N PHE K 93 -47.55 -36.07 5.84
CA PHE K 93 -48.94 -36.45 5.56
C PHE K 93 -49.12 -36.84 4.11
N ILE K 94 -48.51 -36.10 3.19
CA ILE K 94 -48.68 -36.39 1.77
C ILE K 94 -48.09 -37.76 1.43
N THR K 95 -46.88 -38.04 1.94
CA THR K 95 -46.28 -39.34 1.65
C THR K 95 -47.06 -40.47 2.31
N TYR K 96 -47.63 -40.25 3.50
CA TYR K 96 -48.47 -41.27 4.11
C TYR K 96 -49.70 -41.54 3.25
N SER K 97 -50.32 -40.48 2.72
CA SER K 97 -51.46 -40.66 1.85
C SER K 97 -51.09 -41.44 0.61
N VAL K 98 -49.93 -41.12 0.01
CA VAL K 98 -49.48 -41.85 -1.17
C VAL K 98 -49.27 -43.32 -0.83
N HIS K 99 -48.66 -43.60 0.32
CA HIS K 99 -48.43 -44.99 0.72
C HIS K 99 -49.75 -45.72 0.91
N GLN K 100 -50.75 -45.04 1.49
CA GLN K 100 -52.02 -45.70 1.77
C GLN K 100 -52.69 -46.20 0.51
N SER K 101 -52.36 -45.62 -0.65
CA SER K 101 -52.93 -46.01 -1.93
C SER K 101 -51.85 -46.65 -2.78
N ALA K 102 -52.12 -47.87 -3.26
CA ALA K 102 -51.17 -48.60 -4.09
C ALA K 102 -49.84 -48.79 -3.34
N GLY K 194 -58.79 -43.56 9.51
CA GLY K 194 -57.48 -43.70 8.91
C GLY K 194 -56.78 -42.37 8.70
N ILE K 195 -57.05 -41.73 7.56
CA ILE K 195 -56.45 -40.43 7.27
C ILE K 195 -57.14 -39.29 8.01
N SER K 196 -58.27 -39.56 8.67
CA SER K 196 -58.97 -38.52 9.41
C SER K 196 -58.41 -38.30 10.81
N ARG K 197 -57.44 -39.12 11.24
CA ARG K 197 -56.78 -38.94 12.53
C ARG K 197 -55.39 -38.36 12.41
N PHE K 198 -54.63 -38.78 11.40
CA PHE K 198 -53.30 -38.21 11.18
C PHE K 198 -53.35 -36.69 11.04
N TYR K 199 -54.47 -36.18 10.51
CA TYR K 199 -54.58 -34.74 10.27
C TYR K 199 -54.50 -33.96 11.57
N ILE K 200 -55.13 -34.46 12.63
CA ILE K 200 -55.12 -33.75 13.90
C ILE K 200 -53.70 -33.67 14.46
N ILE K 201 -52.97 -34.78 14.43
CA ILE K 201 -51.60 -34.77 14.94
C ILE K 201 -50.73 -33.86 14.09
N GLN K 202 -50.95 -33.86 12.77
CA GLN K 202 -50.21 -32.95 11.90
C GLN K 202 -50.45 -31.50 12.32
N VAL K 203 -51.71 -31.14 12.58
CA VAL K 203 -52.03 -29.77 12.97
C VAL K 203 -51.34 -29.42 14.28
N VAL K 204 -51.39 -30.34 15.26
CA VAL K 204 -50.80 -30.07 16.56
C VAL K 204 -49.28 -29.85 16.41
N PHE K 205 -48.63 -30.70 15.63
CA PHE K 205 -47.19 -30.57 15.45
C PHE K 205 -46.84 -29.28 14.73
N ARG K 206 -47.63 -28.89 13.73
CA ARG K 206 -47.36 -27.63 13.06
C ARG K 206 -47.47 -26.46 14.03
N ASN K 207 -48.52 -26.45 14.86
CA ASN K 207 -48.66 -25.39 15.86
C ASN K 207 -47.45 -25.33 16.77
N ALA K 208 -47.03 -26.48 17.29
CA ALA K 208 -45.91 -26.50 18.22
C ALA K 208 -44.65 -25.99 17.55
N LEU K 209 -44.37 -26.44 16.33
CA LEU K 209 -43.15 -26.01 15.65
C LEU K 209 -43.17 -24.51 15.40
N GLU K 210 -44.30 -23.98 14.94
CA GLU K 210 -44.35 -22.54 14.65
C GLU K 210 -44.12 -21.72 15.90
N ILE K 211 -44.78 -22.09 17.00
CA ILE K 211 -44.61 -21.33 18.24
C ILE K 211 -43.15 -21.41 18.71
N GLY K 212 -42.57 -22.60 18.67
CA GLY K 212 -41.20 -22.76 19.10
C GLY K 212 -40.23 -21.92 18.29
N PHE K 213 -40.41 -21.91 16.97
CA PHE K 213 -39.50 -21.13 16.12
C PHE K 213 -39.65 -19.64 16.37
N LEU K 214 -40.89 -19.16 16.56
CA LEU K 214 -41.07 -17.74 16.86
C LEU K 214 -40.37 -17.36 18.15
N VAL K 215 -40.56 -18.16 19.21
CA VAL K 215 -39.92 -17.85 20.48
C VAL K 215 -38.41 -17.90 20.35
N GLY K 216 -37.90 -18.90 19.63
CA GLY K 216 -36.46 -19.00 19.44
C GLY K 216 -35.90 -17.79 18.71
N GLN K 217 -36.59 -17.32 17.68
CA GLN K 217 -36.13 -16.13 16.97
C GLN K 217 -36.06 -14.94 17.91
N TYR K 218 -37.12 -14.74 18.72
CA TYR K 218 -37.10 -13.61 19.63
C TYR K 218 -35.92 -13.70 20.59
N PHE K 219 -35.69 -14.88 21.15
CA PHE K 219 -34.63 -15.02 22.14
C PHE K 219 -33.24 -14.97 21.52
N LEU K 220 -33.12 -15.24 20.22
CA LEU K 220 -31.82 -15.24 19.57
C LEU K 220 -31.43 -13.86 19.06
N TYR K 221 -32.35 -13.15 18.40
CA TYR K 221 -31.99 -11.94 17.68
C TYR K 221 -32.59 -10.66 18.24
N GLY K 222 -33.63 -10.74 19.06
CA GLY K 222 -34.25 -9.50 19.51
C GLY K 222 -35.09 -8.88 18.41
N PHE K 223 -35.16 -7.55 18.44
CA PHE K 223 -35.98 -6.80 17.49
C PHE K 223 -35.20 -5.79 16.66
N SER K 224 -33.89 -5.70 16.81
CA SER K 224 -33.11 -4.73 16.06
C SER K 224 -31.67 -5.20 15.92
N VAL K 225 -30.98 -4.64 14.93
CA VAL K 225 -29.58 -4.91 14.66
C VAL K 225 -28.81 -3.62 14.90
N PRO K 226 -28.07 -3.49 16.00
CA PRO K 226 -27.36 -2.23 16.26
C PRO K 226 -26.26 -1.99 15.24
N GLY K 227 -25.94 -0.71 15.03
CA GLY K 227 -24.93 -0.34 14.07
C GLY K 227 -23.51 -0.44 14.60
N LEU K 228 -23.34 -0.52 15.91
CA LEU K 228 -22.03 -0.66 16.54
C LEU K 228 -22.00 -1.91 17.39
N TYR K 229 -20.82 -2.53 17.48
CA TYR K 229 -20.61 -3.68 18.32
C TYR K 229 -19.33 -3.49 19.13
N GLU K 230 -19.36 -3.90 20.39
CA GLU K 230 -18.20 -3.82 21.27
C GLU K 230 -17.69 -5.23 21.53
N CYS K 231 -16.45 -5.50 21.14
CA CYS K 231 -15.91 -6.84 21.09
C CYS K 231 -14.67 -6.94 21.97
N ASN K 232 -14.59 -7.98 22.79
CA ASN K 232 -13.44 -8.22 23.65
C ASN K 232 -13.03 -9.68 23.59
N ARG K 233 -12.96 -10.22 22.37
CA ARG K 233 -12.60 -11.61 22.14
C ARG K 233 -11.15 -11.70 21.71
N TYR K 234 -10.44 -12.69 22.21
CA TYR K 234 -9.06 -12.91 21.77
C TYR K 234 -9.04 -13.13 20.26
N PRO K 235 -8.05 -12.60 19.53
CA PRO K 235 -6.83 -11.91 19.97
C PRO K 235 -6.97 -10.41 20.13
N CYS K 236 -8.17 -9.84 20.04
CA CYS K 236 -8.32 -8.40 20.16
C CYS K 236 -7.86 -7.95 21.54
N ILE K 237 -7.15 -6.82 21.57
CA ILE K 237 -6.56 -6.32 22.81
C ILE K 237 -7.61 -5.49 23.55
N LYS K 238 -7.89 -5.87 24.80
CA LYS K 238 -8.86 -5.18 25.65
C LYS K 238 -10.19 -5.15 24.90
N GLU K 239 -10.76 -3.98 24.61
CA GLU K 239 -12.06 -3.87 23.97
C GLU K 239 -11.94 -3.01 22.71
N VAL K 240 -12.61 -3.43 21.65
CA VAL K 240 -12.56 -2.76 20.36
C VAL K 240 -13.98 -2.53 19.85
N GLU K 241 -14.09 -1.62 18.89
CA GLU K 241 -15.36 -1.26 18.29
C GLU K 241 -15.40 -1.73 16.84
N CYS K 242 -16.52 -2.34 16.45
CA CYS K 242 -16.72 -2.84 15.10
C CYS K 242 -18.03 -2.31 14.55
N TYR K 243 -18.11 -2.24 13.22
CA TYR K 243 -19.21 -1.56 12.55
C TYR K 243 -19.91 -2.53 11.60
N VAL K 244 -21.23 -2.56 11.68
CA VAL K 244 -22.04 -3.52 10.95
C VAL K 244 -22.43 -2.94 9.60
N SER K 245 -22.85 -3.83 8.69
CA SER K 245 -23.24 -3.46 7.34
C SER K 245 -24.75 -3.57 7.18
N ARG K 246 -25.36 -2.52 6.63
CA ARG K 246 -26.80 -2.46 6.40
C ARG K 246 -27.62 -2.84 7.65
N PRO K 247 -27.41 -2.15 8.77
CA PRO K 247 -28.22 -2.47 9.95
C PRO K 247 -29.71 -2.22 9.77
N THR K 248 -30.09 -1.17 9.04
CA THR K 248 -31.50 -0.80 8.94
C THR K 248 -32.28 -1.79 8.09
N GLU K 249 -31.71 -2.22 6.97
CA GLU K 249 -32.38 -3.20 6.13
C GLU K 249 -32.59 -4.49 6.90
N LYS K 250 -31.57 -4.92 7.66
CA LYS K 250 -31.69 -6.14 8.43
C LYS K 250 -32.74 -6.00 9.53
N THR K 251 -32.83 -4.82 10.17
CA THR K 251 -33.88 -4.61 11.16
C THR K 251 -35.26 -4.73 10.53
N VAL K 252 -35.45 -4.12 9.36
CA VAL K 252 -36.73 -4.20 8.68
C VAL K 252 -37.07 -5.64 8.35
N PHE K 253 -36.09 -6.38 7.83
CA PHE K 253 -36.32 -7.79 7.49
C PHE K 253 -36.71 -8.58 8.73
N LEU K 254 -36.01 -8.35 9.84
CA LEU K 254 -36.31 -9.08 11.08
C LEU K 254 -37.74 -8.82 11.53
N VAL K 255 -38.15 -7.56 11.55
CA VAL K 255 -39.49 -7.23 12.01
C VAL K 255 -40.54 -7.83 11.08
N PHE K 256 -40.30 -7.75 9.77
CA PHE K 256 -41.28 -8.29 8.82
C PHE K 256 -41.44 -9.79 9.00
N MET K 257 -40.33 -10.52 9.16
CA MET K 257 -40.43 -11.96 9.35
C MET K 257 -41.14 -12.29 10.66
N PHE K 258 -40.88 -11.53 11.71
CA PHE K 258 -41.59 -11.77 12.97
C PHE K 258 -43.09 -11.57 12.78
N ALA K 259 -43.50 -10.52 12.08
CA ALA K 259 -44.93 -10.29 11.88
C ALA K 259 -45.56 -11.41 11.09
N VAL K 260 -44.91 -11.87 10.02
CA VAL K 260 -45.48 -12.94 9.21
C VAL K 260 -45.62 -14.22 10.04
N SER K 261 -44.59 -14.54 10.83
CA SER K 261 -44.67 -15.73 11.68
C SER K 261 -45.79 -15.61 12.69
N GLY K 262 -45.98 -14.41 13.25
CA GLY K 262 -47.09 -14.22 14.17
C GLY K 262 -48.44 -14.46 13.53
N ILE K 263 -48.62 -13.95 12.30
CA ILE K 263 -49.87 -14.20 11.59
C ILE K 263 -50.08 -15.69 11.39
N CYS K 264 -49.03 -16.39 10.98
CA CYS K 264 -49.14 -17.84 10.80
C CYS K 264 -49.54 -18.52 12.10
N VAL K 265 -48.94 -18.11 13.22
CA VAL K 265 -49.27 -18.71 14.51
C VAL K 265 -50.74 -18.49 14.83
N VAL K 266 -51.23 -17.27 14.61
CA VAL K 266 -52.63 -16.97 14.93
C VAL K 266 -53.56 -17.85 14.10
N LEU K 267 -53.28 -17.96 12.80
CA LEU K 267 -54.15 -18.78 11.95
C LEU K 267 -54.12 -20.25 12.37
N ASN K 268 -52.94 -20.77 12.69
CA ASN K 268 -52.85 -22.15 13.12
C ASN K 268 -53.63 -22.39 14.42
N LEU K 269 -53.52 -21.45 15.36
CA LEU K 269 -54.28 -21.57 16.60
C LEU K 269 -55.78 -21.54 16.32
N ALA K 270 -56.21 -20.69 15.40
CA ALA K 270 -57.63 -20.64 15.05
C ALA K 270 -58.10 -21.97 14.50
N GLU K 271 -57.31 -22.58 13.60
CA GLU K 271 -57.69 -23.88 13.05
C GLU K 271 -57.77 -24.93 14.15
N LEU K 272 -56.76 -24.96 15.03
CA LEU K 272 -56.75 -25.95 16.10
C LEU K 272 -57.96 -25.80 17.01
N ASN K 273 -58.30 -24.55 17.35
CA ASN K 273 -59.50 -24.33 18.16
C ASN K 273 -60.75 -24.77 17.42
N HIS K 274 -60.82 -24.54 16.11
CA HIS K 274 -61.98 -24.98 15.35
C HIS K 274 -62.14 -26.50 15.44
N LEU K 275 -61.04 -27.24 15.34
CA LEU K 275 -61.14 -28.69 15.43
C LEU K 275 -61.74 -29.12 16.76
N GLY K 276 -61.45 -28.39 17.83
CA GLY K 276 -62.04 -28.65 19.13
C GLY K 276 -61.16 -29.52 20.00
N TRP K 277 -61.33 -29.35 21.32
CA TRP K 277 -60.50 -30.08 22.27
C TRP K 277 -60.89 -31.54 22.36
N ARG K 278 -62.19 -31.85 22.23
CA ARG K 278 -62.63 -33.23 22.36
C ARG K 278 -62.03 -34.12 21.27
N LYS K 279 -61.99 -33.62 20.03
CA LYS K 279 -61.38 -34.39 18.96
C LYS K 279 -59.88 -34.56 19.17
N ILE K 280 -59.21 -33.50 19.62
CA ILE K 280 -57.77 -33.58 19.84
C ILE K 280 -57.45 -34.61 20.91
N LYS K 281 -58.25 -34.64 21.98
CA LYS K 281 -58.00 -35.61 23.05
C LYS K 281 -58.09 -37.03 22.51
N LEU K 282 -59.07 -37.30 21.65
CA LEU K 282 -59.23 -38.62 21.07
C LEU K 282 -58.44 -38.74 19.76
N SER L 19 -44.66 -51.38 12.07
CA SER L 19 -44.09 -50.03 12.05
C SER L 19 -43.17 -49.84 10.85
N THR L 20 -43.16 -50.82 9.95
CA THR L 20 -42.30 -50.72 8.77
C THR L 20 -42.81 -49.65 7.81
N MET L 21 -44.05 -49.22 7.94
CA MET L 21 -44.57 -48.20 7.04
C MET L 21 -44.25 -46.80 7.57
N ILE L 22 -44.52 -46.55 8.84
CA ILE L 22 -44.14 -45.27 9.43
C ILE L 22 -42.62 -45.11 9.40
N GLY L 23 -41.89 -46.21 9.58
CA GLY L 23 -40.44 -46.15 9.46
C GLY L 23 -40.01 -45.67 8.09
N ARG L 24 -40.59 -46.24 7.03
CA ARG L 24 -40.24 -45.82 5.69
C ARG L 24 -40.64 -44.37 5.45
N ILE L 25 -41.80 -43.96 5.96
CA ILE L 25 -42.24 -42.59 5.78
C ILE L 25 -41.25 -41.62 6.41
N LEU L 26 -40.88 -41.88 7.67
CA LEU L 26 -39.92 -41.01 8.35
C LEU L 26 -38.57 -41.03 7.64
N LEU L 27 -38.15 -42.20 7.16
CA LEU L 27 -36.86 -42.28 6.48
C LEU L 27 -36.85 -41.42 5.22
N THR L 28 -37.91 -41.51 4.42
CA THR L 28 -37.99 -40.68 3.22
C THR L 28 -38.00 -39.21 3.58
N VAL L 29 -38.77 -38.84 4.61
CA VAL L 29 -38.87 -37.43 4.98
C VAL L 29 -37.50 -36.90 5.41
N VAL L 30 -36.78 -37.66 6.24
CA VAL L 30 -35.49 -37.17 6.73
C VAL L 30 -34.47 -37.11 5.60
N VAL L 31 -34.51 -38.06 4.68
CA VAL L 31 -33.60 -38.02 3.54
C VAL L 31 -33.83 -36.76 2.72
N ILE L 32 -35.10 -36.47 2.42
CA ILE L 32 -35.41 -35.27 1.64
C ILE L 32 -34.99 -34.02 2.40
N PHE L 33 -35.23 -34.00 3.71
CA PHE L 33 -34.86 -32.86 4.54
C PHE L 33 -33.36 -32.59 4.47
N ARG L 34 -32.56 -33.64 4.63
CA ARG L 34 -31.11 -33.48 4.59
C ARG L 34 -30.66 -32.97 3.22
N ILE L 35 -31.20 -33.55 2.15
CA ILE L 35 -30.81 -33.13 0.81
C ILE L 35 -31.12 -31.65 0.61
N LEU L 36 -32.33 -31.23 1.01
CA LEU L 36 -32.73 -29.84 0.82
C LEU L 36 -31.83 -28.90 1.61
N ILE L 37 -31.59 -29.21 2.88
CA ILE L 37 -30.76 -28.33 3.71
C ILE L 37 -29.37 -28.17 3.10
N VAL L 38 -28.74 -29.29 2.75
CA VAL L 38 -27.41 -29.20 2.15
C VAL L 38 -27.47 -28.35 0.89
N ALA L 39 -28.31 -28.76 -0.08
CA ALA L 39 -28.33 -28.10 -1.37
C ALA L 39 -28.61 -26.61 -1.26
N ILE L 40 -29.33 -26.18 -0.23
CA ILE L 40 -29.72 -24.78 -0.16
C ILE L 40 -28.69 -23.94 0.59
N VAL L 41 -28.11 -24.41 1.70
CA VAL L 41 -27.27 -23.55 2.52
C VAL L 41 -25.79 -23.94 2.52
N GLY L 42 -25.44 -25.20 2.25
CA GLY L 42 -24.07 -25.62 2.44
C GLY L 42 -23.09 -24.82 1.59
N GLU L 43 -23.41 -24.64 0.31
CA GLU L 43 -22.49 -23.93 -0.57
C GLU L 43 -22.27 -22.50 -0.10
N THR L 44 -23.32 -21.84 0.38
CA THR L 44 -23.17 -20.45 0.80
C THR L 44 -22.38 -20.35 2.10
N VAL L 45 -22.53 -21.32 3.01
CA VAL L 45 -21.81 -21.23 4.28
C VAL L 45 -20.31 -21.28 4.05
N TYR L 46 -19.84 -22.18 3.18
CA TYR L 46 -18.43 -22.43 2.99
C TYR L 46 -17.88 -21.70 1.76
N ASP L 47 -18.43 -20.54 1.42
CA ASP L 47 -18.00 -19.84 0.22
C ASP L 47 -16.62 -19.21 0.39
N ASP L 48 -16.40 -18.51 1.50
CA ASP L 48 -15.19 -17.74 1.72
C ASP L 48 -14.28 -18.40 2.76
N GLU L 49 -14.21 -19.74 2.74
CA GLU L 49 -13.41 -20.44 3.73
C GLU L 49 -11.94 -20.06 3.62
N GLN L 50 -11.43 -19.94 2.39
CA GLN L 50 -10.01 -19.69 2.18
C GLN L 50 -9.67 -18.21 2.07
N THR L 51 -10.57 -17.39 1.53
CA THR L 51 -10.27 -15.97 1.40
C THR L 51 -10.23 -15.28 2.76
N MET L 52 -11.02 -15.75 3.72
CA MET L 52 -11.07 -15.17 5.04
C MET L 52 -10.18 -15.88 6.05
N PHE L 53 -9.41 -16.87 5.61
CA PHE L 53 -8.47 -17.56 6.47
C PHE L 53 -7.14 -16.81 6.44
N VAL L 54 -6.70 -16.32 7.60
CA VAL L 54 -5.55 -15.44 7.69
C VAL L 54 -4.60 -15.97 8.76
N CYS L 55 -3.31 -15.92 8.48
CA CYS L 55 -2.26 -16.31 9.41
C CYS L 55 -1.42 -15.09 9.76
N ASN L 56 -0.87 -15.10 10.97
CA ASN L 56 -0.07 -13.98 11.47
C ASN L 56 1.38 -14.21 11.07
N THR L 57 1.73 -13.76 9.86
CA THR L 57 3.07 -13.95 9.34
C THR L 57 3.23 -13.08 8.10
N LEU L 58 4.48 -12.97 7.65
CA LEU L 58 4.82 -12.26 6.42
C LEU L 58 5.36 -13.19 5.35
N GLN L 59 5.47 -14.47 5.63
CA GLN L 59 6.06 -15.41 4.68
C GLN L 59 5.07 -15.72 3.56
N PRO L 60 5.43 -15.49 2.29
CA PRO L 60 4.55 -15.91 1.21
C PRO L 60 4.34 -17.42 1.21
N GLY L 61 3.11 -17.84 0.93
CA GLY L 61 2.79 -19.24 0.84
C GLY L 61 2.45 -19.91 2.14
N CYS L 62 2.58 -19.22 3.27
CA CYS L 62 2.22 -19.84 4.56
C CYS L 62 0.72 -20.02 4.67
N ASN L 63 -0.06 -19.07 4.15
CA ASN L 63 -1.51 -19.18 4.22
C ASN L 63 -2.00 -20.44 3.51
N GLN L 64 -1.51 -20.68 2.30
CA GLN L 64 -1.96 -21.83 1.53
C GLN L 64 -1.65 -23.12 2.26
N ALA L 65 -0.41 -23.29 2.70
CA ALA L 65 -0.01 -24.53 3.36
C ALA L 65 -0.80 -24.74 4.65
N CYS L 66 -0.94 -23.69 5.46
CA CYS L 66 -1.62 -23.86 6.73
C CYS L 66 -3.11 -24.14 6.54
N TYR L 67 -3.74 -23.48 5.57
CA TYR L 67 -5.14 -23.79 5.29
C TYR L 67 -5.29 -25.22 4.81
N ASP L 68 -4.40 -25.66 3.92
CA ASP L 68 -4.50 -27.03 3.42
C ASP L 68 -4.35 -28.04 4.55
N ARG L 69 -3.44 -27.79 5.48
CA ARG L 69 -3.28 -28.70 6.61
C ARG L 69 -4.50 -28.67 7.51
N ALA L 70 -5.06 -27.49 7.77
CA ALA L 70 -6.17 -27.38 8.70
C ALA L 70 -7.41 -28.09 8.18
N PHE L 71 -7.72 -27.95 6.90
CA PHE L 71 -8.94 -28.49 6.30
C PHE L 71 -8.57 -29.28 5.05
N PRO L 72 -8.11 -30.52 5.22
CA PRO L 72 -7.75 -31.32 4.03
C PRO L 72 -8.91 -31.49 3.07
N ILE L 73 -10.13 -31.67 3.58
CA ILE L 73 -11.32 -31.80 2.76
C ILE L 73 -12.42 -30.98 3.41
N SER L 74 -13.10 -30.15 2.62
CA SER L 74 -14.18 -29.33 3.14
C SER L 74 -15.35 -30.22 3.55
N HIS L 75 -16.10 -29.76 4.55
CA HIS L 75 -17.24 -30.53 5.03
C HIS L 75 -18.27 -30.74 3.94
N ILE L 76 -18.54 -29.69 3.15
CA ILE L 76 -19.63 -29.72 2.19
C ILE L 76 -19.41 -30.82 1.15
N ARG L 77 -18.18 -30.95 0.66
CA ARG L 77 -17.89 -31.97 -0.34
C ARG L 77 -18.04 -33.37 0.25
N TYR L 78 -17.59 -33.57 1.48
CA TYR L 78 -17.79 -34.85 2.14
C TYR L 78 -19.27 -35.19 2.23
N TRP L 79 -20.09 -34.21 2.60
CA TRP L 79 -21.53 -34.48 2.74
C TRP L 79 -22.18 -34.75 1.40
N VAL L 80 -21.77 -34.05 0.34
CA VAL L 80 -22.32 -34.32 -0.98
C VAL L 80 -21.97 -35.74 -1.42
N PHE L 81 -20.72 -36.14 -1.23
CA PHE L 81 -20.32 -37.50 -1.57
C PHE L 81 -21.13 -38.51 -0.78
N GLN L 82 -21.33 -38.25 0.52
CA GLN L 82 -22.11 -39.16 1.35
C GLN L 82 -23.53 -39.29 0.82
N ILE L 83 -24.15 -38.17 0.45
CA ILE L 83 -25.54 -38.21 -0.01
C ILE L 83 -25.65 -39.04 -1.27
N ILE L 84 -24.78 -38.78 -2.25
CA ILE L 84 -24.87 -39.53 -3.51
C ILE L 84 -24.62 -41.00 -3.27
N MET L 85 -23.59 -41.33 -2.48
CA MET L 85 -23.26 -42.73 -2.25
C MET L 85 -24.40 -43.45 -1.54
N VAL L 86 -25.03 -42.79 -0.57
CA VAL L 86 -26.13 -43.42 0.15
C VAL L 86 -27.33 -43.61 -0.77
N CYS L 87 -27.56 -42.70 -1.71
CA CYS L 87 -28.69 -42.86 -2.62
C CYS L 87 -28.42 -43.88 -3.72
N THR L 88 -27.16 -44.24 -3.96
CA THR L 88 -26.85 -45.17 -5.05
C THR L 88 -27.66 -46.47 -5.03
N PRO L 89 -27.78 -47.20 -3.91
CA PRO L 89 -28.48 -48.50 -3.97
C PRO L 89 -29.91 -48.40 -4.46
N SER L 90 -30.63 -47.34 -4.10
CA SER L 90 -31.99 -47.17 -4.60
C SER L 90 -31.98 -47.01 -6.12
N LEU L 91 -31.00 -46.27 -6.65
CA LEU L 91 -30.88 -46.15 -8.10
C LEU L 91 -30.62 -47.49 -8.74
N CYS L 92 -29.76 -48.31 -8.13
CA CYS L 92 -29.48 -49.63 -8.67
C CYS L 92 -30.75 -50.48 -8.70
N PHE L 93 -31.51 -50.45 -7.61
CA PHE L 93 -32.76 -51.21 -7.57
C PHE L 93 -33.74 -50.73 -8.63
N ILE L 94 -33.87 -49.41 -8.78
CA ILE L 94 -34.81 -48.87 -9.75
C ILE L 94 -34.44 -49.27 -11.16
N THR L 95 -33.15 -49.16 -11.51
CA THR L 95 -32.75 -49.54 -12.86
C THR L 95 -32.89 -51.04 -13.09
N TYR L 96 -32.64 -51.85 -12.06
CA TYR L 96 -32.88 -53.29 -12.21
C TYR L 96 -34.35 -53.57 -12.46
N SER L 97 -35.23 -52.88 -11.74
CA SER L 97 -36.66 -53.06 -11.96
C SER L 97 -37.06 -52.65 -13.38
N VAL L 98 -36.54 -51.51 -13.85
CA VAL L 98 -36.85 -51.07 -15.20
C VAL L 98 -36.37 -52.12 -16.21
N HIS L 99 -35.15 -52.64 -16.02
CA HIS L 99 -34.64 -53.64 -16.95
C HIS L 99 -35.51 -54.89 -16.94
N GLN L 100 -35.96 -55.33 -15.76
CA GLN L 100 -36.73 -56.56 -15.66
C GLN L 100 -37.99 -56.51 -16.50
N SER L 101 -38.50 -55.30 -16.79
CA SER L 101 -39.68 -55.11 -17.61
C SER L 101 -39.27 -54.52 -18.94
N ALA L 102 -39.61 -55.21 -20.02
CA ALA L 102 -39.27 -54.76 -21.37
C ALA L 102 -37.76 -54.59 -21.52
N GLY L 194 -37.66 -63.13 -7.27
CA GLY L 194 -36.94 -62.26 -8.18
C GLY L 194 -36.63 -60.91 -7.58
N ILE L 195 -37.60 -59.99 -7.63
CA ILE L 195 -37.42 -58.67 -7.06
C ILE L 195 -37.60 -58.66 -5.54
N SER L 196 -37.99 -59.78 -4.94
CA SER L 196 -38.18 -59.87 -3.51
C SER L 196 -36.90 -60.24 -2.77
N ARG L 197 -35.80 -60.50 -3.48
CA ARG L 197 -34.51 -60.80 -2.88
C ARG L 197 -33.52 -59.66 -3.01
N PHE L 198 -33.53 -58.94 -4.14
CA PHE L 198 -32.67 -57.78 -4.29
C PHE L 198 -32.94 -56.75 -3.19
N TYR L 199 -34.17 -56.67 -2.71
CA TYR L 199 -34.54 -55.66 -1.73
C TYR L 199 -33.76 -55.85 -0.43
N ILE L 200 -33.60 -57.09 0.01
CA ILE L 200 -32.88 -57.34 1.26
C ILE L 200 -31.43 -56.92 1.15
N ILE L 201 -30.78 -57.28 0.04
CA ILE L 201 -29.38 -56.91 -0.16
C ILE L 201 -29.25 -55.39 -0.25
N GLN L 202 -30.20 -54.73 -0.90
CA GLN L 202 -30.17 -53.28 -0.98
C GLN L 202 -30.25 -52.68 0.42
N VAL L 203 -31.14 -53.21 1.27
CA VAL L 203 -31.27 -52.69 2.63
C VAL L 203 -29.97 -52.88 3.39
N VAL L 204 -29.36 -54.06 3.27
CA VAL L 204 -28.13 -54.32 4.00
C VAL L 204 -27.03 -53.36 3.57
N PHE L 205 -26.90 -53.15 2.26
CA PHE L 205 -25.86 -52.26 1.76
C PHE L 205 -26.10 -50.82 2.22
N ARG L 206 -27.37 -50.38 2.21
CA ARG L 206 -27.67 -49.03 2.69
C ARG L 206 -27.28 -48.88 4.16
N ASN L 207 -27.62 -49.88 4.98
CA ASN L 207 -27.24 -49.82 6.38
C ASN L 207 -25.73 -49.70 6.54
N ALA L 208 -24.99 -50.54 5.83
CA ALA L 208 -23.53 -50.52 5.95
C ALA L 208 -22.96 -49.17 5.53
N LEU L 209 -23.44 -48.64 4.41
CA LEU L 209 -22.91 -47.37 3.93
C LEU L 209 -23.20 -46.25 4.92
N GLU L 210 -24.41 -46.20 5.46
CA GLU L 210 -24.75 -45.14 6.40
C GLU L 210 -23.86 -45.21 7.63
N ILE L 211 -23.70 -46.41 8.20
CA ILE L 211 -22.88 -46.54 9.40
C ILE L 211 -21.44 -46.13 9.11
N GLY L 212 -20.91 -46.60 7.98
CA GLY L 212 -19.53 -46.26 7.65
C GLY L 212 -19.32 -44.77 7.49
N PHE L 213 -20.26 -44.10 6.82
CA PHE L 213 -20.10 -42.66 6.62
C PHE L 213 -20.19 -41.90 7.93
N LEU L 214 -21.09 -42.32 8.83
CA LEU L 214 -21.17 -41.66 10.13
C LEU L 214 -19.87 -41.80 10.90
N VAL L 215 -19.32 -43.01 10.94
CA VAL L 215 -18.08 -43.23 11.67
C VAL L 215 -16.94 -42.43 11.04
N GLY L 216 -16.89 -42.41 9.71
CA GLY L 216 -15.86 -41.64 9.03
C GLY L 216 -15.94 -40.16 9.35
N GLN L 217 -17.15 -39.60 9.36
CA GLN L 217 -17.30 -38.20 9.71
C GLN L 217 -16.78 -37.94 11.12
N TYR L 218 -17.14 -38.81 12.07
CA TYR L 218 -16.66 -38.59 13.43
C TYR L 218 -15.15 -38.61 13.49
N PHE L 219 -14.52 -39.58 12.82
CA PHE L 219 -13.07 -39.70 12.89
C PHE L 219 -12.35 -38.62 12.11
N LEU L 220 -13.03 -37.99 11.14
CA LEU L 220 -12.39 -36.96 10.34
C LEU L 220 -12.49 -35.58 10.98
N TYR L 221 -13.67 -35.19 11.45
CA TYR L 221 -13.91 -33.81 11.85
C TYR L 221 -14.18 -33.61 13.34
N GLY L 222 -14.46 -34.66 14.09
CA GLY L 222 -14.77 -34.45 15.49
C GLY L 222 -16.16 -33.83 15.66
N PHE L 223 -16.30 -33.00 16.69
CA PHE L 223 -17.57 -32.38 17.02
C PHE L 223 -17.53 -30.86 17.05
N SER L 224 -16.40 -30.23 16.74
CA SER L 224 -16.33 -28.77 16.79
C SER L 224 -15.24 -28.29 15.86
N VAL L 225 -15.33 -27.02 15.50
CA VAL L 225 -14.35 -26.34 14.65
C VAL L 225 -13.69 -25.26 15.50
N PRO L 226 -12.44 -25.45 15.95
CA PRO L 226 -11.82 -24.44 16.80
C PRO L 226 -11.56 -23.14 16.04
N GLY L 227 -11.57 -22.04 16.79
CA GLY L 227 -11.37 -20.73 16.19
C GLY L 227 -9.92 -20.37 15.94
N LEU L 228 -8.97 -21.12 16.51
CA LEU L 228 -7.55 -20.89 16.30
C LEU L 228 -6.91 -22.18 15.81
N TYR L 229 -5.86 -22.03 15.00
CA TYR L 229 -5.10 -23.17 14.53
C TYR L 229 -3.62 -22.87 14.67
N GLU L 230 -2.85 -23.88 15.07
CA GLU L 230 -1.40 -23.76 15.21
C GLU L 230 -0.74 -24.57 14.11
N CYS L 231 0.03 -23.91 13.26
CA CYS L 231 0.55 -24.49 12.03
C CYS L 231 2.07 -24.43 12.03
N ASN L 232 2.70 -25.54 11.67
CA ASN L 232 4.15 -25.62 11.60
C ASN L 232 4.59 -26.33 10.33
N ARG L 233 3.99 -25.95 9.20
CA ARG L 233 4.28 -26.55 7.92
C ARG L 233 5.16 -25.62 7.10
N TYR L 234 6.10 -26.20 6.34
CA TYR L 234 6.92 -25.41 5.45
C TYR L 234 6.02 -24.68 4.45
N PRO L 235 6.33 -23.42 4.09
CA PRO L 235 7.50 -22.61 4.43
C PRO L 235 7.37 -21.79 5.71
N CYS L 236 6.32 -21.99 6.50
CA CYS L 236 6.17 -21.20 7.71
C CYS L 236 7.33 -21.48 8.67
N ILE L 237 7.83 -20.43 9.29
CA ILE L 237 8.99 -20.51 10.17
C ILE L 237 8.52 -20.93 11.55
N LYS L 238 9.06 -22.04 12.06
CA LYS L 238 8.72 -22.57 13.38
C LYS L 238 7.20 -22.74 13.45
N GLU L 239 6.51 -22.10 14.39
CA GLU L 239 5.08 -22.29 14.59
C GLU L 239 4.36 -20.95 14.48
N VAL L 240 3.24 -20.94 13.76
CA VAL L 240 2.45 -19.74 13.54
C VAL L 240 1.01 -20.01 13.93
N GLU L 241 0.26 -18.92 14.12
CA GLU L 241 -1.12 -18.97 14.54
C GLU L 241 -2.01 -18.45 13.41
N CYS L 242 -3.06 -19.19 13.11
CA CYS L 242 -3.99 -18.83 12.05
C CYS L 242 -5.41 -18.83 12.59
N TYR L 243 -6.28 -18.06 11.95
CA TYR L 243 -7.62 -17.78 12.45
C TYR L 243 -8.66 -18.22 11.43
N VAL L 244 -9.70 -18.90 11.91
CA VAL L 244 -10.70 -19.52 11.05
C VAL L 244 -11.89 -18.58 10.87
N SER L 245 -12.68 -18.83 9.83
CA SER L 245 -13.83 -18.03 9.49
C SER L 245 -15.11 -18.77 9.88
N ARG L 246 -16.01 -18.08 10.57
CA ARG L 246 -17.29 -18.63 11.00
C ARG L 246 -17.15 -20.00 11.67
N PRO L 247 -16.35 -20.11 12.74
CA PRO L 247 -16.27 -21.39 13.45
C PRO L 247 -17.59 -21.86 14.04
N THR L 248 -18.41 -20.94 14.55
CA THR L 248 -19.62 -21.34 15.26
C THR L 248 -20.68 -21.89 14.31
N GLU L 249 -20.88 -21.23 13.17
CA GLU L 249 -21.84 -21.74 12.19
C GLU L 249 -21.43 -23.12 11.70
N LYS L 250 -20.13 -23.31 11.47
CA LYS L 250 -19.66 -24.61 11.01
C LYS L 250 -19.84 -25.67 12.09
N THR L 251 -19.63 -25.32 13.36
CA THR L 251 -19.88 -26.27 14.43
C THR L 251 -21.35 -26.68 14.47
N VAL L 252 -22.25 -25.69 14.35
CA VAL L 252 -23.68 -26.00 14.36
C VAL L 252 -24.03 -26.91 13.20
N PHE L 253 -23.51 -26.61 12.01
CA PHE L 253 -23.79 -27.45 10.84
C PHE L 253 -23.29 -28.86 11.05
N LEU L 254 -22.08 -29.01 11.60
CA LEU L 254 -21.52 -30.34 11.85
C LEU L 254 -22.42 -31.14 12.78
N VAL L 255 -22.83 -30.54 13.90
CA VAL L 255 -23.64 -31.26 14.87
C VAL L 255 -25.00 -31.63 14.25
N PHE L 256 -25.60 -30.71 13.50
CA PHE L 256 -26.90 -30.99 12.91
C PHE L 256 -26.81 -32.16 11.92
N MET L 257 -25.78 -32.16 11.08
CA MET L 257 -25.62 -33.25 10.12
C MET L 257 -25.38 -34.57 10.84
N PHE L 258 -24.59 -34.55 11.91
CA PHE L 258 -24.38 -35.78 12.66
C PHE L 258 -25.69 -36.31 13.23
N ALA L 259 -26.52 -35.42 13.78
CA ALA L 259 -27.80 -35.87 14.35
C ALA L 259 -28.70 -36.46 13.28
N VAL L 260 -28.79 -35.81 12.12
CA VAL L 260 -29.65 -36.33 11.05
C VAL L 260 -29.15 -37.70 10.60
N SER L 261 -27.83 -37.85 10.43
CA SER L 261 -27.30 -39.14 10.02
C SER L 261 -27.58 -40.21 11.06
N GLY L 262 -27.50 -39.87 12.34
CA GLY L 262 -27.83 -40.82 13.38
C GLY L 262 -29.28 -41.27 13.32
N ILE L 263 -30.19 -40.33 13.09
CA ILE L 263 -31.59 -40.70 12.96
C ILE L 263 -31.77 -41.66 11.78
N CYS L 264 -31.13 -41.36 10.65
CA CYS L 264 -31.24 -42.24 9.49
C CYS L 264 -30.71 -43.64 9.82
N VAL L 265 -29.59 -43.71 10.54
CA VAL L 265 -29.03 -45.00 10.91
C VAL L 265 -30.00 -45.79 11.77
N VAL L 266 -30.61 -45.12 12.74
CA VAL L 266 -31.56 -45.81 13.63
C VAL L 266 -32.74 -46.36 12.83
N LEU L 267 -33.29 -45.54 11.93
CA LEU L 267 -34.43 -46.01 11.15
C LEU L 267 -34.04 -47.19 10.26
N ASN L 268 -32.87 -47.12 9.64
CA ASN L 268 -32.43 -48.23 8.80
C ASN L 268 -32.25 -49.51 9.61
N LEU L 269 -31.68 -49.39 10.80
CA LEU L 269 -31.53 -50.56 11.66
C LEU L 269 -32.89 -51.14 12.05
N ALA L 270 -33.86 -50.27 12.35
CA ALA L 270 -35.19 -50.76 12.68
C ALA L 270 -35.79 -51.52 11.50
N GLU L 271 -35.64 -50.99 10.29
CA GLU L 271 -36.16 -51.68 9.11
C GLU L 271 -35.50 -53.04 8.95
N LEU L 272 -34.17 -53.09 9.05
CA LEU L 272 -33.47 -54.34 8.87
C LEU L 272 -33.89 -55.37 9.92
N ASN L 273 -34.04 -54.93 11.17
CA ASN L 273 -34.52 -55.84 12.21
C ASN L 273 -35.92 -56.34 11.90
N HIS L 274 -36.79 -55.46 11.40
CA HIS L 274 -38.13 -55.90 11.04
C HIS L 274 -38.08 -57.00 10.00
N LEU L 275 -37.20 -56.87 9.00
CA LEU L 275 -37.10 -57.92 7.99
C LEU L 275 -36.75 -59.26 8.63
N GLY L 276 -35.92 -59.24 9.66
CA GLY L 276 -35.58 -60.45 10.39
C GLY L 276 -34.27 -61.06 9.91
N TRP L 277 -33.65 -61.84 10.79
CA TRP L 277 -32.36 -62.44 10.49
C TRP L 277 -32.51 -63.66 9.58
N ARG L 278 -33.60 -64.42 9.72
CA ARG L 278 -33.77 -65.61 8.90
C ARG L 278 -33.87 -65.26 7.42
N LYS L 279 -34.62 -64.20 7.10
CA LYS L 279 -34.71 -63.77 5.70
C LYS L 279 -33.38 -63.25 5.19
N ILE L 280 -32.66 -62.50 6.02
CA ILE L 280 -31.37 -61.95 5.59
C ILE L 280 -30.40 -63.08 5.28
N LYS L 281 -30.39 -64.12 6.12
CA LYS L 281 -29.50 -65.24 5.86
C LYS L 281 -29.80 -65.89 4.52
N LEU L 282 -31.08 -66.02 4.18
CA LEU L 282 -31.49 -66.62 2.92
C LEU L 282 -31.76 -65.55 1.87
O1 QDN M . 33.68 15.84 8.93
C10 QDN M . 34.20 14.53 9.01
C11 QDN M . 33.53 13.75 10.17
N1 QDN M . 32.18 13.25 9.81
C15 QDN M . 31.82 12.18 10.78
C14 QDN M . 32.07 12.64 12.22
C16 QDN M . 31.20 14.33 9.95
C17 QDN M . 30.98 14.73 11.43
C18 QDN M . 30.79 16.21 11.59
C19 QDN M . 29.74 16.80 12.07
C13 QDN M . 32.18 14.16 12.21
C12 QDN M . 33.47 14.55 11.50
C4 QDN M . 35.71 14.53 9.21
C5 QDN M . 36.31 15.59 9.83
C6 QDN M . 37.71 15.60 10.01
N QDN M . 38.51 14.63 9.61
C7 QDN M . 37.93 13.56 9.00
C3 QDN M . 36.53 13.46 8.77
C2 QDN M . 36.03 12.30 8.11
C8 QDN M . 38.78 12.51 8.56
C9 QDN M . 38.28 11.42 7.94
C1 QDN M . 36.88 11.31 7.70
O QDN M . 36.52 10.16 7.07
C QDN M . 35.14 9.96 6.79
H1 QDN M . 34.04 16.25 8.25
H2 QDN M . 33.99 14.05 8.17
H3 QDN M . 34.10 12.96 10.33
H5 QDN M . 30.88 11.95 10.66
H6 QDN M . 32.37 11.38 10.59
H7 QDN M . 32.90 12.25 12.57
H8 QDN M . 31.32 12.36 12.81
H9 QDN M . 31.52 15.11 9.45
H10 QDN M . 30.35 14.04 9.55
H11 QDN M . 30.16 14.27 11.75
H12 QDN M . 31.51 16.76 11.33
H13 QDN M . 29.72 17.74 12.13
H14 QDN M . 28.99 16.27 12.34
H15 QDN M . 32.18 14.52 13.13
H16 QDN M . 34.25 14.33 12.05
H17 QDN M . 33.48 15.51 11.31
H18 QDN M . 35.80 16.32 10.14
H19 QDN M . 38.10 16.35 10.44
H20 QDN M . 35.10 12.22 7.95
H21 QDN M . 39.71 12.57 8.72
H22 QDN M . 38.85 10.73 7.65
H23 QDN M . 34.82 10.68 6.21
H24 QDN M . 35.01 9.12 6.34
H25 QDN M . 34.63 9.96 7.61
O1 QDN N . 31.56 14.43 16.08
C10 QDN N . 31.30 13.61 17.20
C11 QDN N . 29.99 14.05 17.90
N1 QDN N . 28.78 13.56 17.20
C15 QDN N . 27.64 13.65 18.13
C14 QDN N . 27.59 15.03 18.81
C16 QDN N . 28.50 14.44 16.05
C17 QDN N . 28.02 15.84 16.50
C18 QDN N . 28.55 16.93 15.62
C19 QDN N . 27.84 17.75 14.91
C13 QDN N . 28.43 15.98 17.98
C12 QDN N . 29.90 15.58 18.13
C4 QDN N . 32.45 13.65 18.20
C5 QDN N . 33.24 14.76 18.30
C6 QDN N . 34.30 14.79 19.21
N QDN N . 34.60 13.81 20.04
C7 QDN N . 33.82 12.68 19.96
C3 QDN N . 32.72 12.55 19.07
C2 QDN N . 31.97 11.35 19.08
C8 QDN N . 34.12 11.61 20.84
C9 QDN N . 33.39 10.48 20.83
C1 QDN N . 32.30 10.33 19.94
O QDN N . 31.66 9.13 20.03
C QDN N . 30.54 8.90 19.17
H1 QDN N . 32.28 14.16 15.69
H2 QDN N . 31.18 12.68 16.89
H3 QDN N . 30.00 13.62 18.78
H5 QDN N . 26.81 13.49 17.64
H6 QDN N . 27.73 12.95 18.83
H7 QDN N . 26.65 15.35 18.85
H8 QDN N . 27.93 14.97 19.73
H9 QDN N . 29.31 14.53 15.50
H10 QDN N . 27.81 14.02 15.49
H11 QDN N . 27.04 15.86 16.46
H12 QDN N . 29.49 17.03 15.58
H13 QDN N . 28.27 18.41 14.39
H14 QDN N . 26.90 17.70 14.93
H15 QDN N . 28.30 16.91 18.28
H16 QDN N . 30.45 16.05 17.49
H17 QDN N . 30.22 15.80 19.03
H18 QDN N . 33.08 15.50 17.72
H19 QDN N . 34.83 15.57 19.25
H20 QDN N . 31.24 11.25 18.48
H21 QDN N . 34.86 11.70 21.44
H22 QDN N . 33.61 9.77 21.42
H23 QDN N . 29.87 9.57 19.34
H24 QDN N . 30.84 8.95 18.24
H25 QDN N . 30.18 8.02 19.34
O1 QDN O . 26.69 19.07 19.62
C10 QDN O . 25.68 19.41 20.55
C11 QDN O . 24.64 20.35 19.91
N1 QDN O . 23.66 19.61 19.06
C15 QDN O . 22.49 20.47 18.84
C14 QDN O . 22.92 21.88 18.38
C16 QDN O . 24.28 19.32 17.75
C17 QDN O . 24.47 20.60 16.91
C18 QDN O . 25.75 20.58 16.12
C19 QDN O . 25.85 20.64 14.83
C13 QDN O . 24.37 21.78 17.90
C12 QDN O . 25.26 21.51 19.10
C4 QDN O . 26.28 20.09 21.78
C5 QDN O . 27.44 20.81 21.67
C6 QDN O . 27.99 21.44 22.80
N QDN O . 27.46 21.40 24.00
C7 QDN O . 26.29 20.69 24.14
C3 QDN O . 25.66 20.02 23.06
C2 QDN O . 24.46 19.31 23.31
C8 QDN O . 25.71 20.63 25.43
C9 QDN O . 24.56 19.95 25.64
C1 QDN O . 23.92 19.28 24.57
O QDN O . 22.77 18.63 24.93
C QDN O . 22.07 17.91 23.92
H1 QDN O . 27.26 18.52 20.00
H2 QDN O . 25.23 18.59 20.85
H3 QDN O . 24.13 20.74 20.64
H5 QDN O . 21.98 20.53 19.68
H6 QDN O . 21.92 20.07 18.16
H7 QDN O . 22.34 22.18 17.66
H8 QDN O . 22.85 22.52 19.13
H9 QDN O . 23.71 18.69 17.27
H10 QDN O . 25.15 18.88 17.90
H11 QDN O . 23.71 20.66 16.28
H12 QDN O . 26.55 20.53 16.62
H13 QDN O . 26.71 20.61 14.43
H14 QDN O . 25.07 20.69 14.30
H15 QDN O . 24.63 22.61 17.45
H16 QDN O . 26.17 21.27 18.80
H17 QDN O . 25.32 22.31 19.66
H18 QDN O . 27.88 20.89 20.84
H19 QDN O . 28.80 21.93 22.70
H20 QDN O . 24.02 18.86 22.60
H21 QDN O . 26.12 21.08 26.15
H22 QDN O . 24.18 19.92 26.50
H23 QDN O . 22.64 17.22 23.56
H24 QDN O . 21.80 18.51 23.21
H25 QDN O . 21.28 17.51 24.31
O1 QDN P . 23.98 25.15 15.97
C10 QDN P . 23.01 26.15 15.71
C11 QDN P . 22.84 26.35 14.19
N1 QDN P . 21.98 25.29 13.58
C15 QDN P . 21.52 25.78 12.27
C14 QDN P . 22.69 26.33 11.43
C16 QDN P . 22.78 24.07 13.36
C17 QDN P . 23.84 24.27 12.24
C18 QDN P . 25.13 23.57 12.55
C19 QDN P . 25.67 22.63 11.86
C13 QDN P . 23.97 25.79 12.05
C12 QDN P . 24.17 26.45 13.41
C4 QDN P . 23.41 27.48 16.34
C5 QDN P . 24.73 27.78 16.55
C6 QDN P . 25.07 29.01 17.13
N QDN P . 24.22 29.92 17.51
C7 QDN P . 22.89 29.66 17.31
C3 QDN P . 22.42 28.44 16.72
C2 QDN P . 21.03 28.25 16.56
C8 QDN P . 21.95 30.63 17.71
C9 QDN P . 20.62 30.42 17.54
C1 QDN P . 20.15 29.23 16.97
O QDN P . 18.79 29.16 16.85
C QDN P . 18.22 27.98 16.29
H1 QDN P . 24.04 25.04 16.83
H2 QDN P . 22.15 25.86 16.08
H3 QDN P . 22.36 27.19 14.07
H5 QDN P . 20.85 26.49 12.39
H6 QDN P . 21.09 25.03 11.78
H7 QDN P . 22.62 26.03 10.50
H8 QDN P . 22.70 27.31 11.45
H9 QDN P . 22.18 23.34 13.13
H10 QDN P . 23.23 23.83 14.20
H11 QDN P . 23.47 23.89 11.41
H12 QDN P . 25.58 23.85 13.33
H13 QDN P . 26.50 22.25 12.13
H14 QDN P . 25.25 22.31 11.07
H15 QDN P . 24.74 25.98 11.46
H16 QDN P . 24.42 27.39 13.30
H17 QDN P . 24.88 26.01 13.91
H18 QDN P . 25.39 27.17 16.30
H19 QDN P . 25.99 29.18 17.27
H20 QDN P . 20.70 27.45 16.17
H21 QDN P . 22.25 31.44 18.09
H22 QDN P . 20.00 31.09 17.81
H23 QDN P . 17.26 28.06 16.28
H24 QDN P . 18.55 27.86 15.38
H25 QDN P . 18.47 27.21 16.82
O1 QDN Q . 26.09 26.57 8.81
C10 QDN Q . 25.90 27.08 7.51
C11 QDN Q . 26.40 26.08 6.45
N1 QDN Q . 25.41 25.00 6.20
C15 QDN Q . 25.75 24.34 4.92
C14 QDN Q . 27.24 23.98 4.86
C16 QDN Q . 25.52 23.98 7.28
C17 QDN Q . 26.85 23.19 7.18
C18 QDN Q . 27.41 22.88 8.53
C19 QDN Q . 27.62 21.70 9.02
C13 QDN Q . 27.78 24.02 6.28
C12 QDN Q . 27.78 25.47 6.76
C4 QDN Q . 26.66 28.40 7.32
C5 QDN Q . 27.78 28.66 8.06
C6 QDN Q . 28.47 29.87 7.89
N QDN Q . 28.11 30.82 7.06
C7 QDN Q . 26.99 30.59 6.30
C3 QDN Q . 26.23 29.39 6.40
C2 QDN Q . 25.07 29.24 5.58
C8 QDN Q . 26.58 31.59 5.39
C9 QDN Q . 25.48 31.42 4.62
C1 QDN Q . 24.72 30.25 4.71
O QDN Q . 23.64 30.22 3.87
C QDN Q . 22.80 29.06 3.90
H1 QDN Q . 25.79 27.15 9.39
H2 QDN Q . 24.94 27.24 7.36
H3 QDN Q . 26.48 26.58 5.61
H5 QDN Q . 25.52 24.95 4.18
H6 QDN Q . 25.21 23.52 4.83
H7 QDN Q . 27.72 24.63 4.29
H8 QDN Q . 27.36 23.08 4.47
H9 QDN Q . 24.76 23.37 7.21
H10 QDN Q . 25.46 24.43 8.15
H11 QDN Q . 26.66 22.33 6.73
H12 QDN Q . 27.65 23.62 9.08
H13 QDN Q . 27.99 21.61 9.89
H14 QDN Q . 27.41 20.94 8.51
H15 QDN Q . 28.68 23.65 6.31
H16 QDN Q . 27.96 25.50 7.72
H17 QDN Q . 28.48 25.97 6.30
H18 QDN Q . 28.10 28.02 8.68
H19 QDN Q . 29.25 30.02 8.41
H20 QDN Q . 24.55 28.46 5.63
H21 QDN Q . 27.09 32.39 5.32
H22 QDN Q . 25.22 32.11 4.01
H23 QDN Q . 22.43 28.95 4.79
H24 QDN Q . 22.07 29.18 3.26
H25 QDN Q . 23.32 28.28 3.66
O1 QDN R . 30.91 21.89 5.27
C10 QDN R . 31.49 21.23 4.16
C11 QDN R . 31.75 19.74 4.46
N1 QDN R . 30.52 18.93 4.34
C15 QDN R . 30.92 17.51 4.23
C14 QDN R . 31.93 17.13 5.33
C16 QDN R . 29.70 19.08 5.56
C17 QDN R . 30.38 18.41 6.79
C18 QDN R . 30.17 19.20 8.05
C19 QDN R . 29.57 18.79 9.11
C13 QDN R . 31.86 18.21 6.40
C12 QDN R . 32.42 19.50 5.84
C4 QDN R . 32.81 21.90 3.76
C5 QDN R . 33.56 22.55 4.70
C6 QDN R . 34.76 23.16 4.33
N QDN R . 35.25 23.18 3.11
C7 QDN R . 34.52 22.54 2.15
C3 QDN R . 33.29 21.88 2.42
C2 QDN R . 32.60 21.25 1.35
C8 QDN R . 35.02 22.53 0.82
C9 QDN R . 34.34 21.92 -0.18
C1 QDN R . 33.12 21.27 0.08
O QDN R . 32.55 20.70 -1.03
C QDN R . 31.30 20.03 -0.87
H1 QDN R . 30.75 22.71 5.06
H2 QDN R . 30.86 21.29 3.40
H3 QDN R . 32.37 19.43 3.78
H5 QDN R . 30.13 16.94 4.31
H6 QDN R . 31.32 17.36 3.34
H7 QDN R . 32.85 17.10 4.95
H8 QDN R . 31.72 16.25 5.71
H9 QDN R . 29.57 20.03 5.74
H10 QDN R . 28.82 18.67 5.41
H11 QDN R . 29.97 17.52 6.91
H12 QDN R . 30.53 20.08 8.05
H13 QDN R . 29.50 19.37 9.86
H14 QDN R . 29.20 17.92 9.14
H15 QDN R . 32.37 17.93 7.19
H16 QDN R . 33.39 19.44 5.74
H17 QDN R . 32.22 20.25 6.44
H18 QDN R . 33.27 22.58 5.60
H19 QDN R . 35.27 23.60 5.00
H20 QDN R . 31.77 20.81 1.51
H21 QDN R . 35.84 22.97 0.64
H22 QDN R . 34.70 21.93 -1.06
H23 QDN R . 31.41 19.30 -0.23
H24 QDN R . 30.63 20.65 -0.53
H25 QDN R . 31.01 19.67 -1.72
O1 QDN S . -24.17 -26.40 -13.48
C10 QDN S . -23.13 -26.86 -14.32
C11 QDN S . -22.78 -25.77 -15.36
N1 QDN S . -21.92 -24.70 -14.80
C15 QDN S . -21.29 -23.97 -15.91
C14 QDN S . -22.33 -23.58 -16.98
C16 QDN S . -22.76 -23.75 -14.03
C17 QDN S . -23.68 -22.92 -14.99
C18 QDN S . -25.03 -22.68 -14.40
C19 QDN S . -25.55 -21.53 -14.12
C13 QDN S . -23.71 -23.68 -16.33
C12 QDN S . -24.01 -25.15 -16.06
C4 QDN S . -23.52 -28.14 -15.04
C5 QDN S . -24.84 -28.40 -15.31
C6 QDN S . -25.19 -29.59 -15.98
N QDN S . -24.33 -30.50 -16.38
C7 QDN S . -23.00 -30.26 -16.12
C3 QDN S . -22.54 -29.09 -15.45
C2 QDN S . -21.15 -28.93 -15.23
C8 QDN S . -22.06 -31.22 -16.55
C9 QDN S . -20.74 -31.05 -16.33
C1 QDN S . -20.27 -29.90 -15.67
O QDN S . -18.91 -29.84 -15.51
C QDN S . -18.35 -28.72 -14.85
H1 QDN S . -24.34 -27.02 -12.88
H2 QDN S . -22.33 -27.02 -13.76
H3 QDN S . -22.24 -26.22 -16.05
H5 QDN S . -20.86 -23.16 -15.56
H6 QDN S . -20.60 -24.54 -16.32
H7 QDN S . -22.18 -22.65 -17.28
H8 QDN S . -22.27 -24.19 -17.75
H9 QDN S . -23.32 -24.24 -13.40
H10 QDN S . -22.19 -23.14 -13.53
H11 QDN S . -23.25 -22.04 -15.14
H12 QDN S . -25.55 -23.45 -14.20
H13 QDN S . -26.41 -21.48 -13.74
H14 QDN S . -25.07 -20.73 -14.29
H15 QDN S . -24.39 -23.29 -16.91
H16 QDN S . -24.19 -25.61 -16.91
H17 QDN S . -24.80 -25.24 -15.49
H18 QDN S . -25.51 -27.79 -15.05
H19 QDN S . -26.10 -29.75 -16.15
H20 QDN S . -20.83 -28.16 -14.80
H21 QDN S . -22.37 -32.00 -16.99
H22 QDN S . -20.11 -31.70 -16.61
H23 QDN S . -18.71 -28.66 -13.95
H24 QDN S . -18.57 -27.91 -15.34
H25 QDN S . -17.38 -28.81 -14.81
O1 QDN T . -25.26 -21.45 -19.19
C10 QDN T . -24.89 -20.73 -20.35
C11 QDN T . -25.33 -19.25 -20.23
N1 QDN T . -24.43 -18.48 -19.33
C15 QDN T . -24.66 -17.04 -19.58
C14 QDN T . -26.15 -16.69 -19.56
C16 QDN T . -24.79 -18.75 -17.91
C17 QDN T . -26.18 -18.18 -17.56
C18 QDN T . -26.95 -19.09 -16.66
C19 QDN T . -27.38 -18.83 -15.47
C13 QDN T . -26.88 -17.85 -18.88
C12 QDN T . -26.80 -19.07 -19.80
C4 QDN T . -25.51 -21.32 -21.60
C5 QDN T . -26.69 -22.01 -21.53
C6 QDN T . -27.26 -22.56 -22.68
N QDN T . -26.74 -22.47 -23.88
C7 QDN T . -25.55 -21.80 -23.99
C3 QDN T . -24.89 -21.20 -22.88
C2 QDN T . -23.67 -20.52 -23.10
C8 QDN T . -24.96 -21.69 -25.28
C9 QDN T . -23.79 -21.03 -25.45
C1 QDN T . -23.13 -20.43 -24.36
O QDN T . -21.96 -19.81 -24.69
C QDN T . -21.22 -19.18 -23.64
H1 QDN T . -24.99 -22.28 -19.28
H2 QDN T . -23.91 -20.75 -20.43
H3 QDN T . -25.23 -18.86 -21.11
H5 QDN T . -24.18 -16.51 -18.89
H6 QDN T . -24.28 -16.80 -20.46
H7 QDN T . -26.31 -15.86 -19.06
H8 QDN T . -26.49 -16.57 -20.47
H9 QDN T . -24.11 -18.36 -17.33
H10 QDN T . -24.78 -19.72 -17.77
H11 QDN T . -26.03 -17.32 -17.07
H12 QDN T . -27.16 -19.95 -17.01
H13 QDN T . -27.86 -19.49 -14.99
H14 QDN T . -27.20 -17.98 -15.08
H15 QDN T . -27.82 -17.61 -18.72
H16 QDN T . -27.36 -18.93 -20.58
H17 QDN T . -27.11 -19.87 -19.32
H18 QDN T . -27.12 -22.11 -20.70
H19 QDN T . -28.08 -23.03 -22.60
H20 QDN T . -23.22 -20.11 -22.37
H21 QDN T . -25.40 -22.09 -26.02
H22 QDN T . -23.41 -20.97 -26.32
H23 QDN T . -21.76 -18.51 -23.22
H24 QDN T . -20.42 -18.78 -24.01
H25 QDN T . -20.97 -19.86 -22.99
O1 QDN U . -29.99 -15.57 -18.09
C10 QDN U . -30.40 -14.22 -18.33
C11 QDN U . -30.76 -13.53 -16.99
N1 QDN U . -29.55 -13.04 -16.28
C15 QDN U . -29.99 -12.05 -15.28
C14 QDN U . -31.16 -12.56 -14.44
C16 QDN U . -28.93 -14.17 -15.55
C17 QDN U . -29.80 -14.65 -14.37
C18 QDN U . -29.78 -16.14 -14.20
C19 QDN U . -29.35 -16.78 -13.17
C13 QDN U . -31.21 -14.08 -14.61
C12 QDN U . -31.64 -14.38 -16.05
C4 QDN U . -31.62 -14.18 -19.25
C5 QDN U . -32.47 -15.24 -19.33
C6 QDN U . -33.58 -15.19 -20.19
N QDN U . -33.87 -14.18 -20.96
C7 QDN U . -33.02 -13.09 -20.92
C3 QDN U . -31.87 -13.05 -20.08
C2 QDN U . -31.06 -11.89 -20.11
C8 QDN U . -33.32 -11.99 -21.75
C9 QDN U . -32.53 -10.89 -21.75
C1 QDN U . -31.38 -10.84 -20.93
O QDN U . -30.67 -9.67 -21.03
C QDN U . -29.50 -9.52 -20.23
H1 QDN U . -29.77 -15.93 -18.85
H2 QDN U . -29.66 -13.73 -18.74
H3 QDN U . -31.28 -12.73 -17.23
H5 QDN U . -30.25 -11.22 -15.74
H6 QDN U . -29.23 -11.83 -14.69
H7 QDN U . -32.01 -12.16 -14.75
H8 QDN U . -31.04 -12.34 -13.49
H9 QDN U . -28.05 -13.89 -15.23
H10 QDN U . -28.79 -14.91 -16.18
H11 QDN U . -29.45 -14.24 -13.54
H12 QDN U . -30.10 -16.65 -14.94
H13 QDN U . -29.37 -17.73 -13.16
H14 QDN U . -29.01 -16.31 -12.43
H15 QDN U . -31.85 -14.48 -13.98
H16 QDN U . -32.58 -14.16 -16.18
H17 QDN U . -31.51 -15.34 -16.25
H18 QDN U . -32.32 -16.01 -18.79
H19 QDN U . -34.15 -15.94 -20.21
H20 QDN U . -30.29 -11.84 -19.55
H21 QDN U . -34.08 -12.02 -22.31
H22 QDN U . -32.74 -10.16 -22.31
H23 QDN U . -28.87 -10.23 -20.45
H24 QDN U . -29.10 -8.66 -20.41
H25 QDN U . -29.74 -9.59 -19.30
O1 QDN V . -33.51 -14.64 -11.44
C10 QDN V . -34.09 -13.85 -10.42
C11 QDN V . -33.62 -14.34 -9.03
N1 QDN V . -32.26 -13.85 -8.68
C15 QDN V . -32.08 -13.99 -7.23
C14 QDN V . -32.48 -15.39 -6.74
C16 QDN V . -31.25 -14.69 -9.36
C17 QDN V . -31.21 -16.12 -8.77
C18 QDN V . -30.98 -17.16 -9.81
C19 QDN V . -29.97 -17.97 -9.88
C13 QDN V . -32.51 -16.30 -7.98
C12 QDN V . -33.69 -15.87 -8.85
C4 QDN V . -35.60 -13.87 -10.48
C5 QDN V . -36.25 -14.95 -11.03
C6 QDN V . -37.66 -14.97 -11.08
N QDN V . -38.43 -14.01 -10.64
C7 QDN V . -37.81 -12.91 -10.08
C3 QDN V . -36.39 -12.79 -9.98
C2 QDN V . -35.85 -11.63 -9.40
C8 QDN V . -38.62 -11.86 -9.60
C9 QDN V . -38.07 -10.76 -9.05
C1 QDN V . -36.66 -10.63 -8.93
O QDN V . -36.25 -9.46 -8.35
C QDN V . -34.85 -9.26 -8.20
H1 QDN V . -33.76 -14.33 -12.21
H2 QDN V . -33.78 -12.92 -10.53
H3 QDN V . -34.24 -13.94 -8.38
H5 QDN V . -32.63 -13.31 -6.77
H6 QDN V . -31.13 -13.81 -7.01
H7 QDN V . -33.37 -15.37 -6.32
H8 QDN V . -31.82 -15.74 -6.10
H9 QDN V . -30.37 -14.27 -9.26
H10 QDN V . -31.46 -14.74 -10.31
H11 QDN V . -30.46 -16.16 -8.12
H12 QDN V . -31.64 -17.23 -10.49
H13 QDN V . -29.91 -18.60 -10.59
H14 QDN V . -29.29 -17.93 -9.22
H15 QDN V . -32.62 -17.23 -7.70
H16 QDN V . -33.64 -16.32 -9.73
H17 QDN V . -34.53 -16.13 -8.43
H18 QDN V . -35.76 -15.67 -11.37
H19 QDN V . -38.08 -15.72 -11.46
H20 QDN V . -34.90 -11.54 -9.31
H21 QDN V . -39.56 -11.93 -9.66
H22 QDN V . -38.63 -10.06 -8.72
H23 QDN V . -34.69 -8.40 -7.77
H24 QDN V . -34.43 -9.26 -9.07
H25 QDN V . -34.48 -9.96 -7.65
O1 QDN W . -32.36 -19.58 -5.84
C10 QDN W . -32.28 -19.96 -4.48
C11 QDN W . -31.05 -20.86 -4.26
N1 QDN W . -29.79 -20.07 -4.13
C15 QDN W . -28.77 -20.94 -3.50
C14 QDN W . -28.69 -22.31 -4.20
C16 QDN W . -29.32 -19.70 -5.48
C17 QDN W . -28.80 -20.93 -6.26
C18 QDN W . -29.15 -20.85 -7.72
C19 QDN W . -28.32 -20.82 -8.71
C13 QDN W . -29.38 -22.16 -5.55
C12 QDN W . -30.87 -21.97 -5.31
C4 QDN W . -33.53 -20.70 -4.03
C5 QDN W . -34.29 -21.39 -4.94
C6 QDN W . -35.44 -22.07 -4.52
N QDN W . -35.88 -22.10 -3.28
C7 QDN W . -35.14 -21.41 -2.35
C3 QDN W . -33.96 -20.69 -2.67
C2 QDN W . -33.26 -20.01 -1.63
C8 QDN W . -35.60 -21.43 -1.01
C9 QDN W . -34.91 -20.77 -0.04
C1 QDN W . -33.74 -20.05 -0.35
O QDN W . -33.16 -19.43 0.72
C QDN W . -31.97 -18.69 0.51
H1 QDN W . -33.06 -19.05 -5.95
H2 QDN W . -32.17 -19.15 -3.93
H3 QDN W . -31.19 -21.30 -3.39
H5 QDN W . -27.90 -20.48 -3.55
H6 QDN W . -28.99 -21.06 -2.55
H7 QDN W . -29.16 -22.99 -3.65
H8 QDN W . -27.76 -22.58 -4.31
H9 QDN W . -30.04 -19.27 -5.97
H10 QDN W . -28.60 -19.04 -5.39
H11 QDN W . -27.82 -20.96 -6.19
H12 QDN W . -30.08 -20.82 -7.93
H13 QDN W . -28.64 -20.76 -9.59
H14 QDN W . -27.39 -20.85 -8.53
H15 QDN W . -29.22 -22.97 -6.10
H16 QDN W . -31.31 -21.71 -6.15
H17 QDN W . -31.28 -22.80 -5.01
H18 QDN W . -34.03 -21.42 -5.85
H19 QDN W . -35.94 -22.55 -5.17
H20 QDN W . -32.48 -19.53 -1.84
H21 QDN W . -36.38 -21.91 -0.79
H22 QDN W . -35.23 -20.79 0.86
H23 QDN W . -31.67 -18.31 1.35
H24 QDN W . -31.28 -19.27 0.14
H25 QDN W . -32.15 -17.98 -0.12
O1 QDN X . -27.75 -25.48 -6.87
C10 QDN X . -26.84 -26.47 -6.43
C11 QDN X . -25.63 -26.56 -7.40
N1 QDN X . -24.63 -25.49 -7.17
C15 QDN X . -23.38 -25.90 -7.81
C14 QDN X . -23.61 -26.37 -9.26
C16 QDN X . -25.09 -24.25 -7.82
C17 QDN X . -25.05 -24.36 -9.36
C18 QDN X . -26.21 -23.64 -10.00
C19 QDN X . -26.13 -22.65 -10.82
C13 QDN X . -24.97 -25.86 -9.69
C12 QDN X . -26.04 -26.60 -8.89
C4 QDN X . -27.51 -27.82 -6.31
C5 QDN X . -28.59 -28.13 -7.09
C6 QDN X . -29.19 -29.39 -6.97
N QDN X . -28.79 -30.34 -6.15
C7 QDN X . -27.73 -30.05 -5.36
C3 QDN X . -27.03 -28.81 -5.40
C2 QDN X . -25.92 -28.62 -4.54
C8 QDN X . -27.28 -31.06 -4.47
C9 QDN X . -26.22 -30.84 -3.64
C1 QDN X . -25.53 -29.61 -3.68
O QDN X . -24.47 -29.54 -2.81
C QDN X . -23.72 -28.33 -2.78
H1 QDN X . -28.40 -25.42 -6.30
H2 QDN X . -26.49 -26.19 -5.55
H3 QDN X . -25.19 -27.41 -7.20
H5 QDN X . -22.96 -26.63 -7.29
H6 QDN X . -22.75 -25.14 -7.81
H7 QDN X . -22.91 -26.02 -9.85
H8 QDN X . -23.59 -27.36 -9.31
H9 QDN X . -24.53 -23.51 -7.52
H10 QDN X . -26.01 -24.05 -7.53
H11 QDN X . -24.22 -23.92 -9.68
H12 QDN X . -27.08 -23.97 -9.80
H13 QDN X . -26.92 -22.27 -11.18
H14 QDN X . -25.29 -22.29 -11.06
H15 QDN X . -25.11 -26.00 -10.65
H16 QDN X . -26.92 -26.17 -9.02
H17 QDN X . -26.11 -27.52 -9.21
H18 QDN X . -28.92 -27.50 -7.70
H19 QDN X . -29.94 -29.58 -7.52
H20 QDN X . -25.45 -27.80 -4.55
H21 QDN X . -27.73 -31.89 -4.43
H22 QDN X . -25.93 -31.53 -3.05
H23 QDN X . -24.30 -27.60 -2.53
H24 QDN X . -23.33 -28.16 -3.65
H25 QDN X . -23.01 -28.41 -2.11
#